data_5JG0
# 
_entry.id   5JG0 
# 
_audit_conform.dict_name       mmcif_pdbx.dic 
_audit_conform.dict_version    5.387 
_audit_conform.dict_location   http://mmcif.pdb.org/dictionaries/ascii/mmcif_pdbx.dic 
# 
loop_
_database_2.database_id 
_database_2.database_code 
_database_2.pdbx_database_accession 
_database_2.pdbx_DOI 
PDB   5JG0         pdb_00005jg0 10.2210/pdb5jg0/pdb 
WWPDB D_1000220521 ?            ?                   
# 
loop_
_pdbx_audit_revision_history.ordinal 
_pdbx_audit_revision_history.data_content_type 
_pdbx_audit_revision_history.major_revision 
_pdbx_audit_revision_history.minor_revision 
_pdbx_audit_revision_history.revision_date 
1 'Structure model' 1 0 2017-04-19 
2 'Structure model' 1 1 2017-09-20 
3 'Structure model' 1 2 2019-12-11 
4 'Structure model' 1 3 2024-03-06 
# 
_pdbx_audit_revision_details.ordinal             1 
_pdbx_audit_revision_details.revision_ordinal    1 
_pdbx_audit_revision_details.data_content_type   'Structure model' 
_pdbx_audit_revision_details.provider            repository 
_pdbx_audit_revision_details.type                'Initial release' 
_pdbx_audit_revision_details.description         ? 
_pdbx_audit_revision_details.details             ? 
# 
loop_
_pdbx_audit_revision_group.ordinal 
_pdbx_audit_revision_group.revision_ordinal 
_pdbx_audit_revision_group.data_content_type 
_pdbx_audit_revision_group.group 
1 2 'Structure model' 'Author supporting evidence' 
2 3 'Structure model' 'Author supporting evidence' 
3 4 'Structure model' 'Data collection'            
4 4 'Structure model' 'Database references'        
# 
loop_
_pdbx_audit_revision_category.ordinal 
_pdbx_audit_revision_category.revision_ordinal 
_pdbx_audit_revision_category.data_content_type 
_pdbx_audit_revision_category.category 
1 2 'Structure model' pdbx_audit_support 
2 3 'Structure model' pdbx_audit_support 
3 4 'Structure model' chem_comp_atom     
4 4 'Structure model' chem_comp_bond     
5 4 'Structure model' database_2         
# 
loop_
_pdbx_audit_revision_item.ordinal 
_pdbx_audit_revision_item.revision_ordinal 
_pdbx_audit_revision_item.data_content_type 
_pdbx_audit_revision_item.item 
1 2 'Structure model' '_pdbx_audit_support.funding_organization' 
2 3 'Structure model' '_pdbx_audit_support.funding_organization' 
3 4 'Structure model' '_database_2.pdbx_DOI'                     
4 4 'Structure model' '_database_2.pdbx_database_accession'      
# 
_pdbx_database_status.status_code                     REL 
_pdbx_database_status.status_code_sf                  REL 
_pdbx_database_status.status_code_mr                  ? 
_pdbx_database_status.entry_id                        5JG0 
_pdbx_database_status.recvd_initial_deposition_date   2016-04-19 
_pdbx_database_status.SG_entry                        N 
_pdbx_database_status.deposit_site                    RCSB 
_pdbx_database_status.process_site                    RCSB 
_pdbx_database_status.status_code_cs                  ? 
_pdbx_database_status.methods_development_category    ? 
_pdbx_database_status.pdb_format_compatible           Y 
_pdbx_database_status.status_code_nmr_data            ? 
# 
loop_
_audit_author.name 
_audit_author.pdbx_ordinal 
'Anderson, A.C.' 1 
'Reeve, S.M.'    2 
# 
_citation.abstract                  ? 
_citation.abstract_id_CAS           ? 
_citation.book_id_ISBN              ? 
_citation.book_publisher            ? 
_citation.book_publisher_city       ? 
_citation.book_title                ? 
_citation.coordinate_linkage        ? 
_citation.country                   US 
_citation.database_id_Medline       ? 
_citation.details                   ? 
_citation.id                        primary 
_citation.journal_abbrev            'Cell Chem Biol' 
_citation.journal_id_ASTM           ? 
_citation.journal_id_CSD            ? 
_citation.journal_id_ISSN           2451-9456 
_citation.journal_full              ? 
_citation.journal_issue             ? 
_citation.journal_volume            23 
_citation.language                  ? 
_citation.page_first                1458 
_citation.page_last                 1467 
_citation.title                     
'MRSA Isolates from United States Hospitals Carry dfrG and dfrK Resistance Genes and Succumb to Propargyl-Linked Antifolates.' 
_citation.year                      2016 
_citation.database_id_CSD           ? 
_citation.pdbx_database_id_DOI      10.1016/j.chembiol.2016.11.007 
_citation.pdbx_database_id_PubMed   27939900 
_citation.unpublished_flag          ? 
# 
loop_
_citation_author.citation_id 
_citation_author.name 
_citation_author.ordinal 
_citation_author.identifier_ORCID 
primary 'Reeve, S.M.'     1  ? 
primary 'Scocchera, E.W.' 2  ? 
primary 'G-Dayanadan, N.' 3  ? 
primary 'Keshipeddy, S.'  4  ? 
primary 'Krucinska, J.'   5  ? 
primary 'Hajian, B.'      6  ? 
primary 'Ferreira, J.'    7  ? 
primary 'Nailor, M.'      8  ? 
primary 'Aeschlimann, J.' 9  ? 
primary 'Wright, D.L.'    10 ? 
primary 'Anderson, A.C.'  11 ? 
# 
loop_
_entity.id 
_entity.type 
_entity.src_method 
_entity.pdbx_description 
_entity.formula_weight 
_entity.pdbx_number_of_molecules 
_entity.pdbx_ec 
_entity.pdbx_mutation 
_entity.pdbx_fragment 
_entity.details 
1 polymer     man 'Dihydrofolate reductase'                                                                             18015.557 
1  1.5.1.3 ? ? ? 
2 non-polymer syn '4-{6-[(2S)-4-(2,4-diamino-6-ethylpyrimidin-5-yl)but-3-yn-2-yl]-2H-1,3-benzodioxol-4-yl}benzoic acid' 430.456   
1  ?       ? ? ? 
3 non-polymer syn 'NADP NICOTINAMIDE-ADENINE-DINUCLEOTIDE PHOSPHATE'                                                    743.405   
1  ?       ? ? ? 
4 water       nat water                                                                                                 18.015    
69 ?       ? ? ? 
# 
_entity_name_com.entity_id   1 
_entity_name_com.name        DHFR 
# 
_entity_poly.entity_id                      1 
_entity_poly.type                           'polypeptide(L)' 
_entity_poly.nstd_linkage                   no 
_entity_poly.nstd_monomer                   no 
_entity_poly.pdbx_seq_one_letter_code       
;TLSILVAHDLQRVIGFENQLPWHLPNDLKHVKKLSTGHTLVMGRKTFESIGKPLPNRRNVVLTSDTSFNVEGVDVIHSIE
DIYQLPGHVFIFGGQTLFEEMIDKVDDMYITVIEGKFRGDTFFPPYTFEDWEVASSVEGKLDEKNTIPHTFLHLIRK
;
_entity_poly.pdbx_seq_one_letter_code_can   
;TLSILVAHDLQRVIGFENQLPWHLPNDLKHVKKLSTGHTLVMGRKTFESIGKPLPNRRNVVLTSDTSFNVEGVDVIHSIE
DIYQLPGHVFIFGGQTLFEEMIDKVDDMYITVIEGKFRGDTFFPPYTFEDWEVASSVEGKLDEKNTIPHTFLHLIRK
;
_entity_poly.pdbx_strand_id                 X 
_entity_poly.pdbx_target_identifier         ? 
# 
loop_
_pdbx_entity_nonpoly.entity_id 
_pdbx_entity_nonpoly.name 
_pdbx_entity_nonpoly.comp_id 
2 '4-{6-[(2S)-4-(2,4-diamino-6-ethylpyrimidin-5-yl)but-3-yn-2-yl]-2H-1,3-benzodioxol-4-yl}benzoic acid' UC9 
3 'NADP NICOTINAMIDE-ADENINE-DINUCLEOTIDE PHOSPHATE'                                                    NAP 
4 water                                                                                                 HOH 
# 
loop_
_entity_poly_seq.entity_id 
_entity_poly_seq.num 
_entity_poly_seq.mon_id 
_entity_poly_seq.hetero 
1 1   THR n 
1 2   LEU n 
1 3   SER n 
1 4   ILE n 
1 5   LEU n 
1 6   VAL n 
1 7   ALA n 
1 8   HIS n 
1 9   ASP n 
1 10  LEU n 
1 11  GLN n 
1 12  ARG n 
1 13  VAL n 
1 14  ILE n 
1 15  GLY n 
1 16  PHE n 
1 17  GLU n 
1 18  ASN n 
1 19  GLN n 
1 20  LEU n 
1 21  PRO n 
1 22  TRP n 
1 23  HIS n 
1 24  LEU n 
1 25  PRO n 
1 26  ASN n 
1 27  ASP n 
1 28  LEU n 
1 29  LYS n 
1 30  HIS n 
1 31  VAL n 
1 32  LYS n 
1 33  LYS n 
1 34  LEU n 
1 35  SER n 
1 36  THR n 
1 37  GLY n 
1 38  HIS n 
1 39  THR n 
1 40  LEU n 
1 41  VAL n 
1 42  MET n 
1 43  GLY n 
1 44  ARG n 
1 45  LYS n 
1 46  THR n 
1 47  PHE n 
1 48  GLU n 
1 49  SER n 
1 50  ILE n 
1 51  GLY n 
1 52  LYS n 
1 53  PRO n 
1 54  LEU n 
1 55  PRO n 
1 56  ASN n 
1 57  ARG n 
1 58  ARG n 
1 59  ASN n 
1 60  VAL n 
1 61  VAL n 
1 62  LEU n 
1 63  THR n 
1 64  SER n 
1 65  ASP n 
1 66  THR n 
1 67  SER n 
1 68  PHE n 
1 69  ASN n 
1 70  VAL n 
1 71  GLU n 
1 72  GLY n 
1 73  VAL n 
1 74  ASP n 
1 75  VAL n 
1 76  ILE n 
1 77  HIS n 
1 78  SER n 
1 79  ILE n 
1 80  GLU n 
1 81  ASP n 
1 82  ILE n 
1 83  TYR n 
1 84  GLN n 
1 85  LEU n 
1 86  PRO n 
1 87  GLY n 
1 88  HIS n 
1 89  VAL n 
1 90  PHE n 
1 91  ILE n 
1 92  PHE n 
1 93  GLY n 
1 94  GLY n 
1 95  GLN n 
1 96  THR n 
1 97  LEU n 
1 98  PHE n 
1 99  GLU n 
1 100 GLU n 
1 101 MET n 
1 102 ILE n 
1 103 ASP n 
1 104 LYS n 
1 105 VAL n 
1 106 ASP n 
1 107 ASP n 
1 108 MET n 
1 109 TYR n 
1 110 ILE n 
1 111 THR n 
1 112 VAL n 
1 113 ILE n 
1 114 GLU n 
1 115 GLY n 
1 116 LYS n 
1 117 PHE n 
1 118 ARG n 
1 119 GLY n 
1 120 ASP n 
1 121 THR n 
1 122 PHE n 
1 123 PHE n 
1 124 PRO n 
1 125 PRO n 
1 126 TYR n 
1 127 THR n 
1 128 PHE n 
1 129 GLU n 
1 130 ASP n 
1 131 TRP n 
1 132 GLU n 
1 133 VAL n 
1 134 ALA n 
1 135 SER n 
1 136 SER n 
1 137 VAL n 
1 138 GLU n 
1 139 GLY n 
1 140 LYS n 
1 141 LEU n 
1 142 ASP n 
1 143 GLU n 
1 144 LYS n 
1 145 ASN n 
1 146 THR n 
1 147 ILE n 
1 148 PRO n 
1 149 HIS n 
1 150 THR n 
1 151 PHE n 
1 152 LEU n 
1 153 HIS n 
1 154 LEU n 
1 155 ILE n 
1 156 ARG n 
1 157 LYS n 
# 
_entity_src_gen.entity_id                          1 
_entity_src_gen.pdbx_src_id                        1 
_entity_src_gen.pdbx_alt_source_flag               sample 
_entity_src_gen.pdbx_seq_type                      'Biological sequence' 
_entity_src_gen.pdbx_beg_seq_num                   1 
_entity_src_gen.pdbx_end_seq_num                   157 
_entity_src_gen.gene_src_common_name               ? 
_entity_src_gen.gene_src_genus                     ? 
_entity_src_gen.pdbx_gene_src_gene                 folA 
_entity_src_gen.gene_src_species                   ? 
_entity_src_gen.gene_src_strain                    ? 
_entity_src_gen.gene_src_tissue                    ? 
_entity_src_gen.gene_src_tissue_fraction           ? 
_entity_src_gen.gene_src_details                   ? 
_entity_src_gen.pdbx_gene_src_fragment             ? 
_entity_src_gen.pdbx_gene_src_scientific_name      'Staphylococcus aureus' 
_entity_src_gen.pdbx_gene_src_ncbi_taxonomy_id     1280 
_entity_src_gen.pdbx_gene_src_variant              ? 
_entity_src_gen.pdbx_gene_src_cell_line            ? 
_entity_src_gen.pdbx_gene_src_atcc                 43300 
_entity_src_gen.pdbx_gene_src_organ                ? 
_entity_src_gen.pdbx_gene_src_organelle            ? 
_entity_src_gen.pdbx_gene_src_cell                 ? 
_entity_src_gen.pdbx_gene_src_cellular_location    ? 
_entity_src_gen.host_org_common_name               ? 
_entity_src_gen.pdbx_host_org_scientific_name      'Escherichia coli' 
_entity_src_gen.pdbx_host_org_ncbi_taxonomy_id     469008 
_entity_src_gen.host_org_genus                     ? 
_entity_src_gen.pdbx_host_org_gene                 ? 
_entity_src_gen.pdbx_host_org_organ                ? 
_entity_src_gen.host_org_species                   ? 
_entity_src_gen.pdbx_host_org_tissue               ? 
_entity_src_gen.pdbx_host_org_tissue_fraction      ? 
_entity_src_gen.pdbx_host_org_strain               'BL21 (DE3)' 
_entity_src_gen.pdbx_host_org_variant              ? 
_entity_src_gen.pdbx_host_org_cell_line            ? 
_entity_src_gen.pdbx_host_org_atcc                 ? 
_entity_src_gen.pdbx_host_org_culture_collection   ? 
_entity_src_gen.pdbx_host_org_cell                 ? 
_entity_src_gen.pdbx_host_org_organelle            ? 
_entity_src_gen.pdbx_host_org_cellular_location    ? 
_entity_src_gen.pdbx_host_org_vector_type          plasmid 
_entity_src_gen.pdbx_host_org_vector               ? 
_entity_src_gen.host_org_details                   ? 
_entity_src_gen.expression_system_id               ? 
_entity_src_gen.plasmid_name                       'pET41-a(+)' 
_entity_src_gen.plasmid_details                    ? 
_entity_src_gen.pdbx_description                   ? 
# 
loop_
_chem_comp.id 
_chem_comp.type 
_chem_comp.mon_nstd_flag 
_chem_comp.name 
_chem_comp.pdbx_synonyms 
_chem_comp.formula 
_chem_comp.formula_weight 
ALA 'L-peptide linking' y ALANINE                                                                                               ? 
'C3 H7 N O2'        89.093  
ARG 'L-peptide linking' y ARGININE                                                                                              ? 
'C6 H15 N4 O2 1'    175.209 
ASN 'L-peptide linking' y ASPARAGINE                                                                                            ? 
'C4 H8 N2 O3'       132.118 
ASP 'L-peptide linking' y 'ASPARTIC ACID'                                                                                       ? 
'C4 H7 N O4'        133.103 
GLN 'L-peptide linking' y GLUTAMINE                                                                                             ? 
'C5 H10 N2 O3'      146.144 
GLU 'L-peptide linking' y 'GLUTAMIC ACID'                                                                                       ? 
'C5 H9 N O4'        147.129 
GLY 'peptide linking'   y GLYCINE                                                                                               ? 
'C2 H5 N O2'        75.067  
HIS 'L-peptide linking' y HISTIDINE                                                                                             ? 
'C6 H10 N3 O2 1'    156.162 
HOH non-polymer         . WATER                                                                                                 ? 
'H2 O'              18.015  
ILE 'L-peptide linking' y ISOLEUCINE                                                                                            ? 
'C6 H13 N O2'       131.173 
LEU 'L-peptide linking' y LEUCINE                                                                                               ? 
'C6 H13 N O2'       131.173 
LYS 'L-peptide linking' y LYSINE                                                                                                ? 
'C6 H15 N2 O2 1'    147.195 
MET 'L-peptide linking' y METHIONINE                                                                                            ? 
'C5 H11 N O2 S'     149.211 
NAP non-polymer         . 'NADP NICOTINAMIDE-ADENINE-DINUCLEOTIDE PHOSPHATE'                                                    
;2'-MONOPHOSPHOADENOSINE 5'-DIPHOSPHORIBOSE
;
'C21 H28 N7 O17 P3' 743.405 
PHE 'L-peptide linking' y PHENYLALANINE                                                                                         ? 
'C9 H11 N O2'       165.189 
PRO 'L-peptide linking' y PROLINE                                                                                               ? 
'C5 H9 N O2'        115.130 
SER 'L-peptide linking' y SERINE                                                                                                ? 
'C3 H7 N O3'        105.093 
THR 'L-peptide linking' y THREONINE                                                                                             ? 
'C4 H9 N O3'        119.119 
TRP 'L-peptide linking' y TRYPTOPHAN                                                                                            ? 
'C11 H12 N2 O2'     204.225 
TYR 'L-peptide linking' y TYROSINE                                                                                              ? 
'C9 H11 N O3'       181.189 
UC9 non-polymer         . '4-{6-[(2S)-4-(2,4-diamino-6-ethylpyrimidin-5-yl)but-3-yn-2-yl]-2H-1,3-benzodioxol-4-yl}benzoic acid' ? 
'C24 H22 N4 O4'     430.456 
VAL 'L-peptide linking' y VALINE                                                                                                ? 
'C5 H11 N O2'       117.146 
# 
loop_
_pdbx_poly_seq_scheme.asym_id 
_pdbx_poly_seq_scheme.entity_id 
_pdbx_poly_seq_scheme.seq_id 
_pdbx_poly_seq_scheme.mon_id 
_pdbx_poly_seq_scheme.ndb_seq_num 
_pdbx_poly_seq_scheme.pdb_seq_num 
_pdbx_poly_seq_scheme.auth_seq_num 
_pdbx_poly_seq_scheme.pdb_mon_id 
_pdbx_poly_seq_scheme.auth_mon_id 
_pdbx_poly_seq_scheme.pdb_strand_id 
_pdbx_poly_seq_scheme.pdb_ins_code 
_pdbx_poly_seq_scheme.hetero 
A 1 1   THR 1   1   1   THR THR X . n 
A 1 2   LEU 2   2   2   LEU LEU X . n 
A 1 3   SER 3   3   3   SER SER X . n 
A 1 4   ILE 4   4   4   ILE ILE X . n 
A 1 5   LEU 5   5   5   LEU LEU X . n 
A 1 6   VAL 6   6   6   VAL VAL X . n 
A 1 7   ALA 7   7   7   ALA ALA X . n 
A 1 8   HIS 8   8   8   HIS HIS X . n 
A 1 9   ASP 9   9   9   ASP ASP X . n 
A 1 10  LEU 10  10  10  LEU LEU X . n 
A 1 11  GLN 11  11  11  GLN GLN X . n 
A 1 12  ARG 12  12  12  ARG ARG X . n 
A 1 13  VAL 13  13  13  VAL VAL X . n 
A 1 14  ILE 14  14  14  ILE ILE X . n 
A 1 15  GLY 15  15  15  GLY GLY X . n 
A 1 16  PHE 16  16  16  PHE PHE X . n 
A 1 17  GLU 17  17  17  GLU GLU X . n 
A 1 18  ASN 18  18  18  ASN ASN X . n 
A 1 19  GLN 19  19  19  GLN GLN X . n 
A 1 20  LEU 20  20  20  LEU LEU X . n 
A 1 21  PRO 21  21  21  PRO PRO X . n 
A 1 22  TRP 22  22  22  TRP TRP X . n 
A 1 23  HIS 23  23  23  HIS HIS X . n 
A 1 24  LEU 24  24  24  LEU LEU X . n 
A 1 25  PRO 25  25  25  PRO PRO X . n 
A 1 26  ASN 26  26  26  ASN ASN X . n 
A 1 27  ASP 27  27  27  ASP ASP X . n 
A 1 28  LEU 28  28  28  LEU LEU X . n 
A 1 29  LYS 29  29  29  LYS LYS X . n 
A 1 30  HIS 30  30  30  HIS HIS X . n 
A 1 31  VAL 31  31  31  VAL VAL X . n 
A 1 32  LYS 32  32  32  LYS LYS X . n 
A 1 33  LYS 33  33  33  LYS LYS X . n 
A 1 34  LEU 34  34  34  LEU LEU X . n 
A 1 35  SER 35  35  35  SER SER X . n 
A 1 36  THR 36  36  36  THR THR X . n 
A 1 37  GLY 37  37  37  GLY GLY X . n 
A 1 38  HIS 38  38  38  HIS HIS X . n 
A 1 39  THR 39  39  39  THR THR X . n 
A 1 40  LEU 40  40  40  LEU LEU X . n 
A 1 41  VAL 41  41  41  VAL VAL X . n 
A 1 42  MET 42  42  42  MET MET X . n 
A 1 43  GLY 43  43  43  GLY GLY X . n 
A 1 44  ARG 44  44  44  ARG ARG X . n 
A 1 45  LYS 45  45  45  LYS LYS X . n 
A 1 46  THR 46  46  46  THR THR X . n 
A 1 47  PHE 47  47  47  PHE PHE X . n 
A 1 48  GLU 48  48  48  GLU GLU X . n 
A 1 49  SER 49  49  49  SER SER X . n 
A 1 50  ILE 50  50  50  ILE ILE X . n 
A 1 51  GLY 51  51  51  GLY GLY X . n 
A 1 52  LYS 52  52  52  LYS LYS X . n 
A 1 53  PRO 53  53  53  PRO PRO X . n 
A 1 54  LEU 54  54  54  LEU LEU X . n 
A 1 55  PRO 55  55  55  PRO PRO X . n 
A 1 56  ASN 56  56  56  ASN ASN X . n 
A 1 57  ARG 57  57  57  ARG ARG X . n 
A 1 58  ARG 58  58  58  ARG ARG X . n 
A 1 59  ASN 59  59  59  ASN ASN X . n 
A 1 60  VAL 60  60  60  VAL VAL X . n 
A 1 61  VAL 61  61  61  VAL VAL X . n 
A 1 62  LEU 62  62  62  LEU LEU X . n 
A 1 63  THR 63  63  63  THR THR X . n 
A 1 64  SER 64  64  64  SER SER X . n 
A 1 65  ASP 65  65  65  ASP ASP X . n 
A 1 66  THR 66  66  66  THR THR X . n 
A 1 67  SER 67  67  67  SER SER X . n 
A 1 68  PHE 68  68  68  PHE PHE X . n 
A 1 69  ASN 69  69  69  ASN ASN X . n 
A 1 70  VAL 70  70  70  VAL VAL X . n 
A 1 71  GLU 71  71  71  GLU GLU X . n 
A 1 72  GLY 72  72  72  GLY GLY X . n 
A 1 73  VAL 73  73  73  VAL VAL X . n 
A 1 74  ASP 74  74  74  ASP ASP X . n 
A 1 75  VAL 75  75  75  VAL VAL X . n 
A 1 76  ILE 76  76  76  ILE ILE X . n 
A 1 77  HIS 77  77  77  HIS HIS X . n 
A 1 78  SER 78  78  78  SER SER X . n 
A 1 79  ILE 79  79  79  ILE ILE X . n 
A 1 80  GLU 80  80  80  GLU GLU X . n 
A 1 81  ASP 81  81  81  ASP ASP X . n 
A 1 82  ILE 82  82  82  ILE ILE X . n 
A 1 83  TYR 83  83  83  TYR TYR X . n 
A 1 84  GLN 84  84  84  GLN GLN X . n 
A 1 85  LEU 85  85  85  LEU LEU X . n 
A 1 86  PRO 86  86  86  PRO PRO X . n 
A 1 87  GLY 87  87  87  GLY GLY X . n 
A 1 88  HIS 88  88  88  HIS HIS X . n 
A 1 89  VAL 89  89  89  VAL VAL X . n 
A 1 90  PHE 90  90  90  PHE PHE X . n 
A 1 91  ILE 91  91  91  ILE ILE X . n 
A 1 92  PHE 92  92  92  PHE PHE X . n 
A 1 93  GLY 93  93  93  GLY GLY X . n 
A 1 94  GLY 94  94  94  GLY GLY X . n 
A 1 95  GLN 95  95  95  GLN GLN X . n 
A 1 96  THR 96  96  96  THR THR X . n 
A 1 97  LEU 97  97  97  LEU LEU X . n 
A 1 98  PHE 98  98  98  PHE PHE X . n 
A 1 99  GLU 99  99  99  GLU GLU X . n 
A 1 100 GLU 100 100 100 GLU GLU X . n 
A 1 101 MET 101 101 101 MET MET X . n 
A 1 102 ILE 102 102 102 ILE ILE X . n 
A 1 103 ASP 103 103 103 ASP ASP X . n 
A 1 104 LYS 104 104 104 LYS LYS X . n 
A 1 105 VAL 105 105 105 VAL VAL X . n 
A 1 106 ASP 106 106 106 ASP ASP X . n 
A 1 107 ASP 107 107 107 ASP ASP X . n 
A 1 108 MET 108 108 108 MET MET X . n 
A 1 109 TYR 109 109 109 TYR TYR X . n 
A 1 110 ILE 110 110 110 ILE ILE X . n 
A 1 111 THR 111 111 111 THR THR X . n 
A 1 112 VAL 112 112 112 VAL VAL X . n 
A 1 113 ILE 113 113 113 ILE ILE X . n 
A 1 114 GLU 114 114 114 GLU GLU X . n 
A 1 115 GLY 115 115 115 GLY GLY X . n 
A 1 116 LYS 116 116 116 LYS LYS X . n 
A 1 117 PHE 117 117 117 PHE PHE X . n 
A 1 118 ARG 118 118 118 ARG ARG X . n 
A 1 119 GLY 119 119 119 GLY GLY X . n 
A 1 120 ASP 120 120 120 ASP ASP X . n 
A 1 121 THR 121 121 121 THR THR X . n 
A 1 122 PHE 122 122 122 PHE PHE X . n 
A 1 123 PHE 123 123 123 PHE PHE X . n 
A 1 124 PRO 124 124 124 PRO PRO X . n 
A 1 125 PRO 125 125 125 PRO PRO X . n 
A 1 126 TYR 126 126 126 TYR TYR X . n 
A 1 127 THR 127 127 127 THR THR X . n 
A 1 128 PHE 128 128 128 PHE PHE X . n 
A 1 129 GLU 129 129 129 GLU GLU X . n 
A 1 130 ASP 130 130 130 ASP ASP X . n 
A 1 131 TRP 131 131 131 TRP TRP X . n 
A 1 132 GLU 132 132 132 GLU GLU X . n 
A 1 133 VAL 133 133 133 VAL VAL X . n 
A 1 134 ALA 134 134 134 ALA ALA X . n 
A 1 135 SER 135 135 135 SER SER X . n 
A 1 136 SER 136 136 136 SER SER X . n 
A 1 137 VAL 137 137 137 VAL VAL X . n 
A 1 138 GLU 138 138 138 GLU GLU X . n 
A 1 139 GLY 139 139 139 GLY GLY X . n 
A 1 140 LYS 140 140 140 LYS LYS X . n 
A 1 141 LEU 141 141 141 LEU LEU X . n 
A 1 142 ASP 142 142 142 ASP ASP X . n 
A 1 143 GLU 143 143 143 GLU GLU X . n 
A 1 144 LYS 144 144 144 LYS LYS X . n 
A 1 145 ASN 145 145 145 ASN ASN X . n 
A 1 146 THR 146 146 146 THR THR X . n 
A 1 147 ILE 147 147 147 ILE ILE X . n 
A 1 148 PRO 148 148 148 PRO PRO X . n 
A 1 149 HIS 149 149 149 HIS HIS X . n 
A 1 150 THR 150 150 150 THR THR X . n 
A 1 151 PHE 151 151 151 PHE PHE X . n 
A 1 152 LEU 152 152 152 LEU LEU X . n 
A 1 153 HIS 153 153 153 HIS HIS X . n 
A 1 154 LEU 154 154 154 LEU LEU X . n 
A 1 155 ILE 155 155 155 ILE ILE X . n 
A 1 156 ARG 156 156 156 ARG ARG X . n 
A 1 157 LYS 157 157 157 LYS LYS X . n 
# 
loop_
_pdbx_nonpoly_scheme.asym_id 
_pdbx_nonpoly_scheme.entity_id 
_pdbx_nonpoly_scheme.mon_id 
_pdbx_nonpoly_scheme.ndb_seq_num 
_pdbx_nonpoly_scheme.pdb_seq_num 
_pdbx_nonpoly_scheme.auth_seq_num 
_pdbx_nonpoly_scheme.pdb_mon_id 
_pdbx_nonpoly_scheme.auth_mon_id 
_pdbx_nonpoly_scheme.pdb_strand_id 
_pdbx_nonpoly_scheme.pdb_ins_code 
B 2 UC9 1  201 1   UC9 DRG X . 
C 3 NAP 1  202 207 NAP NAP X . 
D 4 HOH 1  301 67  HOH HOH X . 
D 4 HOH 2  302 69  HOH HOH X . 
D 4 HOH 3  303 71  HOH HOH X . 
D 4 HOH 4  304 21  HOH HOH X . 
D 4 HOH 5  305 60  HOH HOH X . 
D 4 HOH 6  306 68  HOH HOH X . 
D 4 HOH 7  307 39  HOH HOH X . 
D 4 HOH 8  308 53  HOH HOH X . 
D 4 HOH 9  309 1   HOH HOH X . 
D 4 HOH 10 310 46  HOH HOH X . 
D 4 HOH 11 311 37  HOH HOH X . 
D 4 HOH 12 312 27  HOH HOH X . 
D 4 HOH 13 313 36  HOH HOH X . 
D 4 HOH 14 314 66  HOH HOH X . 
D 4 HOH 15 315 70  HOH HOH X . 
D 4 HOH 16 316 6   HOH HOH X . 
D 4 HOH 17 317 30  HOH HOH X . 
D 4 HOH 18 318 49  HOH HOH X . 
D 4 HOH 19 319 52  HOH HOH X . 
D 4 HOH 20 320 45  HOH HOH X . 
D 4 HOH 21 321 26  HOH HOH X . 
D 4 HOH 22 322 5   HOH HOH X . 
D 4 HOH 23 323 24  HOH HOH X . 
D 4 HOH 24 324 61  HOH HOH X . 
D 4 HOH 25 325 15  HOH HOH X . 
D 4 HOH 26 326 13  HOH HOH X . 
D 4 HOH 27 327 8   HOH HOH X . 
D 4 HOH 28 328 42  HOH HOH X . 
D 4 HOH 29 329 57  HOH HOH X . 
D 4 HOH 30 330 25  HOH HOH X . 
D 4 HOH 31 331 59  HOH HOH X . 
D 4 HOH 32 332 14  HOH HOH X . 
D 4 HOH 33 333 40  HOH HOH X . 
D 4 HOH 34 334 47  HOH HOH X . 
D 4 HOH 35 335 62  HOH HOH X . 
D 4 HOH 36 336 7   HOH HOH X . 
D 4 HOH 37 337 11  HOH HOH X . 
D 4 HOH 38 338 35  HOH HOH X . 
D 4 HOH 39 339 44  HOH HOH X . 
D 4 HOH 40 340 20  HOH HOH X . 
D 4 HOH 41 341 65  HOH HOH X . 
D 4 HOH 42 342 58  HOH HOH X . 
D 4 HOH 43 343 50  HOH HOH X . 
D 4 HOH 44 344 32  HOH HOH X . 
D 4 HOH 45 345 12  HOH HOH X . 
D 4 HOH 46 346 34  HOH HOH X . 
D 4 HOH 47 347 9   HOH HOH X . 
D 4 HOH 48 348 2   HOH HOH X . 
D 4 HOH 49 349 55  HOH HOH X . 
D 4 HOH 50 350 48  HOH HOH X . 
D 4 HOH 51 351 38  HOH HOH X . 
D 4 HOH 52 352 4   HOH HOH X . 
D 4 HOH 53 353 63  HOH HOH X . 
D 4 HOH 54 354 28  HOH HOH X . 
D 4 HOH 55 355 64  HOH HOH X . 
D 4 HOH 56 356 31  HOH HOH X . 
D 4 HOH 57 357 33  HOH HOH X . 
D 4 HOH 58 358 10  HOH HOH X . 
D 4 HOH 59 359 23  HOH HOH X . 
D 4 HOH 60 360 16  HOH HOH X . 
D 4 HOH 61 361 3   HOH HOH X . 
D 4 HOH 62 362 17  HOH HOH X . 
D 4 HOH 63 363 54  HOH HOH X . 
D 4 HOH 64 364 22  HOH HOH X . 
D 4 HOH 65 365 51  HOH HOH X . 
D 4 HOH 66 366 19  HOH HOH X . 
D 4 HOH 67 367 41  HOH HOH X . 
D 4 HOH 68 368 43  HOH HOH X . 
D 4 HOH 69 369 18  HOH HOH X . 
# 
loop_
_software.citation_id 
_software.classification 
_software.compiler_name 
_software.compiler_version 
_software.contact_author 
_software.contact_author_email 
_software.date 
_software.description 
_software.dependencies 
_software.hardware 
_software.language 
_software.location 
_software.mods 
_software.name 
_software.os 
_software.os_version 
_software.type 
_software.version 
_software.pdbx_ordinal 
? refinement       ? ? ? ? ? ? ? ? ? ? ? PHENIX   ? ? ? 1.9_1692 1 
? 'data reduction' ? ? ? ? ? ? ? ? ? ? ? HKL-2000 ? ? ? .        2 
? 'data scaling'   ? ? ? ? ? ? ? ? ? ? ? HKL-2000 ? ? ? .        3 
? phasing          ? ? ? ? ? ? ? ? ? ? ? PHENIX   ? ? ? .        4 
# 
_cell.entry_id           5JG0 
_cell.length_a           78.875 
_cell.length_b           78.875 
_cell.length_c           106.431 
_cell.angle_alpha        90.00 
_cell.angle_beta         90.00 
_cell.angle_gamma        120.00 
_cell.Z_PDB              12 
_cell.pdbx_unique_axis   ? 
# 
_symmetry.entry_id                         5JG0 
_symmetry.space_group_name_H-M             'P 61 2 2' 
_symmetry.pdbx_full_space_group_name_H-M   ? 
_symmetry.cell_setting                     ? 
_symmetry.Int_Tables_number                178 
# 
_exptl.absorpt_coefficient_mu     ? 
_exptl.absorpt_correction_T_max   ? 
_exptl.absorpt_correction_T_min   ? 
_exptl.absorpt_correction_type    ? 
_exptl.absorpt_process_details    ? 
_exptl.entry_id                   5JG0 
_exptl.crystals_number            1 
_exptl.details                    ? 
_exptl.method                     'X-RAY DIFFRACTION' 
_exptl.method_details             ? 
# 
_exptl_crystal.colour                      ? 
_exptl_crystal.density_diffrn              ? 
_exptl_crystal.density_Matthews            2.65 
_exptl_crystal.density_method              ? 
_exptl_crystal.density_percent_sol         53.63 
_exptl_crystal.description                 ? 
_exptl_crystal.F_000                       ? 
_exptl_crystal.id                          1 
_exptl_crystal.preparation                 ? 
_exptl_crystal.size_max                    ? 
_exptl_crystal.size_mid                    ? 
_exptl_crystal.size_min                    ? 
_exptl_crystal.size_rad                    ? 
_exptl_crystal.colour_lustre               ? 
_exptl_crystal.colour_modifier             ? 
_exptl_crystal.colour_primary              ? 
_exptl_crystal.density_meas                ? 
_exptl_crystal.density_meas_esd            ? 
_exptl_crystal.density_meas_gt             ? 
_exptl_crystal.density_meas_lt             ? 
_exptl_crystal.density_meas_temp           ? 
_exptl_crystal.density_meas_temp_esd       ? 
_exptl_crystal.density_meas_temp_gt        ? 
_exptl_crystal.density_meas_temp_lt        ? 
_exptl_crystal.pdbx_crystal_image_url      ? 
_exptl_crystal.pdbx_crystal_image_format   ? 
_exptl_crystal.pdbx_mosaicity              ? 
_exptl_crystal.pdbx_mosaicity_esd          ? 
# 
_exptl_crystal_grow.apparatus       ? 
_exptl_crystal_grow.atmosphere      ? 
_exptl_crystal_grow.crystal_id      1 
_exptl_crystal_grow.details         ? 
_exptl_crystal_grow.method          'VAPOR DIFFUSION, HANGING DROP' 
_exptl_crystal_grow.method_ref      ? 
_exptl_crystal_grow.pH              5.0 
_exptl_crystal_grow.pressure        ? 
_exptl_crystal_grow.pressure_esd    ? 
_exptl_crystal_grow.seeding         ? 
_exptl_crystal_grow.seeding_ref     ? 
_exptl_crystal_grow.temp            277 
_exptl_crystal_grow.temp_details    ? 
_exptl_crystal_grow.temp_esd        ? 
_exptl_crystal_grow.time            ? 
_exptl_crystal_grow.pdbx_details    '0.1M MES, pH 5.0, 0.3M sodium acetate, 17% PEG 10,000, 12.5% gamma-butrylactone' 
_exptl_crystal_grow.pdbx_pH_range   ? 
# 
_diffrn.ambient_environment    ? 
_diffrn.ambient_temp           100 
_diffrn.ambient_temp_details   ? 
_diffrn.ambient_temp_esd       ? 
_diffrn.crystal_id             1 
_diffrn.crystal_support        ? 
_diffrn.crystal_treatment      ? 
_diffrn.details                ? 
_diffrn.id                     1 
_diffrn.ambient_pressure       ? 
_diffrn.ambient_pressure_esd   ? 
_diffrn.ambient_pressure_gt    ? 
_diffrn.ambient_pressure_lt    ? 
_diffrn.ambient_temp_gt        ? 
_diffrn.ambient_temp_lt        ? 
# 
_diffrn_detector.details                      ? 
_diffrn_detector.detector                     CCD 
_diffrn_detector.diffrn_id                    1 
_diffrn_detector.type                         'MARMOSAIC 325 mm CCD' 
_diffrn_detector.area_resol_mean              ? 
_diffrn_detector.dtime                        ? 
_diffrn_detector.pdbx_frames_total            ? 
_diffrn_detector.pdbx_collection_time_total   ? 
_diffrn_detector.pdbx_collection_date         2016-03-15 
# 
_diffrn_radiation.collimation                      ? 
_diffrn_radiation.diffrn_id                        1 
_diffrn_radiation.filter_edge                      ? 
_diffrn_radiation.inhomogeneity                    ? 
_diffrn_radiation.monochromator                    ? 
_diffrn_radiation.polarisn_norm                    ? 
_diffrn_radiation.polarisn_ratio                   ? 
_diffrn_radiation.probe                            ? 
_diffrn_radiation.type                             ? 
_diffrn_radiation.xray_symbol                      ? 
_diffrn_radiation.wavelength_id                    1 
_diffrn_radiation.pdbx_monochromatic_or_laue_m_l   M 
_diffrn_radiation.pdbx_wavelength_list             ? 
_diffrn_radiation.pdbx_wavelength                  ? 
_diffrn_radiation.pdbx_diffrn_protocol             'SINGLE WAVELENGTH' 
_diffrn_radiation.pdbx_analyzer                    ? 
_diffrn_radiation.pdbx_scattering_type             x-ray 
# 
_diffrn_radiation_wavelength.id           1 
_diffrn_radiation_wavelength.wavelength   1.22 
_diffrn_radiation_wavelength.wt           1.0 
# 
_diffrn_source.current                     ? 
_diffrn_source.details                     ? 
_diffrn_source.diffrn_id                   1 
_diffrn_source.power                       ? 
_diffrn_source.size                        ? 
_diffrn_source.source                      SYNCHROTRON 
_diffrn_source.target                      ? 
_diffrn_source.type                        'SSRL BEAMLINE BL14-1' 
_diffrn_source.voltage                     ? 
_diffrn_source.take-off_angle              ? 
_diffrn_source.pdbx_wavelength_list        1.22 
_diffrn_source.pdbx_wavelength             ? 
_diffrn_source.pdbx_synchrotron_beamline   BL14-1 
_diffrn_source.pdbx_synchrotron_site       SSRL 
# 
_reflns.B_iso_Wilson_estimate            ? 
_reflns.entry_id                         5JG0 
_reflns.data_reduction_details           ? 
_reflns.data_reduction_method            ? 
_reflns.d_resolution_high                1.879 
_reflns.d_resolution_low                 39.44 
_reflns.details                          ? 
_reflns.limit_h_max                      ? 
_reflns.limit_h_min                      ? 
_reflns.limit_k_max                      ? 
_reflns.limit_k_min                      ? 
_reflns.limit_l_max                      ? 
_reflns.limit_l_min                      ? 
_reflns.number_all                       ? 
_reflns.number_obs                       16498 
_reflns.observed_criterion               ? 
_reflns.observed_criterion_F_max         ? 
_reflns.observed_criterion_F_min         ? 
_reflns.observed_criterion_I_max         ? 
_reflns.observed_criterion_I_min         ? 
_reflns.observed_criterion_sigma_F       ? 
_reflns.observed_criterion_sigma_I       ? 
_reflns.percent_possible_obs             99.75 
_reflns.R_free_details                   ? 
_reflns.Rmerge_F_all                     ? 
_reflns.Rmerge_F_obs                     ? 
_reflns.Friedel_coverage                 ? 
_reflns.number_gt                        ? 
_reflns.threshold_expression             ? 
_reflns.pdbx_redundancy                  16.7 
_reflns.pdbx_Rmerge_I_obs                ? 
_reflns.pdbx_Rmerge_I_all                ? 
_reflns.pdbx_Rsym_value                  0.107 
_reflns.pdbx_netI_over_av_sigmaI         ? 
_reflns.pdbx_netI_over_sigmaI            41.2 
_reflns.pdbx_res_netI_over_av_sigmaI_2   ? 
_reflns.pdbx_res_netI_over_sigmaI_2      ? 
_reflns.pdbx_chi_squared                 ? 
_reflns.pdbx_scaling_rejects             ? 
_reflns.pdbx_d_res_high_opt              ? 
_reflns.pdbx_d_res_low_opt               ? 
_reflns.pdbx_d_res_opt_method            ? 
_reflns.phase_calculation_details        ? 
_reflns.pdbx_Rrim_I_all                  ? 
_reflns.pdbx_Rpim_I_all                  ? 
_reflns.pdbx_d_opt                       ? 
_reflns.pdbx_number_measured_all         ? 
_reflns.pdbx_diffrn_id                   1 
_reflns.pdbx_ordinal                     1 
_reflns.pdbx_CC_half                     ? 
_reflns.pdbx_R_split                     ? 
# 
_reflns_shell.d_res_high                  1.88 
_reflns_shell.d_res_low                   1.91 
_reflns_shell.meanI_over_sigI_all         ? 
_reflns_shell.meanI_over_sigI_obs         5.52 
_reflns_shell.number_measured_all         ? 
_reflns_shell.number_measured_obs         ? 
_reflns_shell.number_possible             ? 
_reflns_shell.number_unique_all           ? 
_reflns_shell.number_unique_obs           ? 
_reflns_shell.percent_possible_all        97 
_reflns_shell.percent_possible_obs        ? 
_reflns_shell.Rmerge_F_all                ? 
_reflns_shell.Rmerge_F_obs                ? 
_reflns_shell.Rmerge_I_all                ? 
_reflns_shell.Rmerge_I_obs                0.483 
_reflns_shell.meanI_over_sigI_gt          ? 
_reflns_shell.meanI_over_uI_all           ? 
_reflns_shell.meanI_over_uI_gt            ? 
_reflns_shell.number_measured_gt          ? 
_reflns_shell.number_unique_gt            ? 
_reflns_shell.percent_possible_gt         ? 
_reflns_shell.Rmerge_F_gt                 ? 
_reflns_shell.Rmerge_I_gt                 ? 
_reflns_shell.pdbx_redundancy             17.4 
_reflns_shell.pdbx_Rsym_value             ? 
_reflns_shell.pdbx_chi_squared            ? 
_reflns_shell.pdbx_netI_over_sigmaI_all   ? 
_reflns_shell.pdbx_netI_over_sigmaI_obs   ? 
_reflns_shell.pdbx_Rrim_I_all             ? 
_reflns_shell.pdbx_Rpim_I_all             ? 
_reflns_shell.pdbx_rejects                ? 
_reflns_shell.pdbx_ordinal                1 
_reflns_shell.pdbx_diffrn_id              1 
_reflns_shell.pdbx_CC_half                ? 
_reflns_shell.pdbx_R_split                ? 
# 
_refine.pdbx_refine_id                           'X-RAY DIFFRACTION' 
_refine.entry_id                                 5JG0 
_refine.pdbx_diffrn_id                           1 
_refine.pdbx_TLS_residual_ADP_flag               ? 
_refine.ls_number_reflns_obs                     16498 
_refine.ls_number_reflns_all                     ? 
_refine.pdbx_ls_sigma_I                          ? 
_refine.pdbx_ls_sigma_F                          1.38 
_refine.pdbx_data_cutoff_high_absF               ? 
_refine.pdbx_data_cutoff_low_absF                ? 
_refine.pdbx_data_cutoff_high_rms_absF           ? 
_refine.ls_d_res_low                             39.438 
_refine.ls_d_res_high                            1.879 
_refine.ls_percent_reflns_obs                    99.75 
_refine.ls_R_factor_obs                          0.1806 
_refine.ls_R_factor_all                          ? 
_refine.ls_R_factor_R_work                       0.1765 
_refine.ls_R_factor_R_free                       0.2172 
_refine.ls_R_factor_R_free_error                 ? 
_refine.ls_R_factor_R_free_error_details         ? 
_refine.ls_percent_reflns_R_free                 10.00 
_refine.ls_number_reflns_R_free                  1650 
_refine.ls_number_parameters                     ? 
_refine.ls_number_restraints                     ? 
_refine.occupancy_min                            ? 
_refine.occupancy_max                            ? 
_refine.correlation_coeff_Fo_to_Fc               ? 
_refine.correlation_coeff_Fo_to_Fc_free          ? 
_refine.B_iso_mean                               ? 
_refine.aniso_B[1][1]                            ? 
_refine.aniso_B[2][2]                            ? 
_refine.aniso_B[3][3]                            ? 
_refine.aniso_B[1][2]                            ? 
_refine.aniso_B[1][3]                            ? 
_refine.aniso_B[2][3]                            ? 
_refine.solvent_model_details                    'FLAT BULK SOLVENT MODEL' 
_refine.solvent_model_param_ksol                 ? 
_refine.solvent_model_param_bsol                 ? 
_refine.pdbx_solvent_vdw_probe_radii             1.11 
_refine.pdbx_solvent_ion_probe_radii             ? 
_refine.pdbx_solvent_shrinkage_radii             0.90 
_refine.pdbx_ls_cross_valid_method               'FREE R-VALUE' 
_refine.details                                  ? 
_refine.pdbx_starting_model                      ? 
_refine.pdbx_method_to_determine_struct          ? 
_refine.pdbx_isotropic_thermal_model             ? 
_refine.pdbx_stereochemistry_target_values       ML 
_refine.pdbx_stereochem_target_val_spec_case     ? 
_refine.pdbx_R_Free_selection_details            ? 
_refine.pdbx_overall_ESU_R                       ? 
_refine.pdbx_overall_ESU_R_Free                  ? 
_refine.overall_SU_ML                            0.19 
_refine.pdbx_overall_phase_error                 20.17 
_refine.overall_SU_B                             ? 
_refine.overall_SU_R_Cruickshank_DPI             ? 
_refine.pdbx_overall_SU_R_free_Cruickshank_DPI   ? 
_refine.pdbx_overall_SU_R_Blow_DPI               ? 
_refine.pdbx_overall_SU_R_free_Blow_DPI          ? 
# 
_refine_hist.pdbx_refine_id                   'X-RAY DIFFRACTION' 
_refine_hist.cycle_id                         LAST 
_refine_hist.pdbx_number_atoms_protein        1273 
_refine_hist.pdbx_number_atoms_nucleic_acid   0 
_refine_hist.pdbx_number_atoms_ligand         80 
_refine_hist.number_atoms_solvent             69 
_refine_hist.number_atoms_total               1422 
_refine_hist.d_res_high                       1.879 
_refine_hist.d_res_low                        39.438 
# 
loop_
_refine_ls_restr.type 
_refine_ls_restr.dev_ideal 
_refine_ls_restr.dev_ideal_target 
_refine_ls_restr.weight 
_refine_ls_restr.number 
_refine_ls_restr.pdbx_refine_id 
_refine_ls_restr.pdbx_restraint_function 
f_bond_d           0.007  ? ? 1434 'X-RAY DIFFRACTION' ? 
f_angle_d          1.238  ? ? 1967 'X-RAY DIFFRACTION' ? 
f_dihedral_angle_d 15.032 ? ? 544  'X-RAY DIFFRACTION' ? 
f_chiral_restr     0.053  ? ? 216  'X-RAY DIFFRACTION' ? 
f_plane_restr      0.005  ? ? 245  'X-RAY DIFFRACTION' ? 
# 
loop_
_refine_ls_shell.pdbx_refine_id 
_refine_ls_shell.pdbx_total_number_of_bins_used 
_refine_ls_shell.d_res_high 
_refine_ls_shell.d_res_low 
_refine_ls_shell.number_reflns_R_work 
_refine_ls_shell.R_factor_R_work 
_refine_ls_shell.percent_reflns_obs 
_refine_ls_shell.R_factor_R_free 
_refine_ls_shell.R_factor_R_free_error 
_refine_ls_shell.percent_reflns_R_free 
_refine_ls_shell.number_reflns_R_free 
_refine_ls_shell.number_reflns_all 
_refine_ls_shell.R_factor_all 
_refine_ls_shell.R_factor_obs 
_refine_ls_shell.number_reflns_obs 
'X-RAY DIFFRACTION' . 1.8794 1.9347  1172 0.1958 97.00  0.2520 . . 130 . . . . 
'X-RAY DIFFRACTION' . 1.9347 1.9971  1200 0.1886 100.00 0.2517 . . 133 . . . . 
'X-RAY DIFFRACTION' . 1.9971 2.0685  1228 0.1874 100.00 0.2453 . . 137 . . . . 
'X-RAY DIFFRACTION' . 2.0685 2.1513  1198 0.1799 100.00 0.2334 . . 133 . . . . 
'X-RAY DIFFRACTION' . 2.1513 2.2492  1227 0.1842 100.00 0.2194 . . 136 . . . . 
'X-RAY DIFFRACTION' . 2.2492 2.3678  1222 0.1922 100.00 0.2525 . . 137 . . . . 
'X-RAY DIFFRACTION' . 2.3678 2.5161  1214 0.1983 100.00 0.2273 . . 134 . . . . 
'X-RAY DIFFRACTION' . 2.5161 2.7103  1243 0.1988 100.00 0.2451 . . 138 . . . . 
'X-RAY DIFFRACTION' . 2.7103 2.9830  1237 0.1961 100.00 0.2613 . . 138 . . . . 
'X-RAY DIFFRACTION' . 2.9830 3.4144  1258 0.1827 100.00 0.2188 . . 139 . . . . 
'X-RAY DIFFRACTION' . 3.4144 4.3010  1269 0.1518 100.00 0.2024 . . 142 . . . . 
'X-RAY DIFFRACTION' . 4.3010 39.4462 1380 0.1615 100.00 0.1767 . . 153 . . . . 
# 
_struct.entry_id                     5JG0 
_struct.title                        'Staphylococcus aureus Dihydrofolate Reductase complexed with beta-NADPH and UCP1191' 
_struct.pdbx_model_details           ? 
_struct.pdbx_formula_weight          ? 
_struct.pdbx_formula_weight_method   ? 
_struct.pdbx_model_type_details      ? 
_struct.pdbx_CASP_flag               N 
# 
_struct_keywords.entry_id        5JG0 
_struct_keywords.text            'Oxidoreductase, Dihydrofolate Reductase, NADPH, Zwitterion, Antibiotics' 
_struct_keywords.pdbx_keywords   OXIDOREDUCTASE 
# 
loop_
_struct_asym.id 
_struct_asym.pdbx_blank_PDB_chainid_flag 
_struct_asym.pdbx_modified 
_struct_asym.entity_id 
_struct_asym.details 
A N N 1 ? 
B N N 2 ? 
C N N 3 ? 
D N N 4 ? 
# 
_struct_ref.id                         1 
_struct_ref.db_name                    UNP 
_struct_ref.db_code                    DYR_STAAU 
_struct_ref.pdbx_db_accession          P0A017 
_struct_ref.pdbx_db_isoform            ? 
_struct_ref.entity_id                  1 
_struct_ref.pdbx_seq_one_letter_code   
;TLSILVAHDLQRVIGFENQLPWHLPNDLKHVKKLSTGHTLVMGRKTFESIGKPLPNRRNVVLTSDTSFNVEGVDVIHSIE
DIYQLPGHVFIFGGQTLFEEMIDKVDDMYITVIEGKFRGDTFFPPYTFEDWEVASSVEGKLDEKNTIPHTFLHLIRK
;
_struct_ref.pdbx_align_begin           2 
# 
_struct_ref_seq.align_id                      1 
_struct_ref_seq.ref_id                        1 
_struct_ref_seq.pdbx_PDB_id_code              5JG0 
_struct_ref_seq.pdbx_strand_id                X 
_struct_ref_seq.seq_align_beg                 1 
_struct_ref_seq.pdbx_seq_align_beg_ins_code   ? 
_struct_ref_seq.seq_align_end                 157 
_struct_ref_seq.pdbx_seq_align_end_ins_code   ? 
_struct_ref_seq.pdbx_db_accession             P0A017 
_struct_ref_seq.db_align_beg                  2 
_struct_ref_seq.pdbx_db_align_beg_ins_code    ? 
_struct_ref_seq.db_align_end                  158 
_struct_ref_seq.pdbx_db_align_end_ins_code    ? 
_struct_ref_seq.pdbx_auth_seq_align_beg       1 
_struct_ref_seq.pdbx_auth_seq_align_end       157 
# 
_pdbx_struct_assembly.id                   1 
_pdbx_struct_assembly.details              author_and_software_defined_assembly 
_pdbx_struct_assembly.method_details       PISA 
_pdbx_struct_assembly.oligomeric_details   monomeric 
_pdbx_struct_assembly.oligomeric_count     1 
# 
_pdbx_struct_assembly_gen.assembly_id       1 
_pdbx_struct_assembly_gen.oper_expression   1 
_pdbx_struct_assembly_gen.asym_id_list      A,B,C,D 
# 
_pdbx_struct_oper_list.id                   1 
_pdbx_struct_oper_list.type                 'identity operation' 
_pdbx_struct_oper_list.name                 1_555 
_pdbx_struct_oper_list.symmetry_operation   x,y,z 
_pdbx_struct_oper_list.matrix[1][1]         1.0000000000 
_pdbx_struct_oper_list.matrix[1][2]         0.0000000000 
_pdbx_struct_oper_list.matrix[1][3]         0.0000000000 
_pdbx_struct_oper_list.vector[1]            0.0000000000 
_pdbx_struct_oper_list.matrix[2][1]         0.0000000000 
_pdbx_struct_oper_list.matrix[2][2]         1.0000000000 
_pdbx_struct_oper_list.matrix[2][3]         0.0000000000 
_pdbx_struct_oper_list.vector[2]            0.0000000000 
_pdbx_struct_oper_list.matrix[3][1]         0.0000000000 
_pdbx_struct_oper_list.matrix[3][2]         0.0000000000 
_pdbx_struct_oper_list.matrix[3][3]         1.0000000000 
_pdbx_struct_oper_list.vector[3]            0.0000000000 
# 
loop_
_struct_conf.conf_type_id 
_struct_conf.id 
_struct_conf.pdbx_PDB_helix_id 
_struct_conf.beg_label_comp_id 
_struct_conf.beg_label_asym_id 
_struct_conf.beg_label_seq_id 
_struct_conf.pdbx_beg_PDB_ins_code 
_struct_conf.end_label_comp_id 
_struct_conf.end_label_asym_id 
_struct_conf.end_label_seq_id 
_struct_conf.pdbx_end_PDB_ins_code 
_struct_conf.beg_auth_comp_id 
_struct_conf.beg_auth_asym_id 
_struct_conf.beg_auth_seq_id 
_struct_conf.end_auth_comp_id 
_struct_conf.end_auth_asym_id 
_struct_conf.end_auth_seq_id 
_struct_conf.pdbx_PDB_helix_class 
_struct_conf.details 
_struct_conf.pdbx_PDB_helix_length 
HELX_P HELX_P1 AA1 LEU A 24 ? THR A 36  ? LEU X 24 THR X 36  1 ? 13 
HELX_P HELX_P2 AA2 ARG A 44 ? GLY A 51  ? ARG X 44 GLY X 51  1 ? 8  
HELX_P HELX_P3 AA3 SER A 78 ? LEU A 85  ? SER X 78 LEU X 85  5 ? 8  
HELX_P HELX_P4 AA4 GLY A 94 ? ILE A 102 ? GLY X 94 ILE X 102 1 ? 9  
# 
_struct_conf_type.id          HELX_P 
_struct_conf_type.criteria    ? 
_struct_conf_type.reference   ? 
# 
_struct_mon_prot_cis.pdbx_id                1 
_struct_mon_prot_cis.label_comp_id          GLY 
_struct_mon_prot_cis.label_seq_id           93 
_struct_mon_prot_cis.label_asym_id          A 
_struct_mon_prot_cis.label_alt_id           . 
_struct_mon_prot_cis.pdbx_PDB_ins_code      ? 
_struct_mon_prot_cis.auth_comp_id           GLY 
_struct_mon_prot_cis.auth_seq_id            93 
_struct_mon_prot_cis.auth_asym_id           X 
_struct_mon_prot_cis.pdbx_label_comp_id_2   GLY 
_struct_mon_prot_cis.pdbx_label_seq_id_2    94 
_struct_mon_prot_cis.pdbx_label_asym_id_2   A 
_struct_mon_prot_cis.pdbx_PDB_ins_code_2    ? 
_struct_mon_prot_cis.pdbx_auth_comp_id_2    GLY 
_struct_mon_prot_cis.pdbx_auth_seq_id_2     94 
_struct_mon_prot_cis.pdbx_auth_asym_id_2    X 
_struct_mon_prot_cis.pdbx_PDB_model_num     1 
_struct_mon_prot_cis.pdbx_omega_angle       2.10 
# 
loop_
_struct_sheet.id 
_struct_sheet.type 
_struct_sheet.number_strands 
_struct_sheet.details 
AA1 ? 8 ? 
AA2 ? 2 ? 
# 
loop_
_struct_sheet_order.sheet_id 
_struct_sheet_order.range_id_1 
_struct_sheet_order.range_id_2 
_struct_sheet_order.offset 
_struct_sheet_order.sense 
AA1 1 2 ? parallel      
AA1 2 3 ? parallel      
AA1 3 4 ? parallel      
AA1 4 5 ? parallel      
AA1 5 6 ? parallel      
AA1 6 7 ? anti-parallel 
AA1 7 8 ? anti-parallel 
AA2 1 2 ? anti-parallel 
# 
loop_
_struct_sheet_range.sheet_id 
_struct_sheet_range.id 
_struct_sheet_range.beg_label_comp_id 
_struct_sheet_range.beg_label_asym_id 
_struct_sheet_range.beg_label_seq_id 
_struct_sheet_range.pdbx_beg_PDB_ins_code 
_struct_sheet_range.end_label_comp_id 
_struct_sheet_range.end_label_asym_id 
_struct_sheet_range.end_label_seq_id 
_struct_sheet_range.pdbx_end_PDB_ins_code 
_struct_sheet_range.beg_auth_comp_id 
_struct_sheet_range.beg_auth_asym_id 
_struct_sheet_range.beg_auth_seq_id 
_struct_sheet_range.end_auth_comp_id 
_struct_sheet_range.end_auth_asym_id 
_struct_sheet_range.end_auth_seq_id 
AA1 1 VAL A 73  ? ILE A 76  ? VAL X 73  ILE X 76  
AA1 2 ARG A 58  ? LEU A 62  ? ARG X 58  LEU X 62  
AA1 3 THR A 39  ? GLY A 43  ? THR X 39  GLY X 43  
AA1 4 VAL A 89  ? GLY A 93  ? VAL X 89  GLY X 93  
AA1 5 LEU A 2   ? HIS A 8   ? LEU X 2   HIS X 8   
AA1 6 ASP A 107 ? ILE A 113 ? ASP X 107 ILE X 113 
AA1 7 HIS A 149 ? ARG A 156 ? HIS X 149 ARG X 156 
AA1 8 TRP A 131 ? GLU A 138 ? TRP X 131 GLU X 138 
AA2 1 VAL A 13  ? GLY A 15  ? VAL X 13  GLY X 15  
AA2 2 THR A 121 ? PHE A 122 ? THR X 121 PHE X 122 
# 
loop_
_pdbx_struct_sheet_hbond.sheet_id 
_pdbx_struct_sheet_hbond.range_id_1 
_pdbx_struct_sheet_hbond.range_id_2 
_pdbx_struct_sheet_hbond.range_1_label_atom_id 
_pdbx_struct_sheet_hbond.range_1_label_comp_id 
_pdbx_struct_sheet_hbond.range_1_label_asym_id 
_pdbx_struct_sheet_hbond.range_1_label_seq_id 
_pdbx_struct_sheet_hbond.range_1_PDB_ins_code 
_pdbx_struct_sheet_hbond.range_1_auth_atom_id 
_pdbx_struct_sheet_hbond.range_1_auth_comp_id 
_pdbx_struct_sheet_hbond.range_1_auth_asym_id 
_pdbx_struct_sheet_hbond.range_1_auth_seq_id 
_pdbx_struct_sheet_hbond.range_2_label_atom_id 
_pdbx_struct_sheet_hbond.range_2_label_comp_id 
_pdbx_struct_sheet_hbond.range_2_label_asym_id 
_pdbx_struct_sheet_hbond.range_2_label_seq_id 
_pdbx_struct_sheet_hbond.range_2_PDB_ins_code 
_pdbx_struct_sheet_hbond.range_2_auth_atom_id 
_pdbx_struct_sheet_hbond.range_2_auth_comp_id 
_pdbx_struct_sheet_hbond.range_2_auth_asym_id 
_pdbx_struct_sheet_hbond.range_2_auth_seq_id 
AA1 1 2 O ASP A 74  ? O ASP X 74  N ASN A 59  ? N ASN X 59  
AA1 2 3 O ARG A 58  ? O ARG X 58  N LEU A 40  ? N LEU X 40  
AA1 3 4 N THR A 39  ? N THR X 39  O PHE A 90  ? O PHE X 90  
AA1 4 5 O ILE A 91  ? O ILE X 91  N SER A 3   ? N SER X 3   
AA1 5 6 N ILE A 4   ? N ILE X 4   O TYR A 109 ? O TYR X 109 
AA1 6 7 N ILE A 110 ? N ILE X 110 O LEU A 152 ? O LEU X 152 
AA1 7 8 O PHE A 151 ? O PHE X 151 N VAL A 137 ? N VAL X 137 
AA2 1 2 N ILE A 14  ? N ILE X 14  O THR A 121 ? O THR X 121 
# 
loop_
_struct_site.id 
_struct_site.pdbx_evidence_code 
_struct_site.pdbx_auth_asym_id 
_struct_site.pdbx_auth_comp_id 
_struct_site.pdbx_auth_seq_id 
_struct_site.pdbx_auth_ins_code 
_struct_site.pdbx_num_residues 
_struct_site.details 
AC1 Software X UC9 201 ? 16 'binding site for residue UC9 X 201' 
AC2 Software X NAP 202 ? 32 'binding site for residue NAP X 202' 
# 
loop_
_struct_site_gen.id 
_struct_site_gen.site_id 
_struct_site_gen.pdbx_num_res 
_struct_site_gen.label_comp_id 
_struct_site_gen.label_asym_id 
_struct_site_gen.label_seq_id 
_struct_site_gen.pdbx_auth_ins_code 
_struct_site_gen.auth_comp_id 
_struct_site_gen.auth_asym_id 
_struct_site_gen.auth_seq_id 
_struct_site_gen.label_atom_id 
_struct_site_gen.label_alt_id 
_struct_site_gen.symmetry 
_struct_site_gen.details 
1  AC1 16 LEU A 5   ? LEU X 5   . ? 1_555 ? 
2  AC1 16 VAL A 6   ? VAL X 6   . ? 1_555 ? 
3  AC1 16 ALA A 7   ? ALA X 7   . ? 1_555 ? 
4  AC1 16 LEU A 20  ? LEU X 20  . ? 1_555 ? 
5  AC1 16 ASP A 27  ? ASP X 27  . ? 1_555 ? 
6  AC1 16 LEU A 28  ? LEU X 28  . ? 1_555 ? 
7  AC1 16 VAL A 31  ? VAL X 31  . ? 1_555 ? 
8  AC1 16 LYS A 32  ? LYS X 32  . ? 1_555 ? 
9  AC1 16 LEU A 54  ? LEU X 54  . ? 1_555 ? 
10 AC1 16 ARG A 57  ? ARG X 57  . ? 1_555 ? 
11 AC1 16 PHE A 92  ? PHE X 92  . ? 1_555 ? 
12 AC1 16 THR A 111 ? THR X 111 . ? 1_555 ? 
13 AC1 16 NAP C .   ? NAP X 202 . ? 1_555 ? 
14 AC1 16 HOH D .   ? HOH X 331 . ? 1_555 ? 
15 AC1 16 HOH D .   ? HOH X 348 . ? 1_555 ? 
16 AC1 16 HOH D .   ? HOH X 359 . ? 1_555 ? 
17 AC2 32 VAL A 6   ? VAL X 6   . ? 1_555 ? 
18 AC2 32 ALA A 7   ? ALA X 7   . ? 1_555 ? 
19 AC2 32 ILE A 14  ? ILE X 14  . ? 1_555 ? 
20 AC2 32 GLY A 15  ? GLY X 15  . ? 1_555 ? 
21 AC2 32 ASN A 18  ? ASN X 18  . ? 1_555 ? 
22 AC2 32 GLN A 19  ? GLN X 19  . ? 1_555 ? 
23 AC2 32 LEU A 20  ? LEU X 20  . ? 1_555 ? 
24 AC2 32 GLY A 43  ? GLY X 43  . ? 1_555 ? 
25 AC2 32 ARG A 44  ? ARG X 44  . ? 1_555 ? 
26 AC2 32 LYS A 45  ? LYS X 45  . ? 1_555 ? 
27 AC2 32 THR A 46  ? THR X 46  . ? 1_555 ? 
28 AC2 32 LEU A 62  ? LEU X 62  . ? 1_555 ? 
29 AC2 32 THR A 63  ? THR X 63  . ? 1_555 ? 
30 AC2 32 SER A 64  ? SER X 64  . ? 1_555 ? 
31 AC2 32 HIS A 77  ? HIS X 77  . ? 1_555 ? 
32 AC2 32 ILE A 79  ? ILE X 79  . ? 1_555 ? 
33 AC2 32 PHE A 92  ? PHE X 92  . ? 1_555 ? 
34 AC2 32 GLY A 93  ? GLY X 93  . ? 1_555 ? 
35 AC2 32 GLY A 94  ? GLY X 94  . ? 1_555 ? 
36 AC2 32 GLN A 95  ? GLN X 95  . ? 1_555 ? 
37 AC2 32 THR A 96  ? THR X 96  . ? 1_555 ? 
38 AC2 32 LEU A 97  ? LEU X 97  . ? 1_555 ? 
39 AC2 32 GLU A 100 ? GLU X 100 . ? 1_555 ? 
40 AC2 32 THR A 121 ? THR X 121 . ? 1_555 ? 
41 AC2 32 UC9 B .   ? UC9 X 201 . ? 1_555 ? 
42 AC2 32 HOH D .   ? HOH X 304 . ? 1_555 ? 
43 AC2 32 HOH D .   ? HOH X 313 . ? 1_555 ? 
44 AC2 32 HOH D .   ? HOH X 322 . ? 1_555 ? 
45 AC2 32 HOH D .   ? HOH X 324 . ? 1_555 ? 
46 AC2 32 HOH D .   ? HOH X 338 . ? 1_555 ? 
47 AC2 32 HOH D .   ? HOH X 354 . ? 1_555 ? 
48 AC2 32 HOH D .   ? HOH X 359 . ? 1_555 ? 
# 
loop_
_pdbx_validate_close_contact.id 
_pdbx_validate_close_contact.PDB_model_num 
_pdbx_validate_close_contact.auth_atom_id_1 
_pdbx_validate_close_contact.auth_asym_id_1 
_pdbx_validate_close_contact.auth_comp_id_1 
_pdbx_validate_close_contact.auth_seq_id_1 
_pdbx_validate_close_contact.PDB_ins_code_1 
_pdbx_validate_close_contact.label_alt_id_1 
_pdbx_validate_close_contact.auth_atom_id_2 
_pdbx_validate_close_contact.auth_asym_id_2 
_pdbx_validate_close_contact.auth_comp_id_2 
_pdbx_validate_close_contact.auth_seq_id_2 
_pdbx_validate_close_contact.PDB_ins_code_2 
_pdbx_validate_close_contact.label_alt_id_2 
_pdbx_validate_close_contact.dist 
1 1 ND2 X ASN 26  ? B O X HOH 301 ? ? 2.07 
2 1 O   X HOH 361 ? ? O X HOH 364 ? ? 2.09 
3 1 NZ  X LYS 140 ? ? O X HOH 302 ? ? 2.16 
# 
_pdbx_validate_symm_contact.id                1 
_pdbx_validate_symm_contact.PDB_model_num     1 
_pdbx_validate_symm_contact.auth_atom_id_1    O 
_pdbx_validate_symm_contact.auth_asym_id_1    X 
_pdbx_validate_symm_contact.auth_comp_id_1    THR 
_pdbx_validate_symm_contact.auth_seq_id_1     66 
_pdbx_validate_symm_contact.PDB_ins_code_1    ? 
_pdbx_validate_symm_contact.label_alt_id_1    ? 
_pdbx_validate_symm_contact.site_symmetry_1   1_555 
_pdbx_validate_symm_contact.auth_atom_id_2    O 
_pdbx_validate_symm_contact.auth_asym_id_2    X 
_pdbx_validate_symm_contact.auth_comp_id_2    HOH 
_pdbx_validate_symm_contact.auth_seq_id_2     302 
_pdbx_validate_symm_contact.PDB_ins_code_2    ? 
_pdbx_validate_symm_contact.label_alt_id_2    ? 
_pdbx_validate_symm_contact.site_symmetry_2   8_545 
_pdbx_validate_symm_contact.dist              2.17 
# 
_pdbx_validate_torsion.id              1 
_pdbx_validate_torsion.PDB_model_num   1 
_pdbx_validate_torsion.auth_comp_id    HIS 
_pdbx_validate_torsion.auth_asym_id    X 
_pdbx_validate_torsion.auth_seq_id     38 
_pdbx_validate_torsion.PDB_ins_code    ? 
_pdbx_validate_torsion.label_alt_id    ? 
_pdbx_validate_torsion.phi             -124.55 
_pdbx_validate_torsion.psi             -156.47 
# 
loop_
_chem_comp_atom.comp_id 
_chem_comp_atom.atom_id 
_chem_comp_atom.type_symbol 
_chem_comp_atom.pdbx_aromatic_flag 
_chem_comp_atom.pdbx_stereo_config 
_chem_comp_atom.pdbx_ordinal 
ALA N    N N N 1   
ALA CA   C N S 2   
ALA C    C N N 3   
ALA O    O N N 4   
ALA CB   C N N 5   
ALA OXT  O N N 6   
ALA H    H N N 7   
ALA H2   H N N 8   
ALA HA   H N N 9   
ALA HB1  H N N 10  
ALA HB2  H N N 11  
ALA HB3  H N N 12  
ALA HXT  H N N 13  
ARG N    N N N 14  
ARG CA   C N S 15  
ARG C    C N N 16  
ARG O    O N N 17  
ARG CB   C N N 18  
ARG CG   C N N 19  
ARG CD   C N N 20  
ARG NE   N N N 21  
ARG CZ   C N N 22  
ARG NH1  N N N 23  
ARG NH2  N N N 24  
ARG OXT  O N N 25  
ARG H    H N N 26  
ARG H2   H N N 27  
ARG HA   H N N 28  
ARG HB2  H N N 29  
ARG HB3  H N N 30  
ARG HG2  H N N 31  
ARG HG3  H N N 32  
ARG HD2  H N N 33  
ARG HD3  H N N 34  
ARG HE   H N N 35  
ARG HH11 H N N 36  
ARG HH12 H N N 37  
ARG HH21 H N N 38  
ARG HH22 H N N 39  
ARG HXT  H N N 40  
ASN N    N N N 41  
ASN CA   C N S 42  
ASN C    C N N 43  
ASN O    O N N 44  
ASN CB   C N N 45  
ASN CG   C N N 46  
ASN OD1  O N N 47  
ASN ND2  N N N 48  
ASN OXT  O N N 49  
ASN H    H N N 50  
ASN H2   H N N 51  
ASN HA   H N N 52  
ASN HB2  H N N 53  
ASN HB3  H N N 54  
ASN HD21 H N N 55  
ASN HD22 H N N 56  
ASN HXT  H N N 57  
ASP N    N N N 58  
ASP CA   C N S 59  
ASP C    C N N 60  
ASP O    O N N 61  
ASP CB   C N N 62  
ASP CG   C N N 63  
ASP OD1  O N N 64  
ASP OD2  O N N 65  
ASP OXT  O N N 66  
ASP H    H N N 67  
ASP H2   H N N 68  
ASP HA   H N N 69  
ASP HB2  H N N 70  
ASP HB3  H N N 71  
ASP HD2  H N N 72  
ASP HXT  H N N 73  
GLN N    N N N 74  
GLN CA   C N S 75  
GLN C    C N N 76  
GLN O    O N N 77  
GLN CB   C N N 78  
GLN CG   C N N 79  
GLN CD   C N N 80  
GLN OE1  O N N 81  
GLN NE2  N N N 82  
GLN OXT  O N N 83  
GLN H    H N N 84  
GLN H2   H N N 85  
GLN HA   H N N 86  
GLN HB2  H N N 87  
GLN HB3  H N N 88  
GLN HG2  H N N 89  
GLN HG3  H N N 90  
GLN HE21 H N N 91  
GLN HE22 H N N 92  
GLN HXT  H N N 93  
GLU N    N N N 94  
GLU CA   C N S 95  
GLU C    C N N 96  
GLU O    O N N 97  
GLU CB   C N N 98  
GLU CG   C N N 99  
GLU CD   C N N 100 
GLU OE1  O N N 101 
GLU OE2  O N N 102 
GLU OXT  O N N 103 
GLU H    H N N 104 
GLU H2   H N N 105 
GLU HA   H N N 106 
GLU HB2  H N N 107 
GLU HB3  H N N 108 
GLU HG2  H N N 109 
GLU HG3  H N N 110 
GLU HE2  H N N 111 
GLU HXT  H N N 112 
GLY N    N N N 113 
GLY CA   C N N 114 
GLY C    C N N 115 
GLY O    O N N 116 
GLY OXT  O N N 117 
GLY H    H N N 118 
GLY H2   H N N 119 
GLY HA2  H N N 120 
GLY HA3  H N N 121 
GLY HXT  H N N 122 
HIS N    N N N 123 
HIS CA   C N S 124 
HIS C    C N N 125 
HIS O    O N N 126 
HIS CB   C N N 127 
HIS CG   C Y N 128 
HIS ND1  N Y N 129 
HIS CD2  C Y N 130 
HIS CE1  C Y N 131 
HIS NE2  N Y N 132 
HIS OXT  O N N 133 
HIS H    H N N 134 
HIS H2   H N N 135 
HIS HA   H N N 136 
HIS HB2  H N N 137 
HIS HB3  H N N 138 
HIS HD1  H N N 139 
HIS HD2  H N N 140 
HIS HE1  H N N 141 
HIS HE2  H N N 142 
HIS HXT  H N N 143 
HOH O    O N N 144 
HOH H1   H N N 145 
HOH H2   H N N 146 
ILE N    N N N 147 
ILE CA   C N S 148 
ILE C    C N N 149 
ILE O    O N N 150 
ILE CB   C N S 151 
ILE CG1  C N N 152 
ILE CG2  C N N 153 
ILE CD1  C N N 154 
ILE OXT  O N N 155 
ILE H    H N N 156 
ILE H2   H N N 157 
ILE HA   H N N 158 
ILE HB   H N N 159 
ILE HG12 H N N 160 
ILE HG13 H N N 161 
ILE HG21 H N N 162 
ILE HG22 H N N 163 
ILE HG23 H N N 164 
ILE HD11 H N N 165 
ILE HD12 H N N 166 
ILE HD13 H N N 167 
ILE HXT  H N N 168 
LEU N    N N N 169 
LEU CA   C N S 170 
LEU C    C N N 171 
LEU O    O N N 172 
LEU CB   C N N 173 
LEU CG   C N N 174 
LEU CD1  C N N 175 
LEU CD2  C N N 176 
LEU OXT  O N N 177 
LEU H    H N N 178 
LEU H2   H N N 179 
LEU HA   H N N 180 
LEU HB2  H N N 181 
LEU HB3  H N N 182 
LEU HG   H N N 183 
LEU HD11 H N N 184 
LEU HD12 H N N 185 
LEU HD13 H N N 186 
LEU HD21 H N N 187 
LEU HD22 H N N 188 
LEU HD23 H N N 189 
LEU HXT  H N N 190 
LYS N    N N N 191 
LYS CA   C N S 192 
LYS C    C N N 193 
LYS O    O N N 194 
LYS CB   C N N 195 
LYS CG   C N N 196 
LYS CD   C N N 197 
LYS CE   C N N 198 
LYS NZ   N N N 199 
LYS OXT  O N N 200 
LYS H    H N N 201 
LYS H2   H N N 202 
LYS HA   H N N 203 
LYS HB2  H N N 204 
LYS HB3  H N N 205 
LYS HG2  H N N 206 
LYS HG3  H N N 207 
LYS HD2  H N N 208 
LYS HD3  H N N 209 
LYS HE2  H N N 210 
LYS HE3  H N N 211 
LYS HZ1  H N N 212 
LYS HZ2  H N N 213 
LYS HZ3  H N N 214 
LYS HXT  H N N 215 
MET N    N N N 216 
MET CA   C N S 217 
MET C    C N N 218 
MET O    O N N 219 
MET CB   C N N 220 
MET CG   C N N 221 
MET SD   S N N 222 
MET CE   C N N 223 
MET OXT  O N N 224 
MET H    H N N 225 
MET H2   H N N 226 
MET HA   H N N 227 
MET HB2  H N N 228 
MET HB3  H N N 229 
MET HG2  H N N 230 
MET HG3  H N N 231 
MET HE1  H N N 232 
MET HE2  H N N 233 
MET HE3  H N N 234 
MET HXT  H N N 235 
NAP PA   P N R 236 
NAP O1A  O N N 237 
NAP O2A  O N N 238 
NAP O5B  O N N 239 
NAP C5B  C N N 240 
NAP C4B  C N R 241 
NAP O4B  O N N 242 
NAP C3B  C N R 243 
NAP O3B  O N N 244 
NAP C2B  C N R 245 
NAP O2B  O N N 246 
NAP C1B  C N R 247 
NAP N9A  N Y N 248 
NAP C8A  C Y N 249 
NAP N7A  N Y N 250 
NAP C5A  C Y N 251 
NAP C6A  C Y N 252 
NAP N6A  N N N 253 
NAP N1A  N Y N 254 
NAP C2A  C Y N 255 
NAP N3A  N Y N 256 
NAP C4A  C Y N 257 
NAP O3   O N N 258 
NAP PN   P N N 259 
NAP O1N  O N N 260 
NAP O2N  O N N 261 
NAP O5D  O N N 262 
NAP C5D  C N N 263 
NAP C4D  C N R 264 
NAP O4D  O N N 265 
NAP C3D  C N S 266 
NAP O3D  O N N 267 
NAP C2D  C N R 268 
NAP O2D  O N N 269 
NAP C1D  C N R 270 
NAP N1N  N Y N 271 
NAP C2N  C Y N 272 
NAP C3N  C Y N 273 
NAP C7N  C N N 274 
NAP O7N  O N N 275 
NAP N7N  N N N 276 
NAP C4N  C Y N 277 
NAP C5N  C Y N 278 
NAP C6N  C Y N 279 
NAP P2B  P N N 280 
NAP O1X  O N N 281 
NAP O2X  O N N 282 
NAP O3X  O N N 283 
NAP HOA2 H N N 284 
NAP H51A H N N 285 
NAP H52A H N N 286 
NAP H4B  H N N 287 
NAP H3B  H N N 288 
NAP HO3A H N N 289 
NAP H2B  H N N 290 
NAP H1B  H N N 291 
NAP H8A  H N N 292 
NAP H61A H N N 293 
NAP H62A H N N 294 
NAP H2A  H N N 295 
NAP H51N H N N 296 
NAP H52N H N N 297 
NAP H4D  H N N 298 
NAP H3D  H N N 299 
NAP HO3N H N N 300 
NAP H2D  H N N 301 
NAP HO2N H N N 302 
NAP H1D  H N N 303 
NAP H2N  H N N 304 
NAP H71N H N N 305 
NAP H72N H N N 306 
NAP H4N  H N N 307 
NAP H5N  H N N 308 
NAP H6N  H N N 309 
NAP HOP2 H N N 310 
NAP HOP3 H N N 311 
PHE N    N N N 312 
PHE CA   C N S 313 
PHE C    C N N 314 
PHE O    O N N 315 
PHE CB   C N N 316 
PHE CG   C Y N 317 
PHE CD1  C Y N 318 
PHE CD2  C Y N 319 
PHE CE1  C Y N 320 
PHE CE2  C Y N 321 
PHE CZ   C Y N 322 
PHE OXT  O N N 323 
PHE H    H N N 324 
PHE H2   H N N 325 
PHE HA   H N N 326 
PHE HB2  H N N 327 
PHE HB3  H N N 328 
PHE HD1  H N N 329 
PHE HD2  H N N 330 
PHE HE1  H N N 331 
PHE HE2  H N N 332 
PHE HZ   H N N 333 
PHE HXT  H N N 334 
PRO N    N N N 335 
PRO CA   C N S 336 
PRO C    C N N 337 
PRO O    O N N 338 
PRO CB   C N N 339 
PRO CG   C N N 340 
PRO CD   C N N 341 
PRO OXT  O N N 342 
PRO H    H N N 343 
PRO HA   H N N 344 
PRO HB2  H N N 345 
PRO HB3  H N N 346 
PRO HG2  H N N 347 
PRO HG3  H N N 348 
PRO HD2  H N N 349 
PRO HD3  H N N 350 
PRO HXT  H N N 351 
SER N    N N N 352 
SER CA   C N S 353 
SER C    C N N 354 
SER O    O N N 355 
SER CB   C N N 356 
SER OG   O N N 357 
SER OXT  O N N 358 
SER H    H N N 359 
SER H2   H N N 360 
SER HA   H N N 361 
SER HB2  H N N 362 
SER HB3  H N N 363 
SER HG   H N N 364 
SER HXT  H N N 365 
THR N    N N N 366 
THR CA   C N S 367 
THR C    C N N 368 
THR O    O N N 369 
THR CB   C N R 370 
THR OG1  O N N 371 
THR CG2  C N N 372 
THR OXT  O N N 373 
THR H    H N N 374 
THR H2   H N N 375 
THR HA   H N N 376 
THR HB   H N N 377 
THR HG1  H N N 378 
THR HG21 H N N 379 
THR HG22 H N N 380 
THR HG23 H N N 381 
THR HXT  H N N 382 
TRP N    N N N 383 
TRP CA   C N S 384 
TRP C    C N N 385 
TRP O    O N N 386 
TRP CB   C N N 387 
TRP CG   C Y N 388 
TRP CD1  C Y N 389 
TRP CD2  C Y N 390 
TRP NE1  N Y N 391 
TRP CE2  C Y N 392 
TRP CE3  C Y N 393 
TRP CZ2  C Y N 394 
TRP CZ3  C Y N 395 
TRP CH2  C Y N 396 
TRP OXT  O N N 397 
TRP H    H N N 398 
TRP H2   H N N 399 
TRP HA   H N N 400 
TRP HB2  H N N 401 
TRP HB3  H N N 402 
TRP HD1  H N N 403 
TRP HE1  H N N 404 
TRP HE3  H N N 405 
TRP HZ2  H N N 406 
TRP HZ3  H N N 407 
TRP HH2  H N N 408 
TRP HXT  H N N 409 
TYR N    N N N 410 
TYR CA   C N S 411 
TYR C    C N N 412 
TYR O    O N N 413 
TYR CB   C N N 414 
TYR CG   C Y N 415 
TYR CD1  C Y N 416 
TYR CD2  C Y N 417 
TYR CE1  C Y N 418 
TYR CE2  C Y N 419 
TYR CZ   C Y N 420 
TYR OH   O N N 421 
TYR OXT  O N N 422 
TYR H    H N N 423 
TYR H2   H N N 424 
TYR HA   H N N 425 
TYR HB2  H N N 426 
TYR HB3  H N N 427 
TYR HD1  H N N 428 
TYR HD2  H N N 429 
TYR HE1  H N N 430 
TYR HE2  H N N 431 
TYR HH   H N N 432 
TYR HXT  H N N 433 
UC9 C4   C Y N 434 
UC9 C5   C Y N 435 
UC9 C6   C Y N 436 
UC9 N1   N Y N 437 
UC9 N3   N Y N 438 
UC9 CAK  C N N 439 
UC9 CAI  C N N 440 
UC9 C2   C Y N 441 
UC9 NAH  N N N 442 
UC9 NAG  N N N 443 
UC9 CAJ  C N N 444 
UC9 CAL  C N N 445 
UC9 CAM  C N S 446 
UC9 CBC  C N N 447 
UC9 CAN  C Y N 448 
UC9 CAO  C Y N 449 
UC9 CAS  C Y N 450 
UC9 CAR  C Y N 451 
UC9 OAW  O N N 452 
UC9 CAV  C N N 453 
UC9 OAU  O N N 454 
UC9 CAQ  C Y N 455 
UC9 CAP  C Y N 456 
UC9 CAT  C Y N 457 
UC9 CAX  C Y N 458 
UC9 CAY  C Y N 459 
UC9 CAZ  C Y N 460 
UC9 CBD  C N N 461 
UC9 OBF  O N N 462 
UC9 OBE  O N N 463 
UC9 CBA  C Y N 464 
UC9 CBB  C Y N 465 
UC9 H1   H N N 466 
UC9 H2   H N N 467 
UC9 H3   H N N 468 
UC9 H4   H N N 469 
UC9 H5   H N N 470 
UC9 H6   H N N 471 
UC9 H7   H N N 472 
UC9 H8   H N N 473 
UC9 H9   H N N 474 
UC9 H10  H N N 475 
UC9 H11  H N N 476 
UC9 H12  H N N 477 
UC9 H13  H N N 478 
UC9 H14  H N N 479 
UC9 H15  H N N 480 
UC9 H16  H N N 481 
UC9 H17  H N N 482 
UC9 H18  H N N 483 
UC9 H19  H N N 484 
UC9 H20  H N N 485 
UC9 H21  H N N 486 
UC9 H22  H N N 487 
VAL N    N N N 488 
VAL CA   C N S 489 
VAL C    C N N 490 
VAL O    O N N 491 
VAL CB   C N N 492 
VAL CG1  C N N 493 
VAL CG2  C N N 494 
VAL OXT  O N N 495 
VAL H    H N N 496 
VAL H2   H N N 497 
VAL HA   H N N 498 
VAL HB   H N N 499 
VAL HG11 H N N 500 
VAL HG12 H N N 501 
VAL HG13 H N N 502 
VAL HG21 H N N 503 
VAL HG22 H N N 504 
VAL HG23 H N N 505 
VAL HXT  H N N 506 
# 
loop_
_chem_comp_bond.comp_id 
_chem_comp_bond.atom_id_1 
_chem_comp_bond.atom_id_2 
_chem_comp_bond.value_order 
_chem_comp_bond.pdbx_aromatic_flag 
_chem_comp_bond.pdbx_stereo_config 
_chem_comp_bond.pdbx_ordinal 
ALA N   CA   sing N N 1   
ALA N   H    sing N N 2   
ALA N   H2   sing N N 3   
ALA CA  C    sing N N 4   
ALA CA  CB   sing N N 5   
ALA CA  HA   sing N N 6   
ALA C   O    doub N N 7   
ALA C   OXT  sing N N 8   
ALA CB  HB1  sing N N 9   
ALA CB  HB2  sing N N 10  
ALA CB  HB3  sing N N 11  
ALA OXT HXT  sing N N 12  
ARG N   CA   sing N N 13  
ARG N   H    sing N N 14  
ARG N   H2   sing N N 15  
ARG CA  C    sing N N 16  
ARG CA  CB   sing N N 17  
ARG CA  HA   sing N N 18  
ARG C   O    doub N N 19  
ARG C   OXT  sing N N 20  
ARG CB  CG   sing N N 21  
ARG CB  HB2  sing N N 22  
ARG CB  HB3  sing N N 23  
ARG CG  CD   sing N N 24  
ARG CG  HG2  sing N N 25  
ARG CG  HG3  sing N N 26  
ARG CD  NE   sing N N 27  
ARG CD  HD2  sing N N 28  
ARG CD  HD3  sing N N 29  
ARG NE  CZ   sing N N 30  
ARG NE  HE   sing N N 31  
ARG CZ  NH1  sing N N 32  
ARG CZ  NH2  doub N N 33  
ARG NH1 HH11 sing N N 34  
ARG NH1 HH12 sing N N 35  
ARG NH2 HH21 sing N N 36  
ARG NH2 HH22 sing N N 37  
ARG OXT HXT  sing N N 38  
ASN N   CA   sing N N 39  
ASN N   H    sing N N 40  
ASN N   H2   sing N N 41  
ASN CA  C    sing N N 42  
ASN CA  CB   sing N N 43  
ASN CA  HA   sing N N 44  
ASN C   O    doub N N 45  
ASN C   OXT  sing N N 46  
ASN CB  CG   sing N N 47  
ASN CB  HB2  sing N N 48  
ASN CB  HB3  sing N N 49  
ASN CG  OD1  doub N N 50  
ASN CG  ND2  sing N N 51  
ASN ND2 HD21 sing N N 52  
ASN ND2 HD22 sing N N 53  
ASN OXT HXT  sing N N 54  
ASP N   CA   sing N N 55  
ASP N   H    sing N N 56  
ASP N   H2   sing N N 57  
ASP CA  C    sing N N 58  
ASP CA  CB   sing N N 59  
ASP CA  HA   sing N N 60  
ASP C   O    doub N N 61  
ASP C   OXT  sing N N 62  
ASP CB  CG   sing N N 63  
ASP CB  HB2  sing N N 64  
ASP CB  HB3  sing N N 65  
ASP CG  OD1  doub N N 66  
ASP CG  OD2  sing N N 67  
ASP OD2 HD2  sing N N 68  
ASP OXT HXT  sing N N 69  
GLN N   CA   sing N N 70  
GLN N   H    sing N N 71  
GLN N   H2   sing N N 72  
GLN CA  C    sing N N 73  
GLN CA  CB   sing N N 74  
GLN CA  HA   sing N N 75  
GLN C   O    doub N N 76  
GLN C   OXT  sing N N 77  
GLN CB  CG   sing N N 78  
GLN CB  HB2  sing N N 79  
GLN CB  HB3  sing N N 80  
GLN CG  CD   sing N N 81  
GLN CG  HG2  sing N N 82  
GLN CG  HG3  sing N N 83  
GLN CD  OE1  doub N N 84  
GLN CD  NE2  sing N N 85  
GLN NE2 HE21 sing N N 86  
GLN NE2 HE22 sing N N 87  
GLN OXT HXT  sing N N 88  
GLU N   CA   sing N N 89  
GLU N   H    sing N N 90  
GLU N   H2   sing N N 91  
GLU CA  C    sing N N 92  
GLU CA  CB   sing N N 93  
GLU CA  HA   sing N N 94  
GLU C   O    doub N N 95  
GLU C   OXT  sing N N 96  
GLU CB  CG   sing N N 97  
GLU CB  HB2  sing N N 98  
GLU CB  HB3  sing N N 99  
GLU CG  CD   sing N N 100 
GLU CG  HG2  sing N N 101 
GLU CG  HG3  sing N N 102 
GLU CD  OE1  doub N N 103 
GLU CD  OE2  sing N N 104 
GLU OE2 HE2  sing N N 105 
GLU OXT HXT  sing N N 106 
GLY N   CA   sing N N 107 
GLY N   H    sing N N 108 
GLY N   H2   sing N N 109 
GLY CA  C    sing N N 110 
GLY CA  HA2  sing N N 111 
GLY CA  HA3  sing N N 112 
GLY C   O    doub N N 113 
GLY C   OXT  sing N N 114 
GLY OXT HXT  sing N N 115 
HIS N   CA   sing N N 116 
HIS N   H    sing N N 117 
HIS N   H2   sing N N 118 
HIS CA  C    sing N N 119 
HIS CA  CB   sing N N 120 
HIS CA  HA   sing N N 121 
HIS C   O    doub N N 122 
HIS C   OXT  sing N N 123 
HIS CB  CG   sing N N 124 
HIS CB  HB2  sing N N 125 
HIS CB  HB3  sing N N 126 
HIS CG  ND1  sing Y N 127 
HIS CG  CD2  doub Y N 128 
HIS ND1 CE1  doub Y N 129 
HIS ND1 HD1  sing N N 130 
HIS CD2 NE2  sing Y N 131 
HIS CD2 HD2  sing N N 132 
HIS CE1 NE2  sing Y N 133 
HIS CE1 HE1  sing N N 134 
HIS NE2 HE2  sing N N 135 
HIS OXT HXT  sing N N 136 
HOH O   H1   sing N N 137 
HOH O   H2   sing N N 138 
ILE N   CA   sing N N 139 
ILE N   H    sing N N 140 
ILE N   H2   sing N N 141 
ILE CA  C    sing N N 142 
ILE CA  CB   sing N N 143 
ILE CA  HA   sing N N 144 
ILE C   O    doub N N 145 
ILE C   OXT  sing N N 146 
ILE CB  CG1  sing N N 147 
ILE CB  CG2  sing N N 148 
ILE CB  HB   sing N N 149 
ILE CG1 CD1  sing N N 150 
ILE CG1 HG12 sing N N 151 
ILE CG1 HG13 sing N N 152 
ILE CG2 HG21 sing N N 153 
ILE CG2 HG22 sing N N 154 
ILE CG2 HG23 sing N N 155 
ILE CD1 HD11 sing N N 156 
ILE CD1 HD12 sing N N 157 
ILE CD1 HD13 sing N N 158 
ILE OXT HXT  sing N N 159 
LEU N   CA   sing N N 160 
LEU N   H    sing N N 161 
LEU N   H2   sing N N 162 
LEU CA  C    sing N N 163 
LEU CA  CB   sing N N 164 
LEU CA  HA   sing N N 165 
LEU C   O    doub N N 166 
LEU C   OXT  sing N N 167 
LEU CB  CG   sing N N 168 
LEU CB  HB2  sing N N 169 
LEU CB  HB3  sing N N 170 
LEU CG  CD1  sing N N 171 
LEU CG  CD2  sing N N 172 
LEU CG  HG   sing N N 173 
LEU CD1 HD11 sing N N 174 
LEU CD1 HD12 sing N N 175 
LEU CD1 HD13 sing N N 176 
LEU CD2 HD21 sing N N 177 
LEU CD2 HD22 sing N N 178 
LEU CD2 HD23 sing N N 179 
LEU OXT HXT  sing N N 180 
LYS N   CA   sing N N 181 
LYS N   H    sing N N 182 
LYS N   H2   sing N N 183 
LYS CA  C    sing N N 184 
LYS CA  CB   sing N N 185 
LYS CA  HA   sing N N 186 
LYS C   O    doub N N 187 
LYS C   OXT  sing N N 188 
LYS CB  CG   sing N N 189 
LYS CB  HB2  sing N N 190 
LYS CB  HB3  sing N N 191 
LYS CG  CD   sing N N 192 
LYS CG  HG2  sing N N 193 
LYS CG  HG3  sing N N 194 
LYS CD  CE   sing N N 195 
LYS CD  HD2  sing N N 196 
LYS CD  HD3  sing N N 197 
LYS CE  NZ   sing N N 198 
LYS CE  HE2  sing N N 199 
LYS CE  HE3  sing N N 200 
LYS NZ  HZ1  sing N N 201 
LYS NZ  HZ2  sing N N 202 
LYS NZ  HZ3  sing N N 203 
LYS OXT HXT  sing N N 204 
MET N   CA   sing N N 205 
MET N   H    sing N N 206 
MET N   H2   sing N N 207 
MET CA  C    sing N N 208 
MET CA  CB   sing N N 209 
MET CA  HA   sing N N 210 
MET C   O    doub N N 211 
MET C   OXT  sing N N 212 
MET CB  CG   sing N N 213 
MET CB  HB2  sing N N 214 
MET CB  HB3  sing N N 215 
MET CG  SD   sing N N 216 
MET CG  HG2  sing N N 217 
MET CG  HG3  sing N N 218 
MET SD  CE   sing N N 219 
MET CE  HE1  sing N N 220 
MET CE  HE2  sing N N 221 
MET CE  HE3  sing N N 222 
MET OXT HXT  sing N N 223 
NAP PA  O1A  doub N N 224 
NAP PA  O2A  sing N N 225 
NAP PA  O5B  sing N N 226 
NAP PA  O3   sing N N 227 
NAP O2A HOA2 sing N N 228 
NAP O5B C5B  sing N N 229 
NAP C5B C4B  sing N N 230 
NAP C5B H51A sing N N 231 
NAP C5B H52A sing N N 232 
NAP C4B O4B  sing N N 233 
NAP C4B C3B  sing N N 234 
NAP C4B H4B  sing N N 235 
NAP O4B C1B  sing N N 236 
NAP C3B O3B  sing N N 237 
NAP C3B C2B  sing N N 238 
NAP C3B H3B  sing N N 239 
NAP O3B HO3A sing N N 240 
NAP C2B O2B  sing N N 241 
NAP C2B C1B  sing N N 242 
NAP C2B H2B  sing N N 243 
NAP O2B P2B  sing N N 244 
NAP C1B N9A  sing N N 245 
NAP C1B H1B  sing N N 246 
NAP N9A C8A  sing Y N 247 
NAP N9A C4A  sing Y N 248 
NAP C8A N7A  doub Y N 249 
NAP C8A H8A  sing N N 250 
NAP N7A C5A  sing Y N 251 
NAP C5A C6A  sing Y N 252 
NAP C5A C4A  doub Y N 253 
NAP C6A N6A  sing N N 254 
NAP C6A N1A  doub Y N 255 
NAP N6A H61A sing N N 256 
NAP N6A H62A sing N N 257 
NAP N1A C2A  sing Y N 258 
NAP C2A N3A  doub Y N 259 
NAP C2A H2A  sing N N 260 
NAP N3A C4A  sing Y N 261 
NAP O3  PN   sing N N 262 
NAP PN  O1N  doub N N 263 
NAP PN  O2N  sing N N 264 
NAP PN  O5D  sing N N 265 
NAP O5D C5D  sing N N 266 
NAP C5D C4D  sing N N 267 
NAP C5D H51N sing N N 268 
NAP C5D H52N sing N N 269 
NAP C4D O4D  sing N N 270 
NAP C4D C3D  sing N N 271 
NAP C4D H4D  sing N N 272 
NAP O4D C1D  sing N N 273 
NAP C3D O3D  sing N N 274 
NAP C3D C2D  sing N N 275 
NAP C3D H3D  sing N N 276 
NAP O3D HO3N sing N N 277 
NAP C2D O2D  sing N N 278 
NAP C2D C1D  sing N N 279 
NAP C2D H2D  sing N N 280 
NAP O2D HO2N sing N N 281 
NAP C1D N1N  sing N N 282 
NAP C1D H1D  sing N N 283 
NAP N1N C2N  sing Y N 284 
NAP N1N C6N  doub Y N 285 
NAP C2N C3N  doub Y N 286 
NAP C2N H2N  sing N N 287 
NAP C3N C7N  sing N N 288 
NAP C3N C4N  sing Y N 289 
NAP C7N O7N  doub N N 290 
NAP C7N N7N  sing N N 291 
NAP N7N H71N sing N N 292 
NAP N7N H72N sing N N 293 
NAP C4N C5N  doub Y N 294 
NAP C4N H4N  sing N N 295 
NAP C5N C6N  sing Y N 296 
NAP C5N H5N  sing N N 297 
NAP C6N H6N  sing N N 298 
NAP P2B O1X  doub N N 299 
NAP P2B O2X  sing N N 300 
NAP P2B O3X  sing N N 301 
NAP O2X HOP2 sing N N 302 
NAP O3X HOP3 sing N N 303 
PHE N   CA   sing N N 304 
PHE N   H    sing N N 305 
PHE N   H2   sing N N 306 
PHE CA  C    sing N N 307 
PHE CA  CB   sing N N 308 
PHE CA  HA   sing N N 309 
PHE C   O    doub N N 310 
PHE C   OXT  sing N N 311 
PHE CB  CG   sing N N 312 
PHE CB  HB2  sing N N 313 
PHE CB  HB3  sing N N 314 
PHE CG  CD1  doub Y N 315 
PHE CG  CD2  sing Y N 316 
PHE CD1 CE1  sing Y N 317 
PHE CD1 HD1  sing N N 318 
PHE CD2 CE2  doub Y N 319 
PHE CD2 HD2  sing N N 320 
PHE CE1 CZ   doub Y N 321 
PHE CE1 HE1  sing N N 322 
PHE CE2 CZ   sing Y N 323 
PHE CE2 HE2  sing N N 324 
PHE CZ  HZ   sing N N 325 
PHE OXT HXT  sing N N 326 
PRO N   CA   sing N N 327 
PRO N   CD   sing N N 328 
PRO N   H    sing N N 329 
PRO CA  C    sing N N 330 
PRO CA  CB   sing N N 331 
PRO CA  HA   sing N N 332 
PRO C   O    doub N N 333 
PRO C   OXT  sing N N 334 
PRO CB  CG   sing N N 335 
PRO CB  HB2  sing N N 336 
PRO CB  HB3  sing N N 337 
PRO CG  CD   sing N N 338 
PRO CG  HG2  sing N N 339 
PRO CG  HG3  sing N N 340 
PRO CD  HD2  sing N N 341 
PRO CD  HD3  sing N N 342 
PRO OXT HXT  sing N N 343 
SER N   CA   sing N N 344 
SER N   H    sing N N 345 
SER N   H2   sing N N 346 
SER CA  C    sing N N 347 
SER CA  CB   sing N N 348 
SER CA  HA   sing N N 349 
SER C   O    doub N N 350 
SER C   OXT  sing N N 351 
SER CB  OG   sing N N 352 
SER CB  HB2  sing N N 353 
SER CB  HB3  sing N N 354 
SER OG  HG   sing N N 355 
SER OXT HXT  sing N N 356 
THR N   CA   sing N N 357 
THR N   H    sing N N 358 
THR N   H2   sing N N 359 
THR CA  C    sing N N 360 
THR CA  CB   sing N N 361 
THR CA  HA   sing N N 362 
THR C   O    doub N N 363 
THR C   OXT  sing N N 364 
THR CB  OG1  sing N N 365 
THR CB  CG2  sing N N 366 
THR CB  HB   sing N N 367 
THR OG1 HG1  sing N N 368 
THR CG2 HG21 sing N N 369 
THR CG2 HG22 sing N N 370 
THR CG2 HG23 sing N N 371 
THR OXT HXT  sing N N 372 
TRP N   CA   sing N N 373 
TRP N   H    sing N N 374 
TRP N   H2   sing N N 375 
TRP CA  C    sing N N 376 
TRP CA  CB   sing N N 377 
TRP CA  HA   sing N N 378 
TRP C   O    doub N N 379 
TRP C   OXT  sing N N 380 
TRP CB  CG   sing N N 381 
TRP CB  HB2  sing N N 382 
TRP CB  HB3  sing N N 383 
TRP CG  CD1  doub Y N 384 
TRP CG  CD2  sing Y N 385 
TRP CD1 NE1  sing Y N 386 
TRP CD1 HD1  sing N N 387 
TRP CD2 CE2  doub Y N 388 
TRP CD2 CE3  sing Y N 389 
TRP NE1 CE2  sing Y N 390 
TRP NE1 HE1  sing N N 391 
TRP CE2 CZ2  sing Y N 392 
TRP CE3 CZ3  doub Y N 393 
TRP CE3 HE3  sing N N 394 
TRP CZ2 CH2  doub Y N 395 
TRP CZ2 HZ2  sing N N 396 
TRP CZ3 CH2  sing Y N 397 
TRP CZ3 HZ3  sing N N 398 
TRP CH2 HH2  sing N N 399 
TRP OXT HXT  sing N N 400 
TYR N   CA   sing N N 401 
TYR N   H    sing N N 402 
TYR N   H2   sing N N 403 
TYR CA  C    sing N N 404 
TYR CA  CB   sing N N 405 
TYR CA  HA   sing N N 406 
TYR C   O    doub N N 407 
TYR C   OXT  sing N N 408 
TYR CB  CG   sing N N 409 
TYR CB  HB2  sing N N 410 
TYR CB  HB3  sing N N 411 
TYR CG  CD1  doub Y N 412 
TYR CG  CD2  sing Y N 413 
TYR CD1 CE1  sing Y N 414 
TYR CD1 HD1  sing N N 415 
TYR CD2 CE2  doub Y N 416 
TYR CD2 HD2  sing N N 417 
TYR CE1 CZ   doub Y N 418 
TYR CE1 HE1  sing N N 419 
TYR CE2 CZ   sing Y N 420 
TYR CE2 HE2  sing N N 421 
TYR CZ  OH   sing N N 422 
TYR OH  HH   sing N N 423 
TYR OXT HXT  sing N N 424 
UC9 OBF CBD  doub N N 425 
UC9 OBE CBD  sing N N 426 
UC9 CBD CAZ  sing N N 427 
UC9 CAY CAZ  doub Y N 428 
UC9 CAY CAX  sing Y N 429 
UC9 CAZ CBA  sing Y N 430 
UC9 NAG C6   sing N N 431 
UC9 N1  C6   doub Y N 432 
UC9 N1  C2   sing Y N 433 
UC9 CAX CAT  doub Y N 434 
UC9 CBA CBB  doub Y N 435 
UC9 NAH C2   sing N N 436 
UC9 C6  C5   sing Y N 437 
UC9 C2  N3   doub Y N 438 
UC9 CAT CBB  sing Y N 439 
UC9 CAT CAP  sing N N 440 
UC9 C5  CAJ  sing N N 441 
UC9 C5  C4   doub Y N 442 
UC9 N3  C4   sing Y N 443 
UC9 CAJ CAL  trip N N 444 
UC9 CAO CAP  doub Y N 445 
UC9 CAO CAN  sing Y N 446 
UC9 C4  CAI  sing N N 447 
UC9 CAL CAM  sing N N 448 
UC9 CAP CAQ  sing Y N 449 
UC9 CAK CAI  sing N N 450 
UC9 CAM CAN  sing N N 451 
UC9 CAM CBC  sing N N 452 
UC9 CAN CAS  doub Y N 453 
UC9 CAQ OAU  sing N N 454 
UC9 CAQ CAR  doub Y N 455 
UC9 OAU CAV  sing N N 456 
UC9 CAS CAR  sing Y N 457 
UC9 CAR OAW  sing N N 458 
UC9 CAV OAW  sing N N 459 
UC9 CAK H1   sing N N 460 
UC9 CAK H2   sing N N 461 
UC9 CAK H3   sing N N 462 
UC9 CAI H4   sing N N 463 
UC9 CAI H5   sing N N 464 
UC9 NAH H6   sing N N 465 
UC9 NAH H7   sing N N 466 
UC9 NAG H8   sing N N 467 
UC9 NAG H9   sing N N 468 
UC9 CAM H10  sing N N 469 
UC9 CBC H11  sing N N 470 
UC9 CBC H12  sing N N 471 
UC9 CBC H13  sing N N 472 
UC9 CAO H14  sing N N 473 
UC9 CAS H15  sing N N 474 
UC9 CAV H16  sing N N 475 
UC9 CAV H17  sing N N 476 
UC9 CAX H18  sing N N 477 
UC9 CAY H19  sing N N 478 
UC9 OBE H20  sing N N 479 
UC9 CBA H21  sing N N 480 
UC9 CBB H22  sing N N 481 
VAL N   CA   sing N N 482 
VAL N   H    sing N N 483 
VAL N   H2   sing N N 484 
VAL CA  C    sing N N 485 
VAL CA  CB   sing N N 486 
VAL CA  HA   sing N N 487 
VAL C   O    doub N N 488 
VAL C   OXT  sing N N 489 
VAL CB  CG1  sing N N 490 
VAL CB  CG2  sing N N 491 
VAL CB  HB   sing N N 492 
VAL CG1 HG11 sing N N 493 
VAL CG1 HG12 sing N N 494 
VAL CG1 HG13 sing N N 495 
VAL CG2 HG21 sing N N 496 
VAL CG2 HG22 sing N N 497 
VAL CG2 HG23 sing N N 498 
VAL OXT HXT  sing N N 499 
# 
_pdbx_audit_support.funding_organization   
'National Institutes of Health/National Institute Of Allergy and Infectious Diseases (NIH/NIAID)' 
_pdbx_audit_support.country                'United States' 
_pdbx_audit_support.grant_number           AI111957 
_pdbx_audit_support.ordinal                1 
# 
_atom_sites.entry_id                    5JG0 
_atom_sites.fract_transf_matrix[1][1]   0.00097025 
_atom_sites.fract_transf_matrix[1][2]   0.00745667 
_atom_sites.fract_transf_matrix[1][3]   -0.01256068 
_atom_sites.fract_transf_matrix[2][1]   -0.00417819 
_atom_sites.fract_transf_matrix[2][2]   0.01402107 
_atom_sites.fract_transf_matrix[2][3]   -0.00053087 
_atom_sites.fract_transf_matrix[3][1]   0.00871511 
_atom_sites.fract_transf_matrix[3][2]   0.00268283 
_atom_sites.fract_transf_matrix[3][3]   0.00226587 
_atom_sites.fract_transf_vector[1]      -0.229283 
_atom_sites.fract_transf_vector[2]      -0.401523 
_atom_sites.fract_transf_vector[3]      0.022409 
# 
loop_
_atom_type.symbol 
C 
N 
O 
P 
S 
# 
loop_
_atom_site.group_PDB 
_atom_site.id 
_atom_site.type_symbol 
_atom_site.label_atom_id 
_atom_site.label_alt_id 
_atom_site.label_comp_id 
_atom_site.label_asym_id 
_atom_site.label_entity_id 
_atom_site.label_seq_id 
_atom_site.pdbx_PDB_ins_code 
_atom_site.Cartn_x 
_atom_site.Cartn_y 
_atom_site.Cartn_z 
_atom_site.occupancy 
_atom_site.B_iso_or_equiv 
_atom_site.pdbx_formal_charge 
_atom_site.auth_seq_id 
_atom_site.auth_comp_id 
_atom_site.auth_asym_id 
_atom_site.auth_atom_id 
_atom_site.pdbx_PDB_model_num 
ATOM   1    N N   . THR A 1 1   ? -15.107 -1.813  -4.797  1.00 38.07 ? 1   THR X N   1 
ATOM   2    C CA  . THR A 1 1   ? -14.305 -0.648  -4.449  1.00 40.26 ? 1   THR X CA  1 
ATOM   3    C C   . THR A 1 1   ? -12.822 -0.887  -4.759  1.00 34.54 ? 1   THR X C   1 
ATOM   4    O O   . THR A 1 1   ? -12.284 -1.965  -4.492  1.00 30.59 ? 1   THR X O   1 
ATOM   5    C CB  . THR A 1 1   ? -14.473 -0.288  -2.962  1.00 42.59 ? 1   THR X CB  1 
ATOM   6    O OG1 . THR A 1 1   ? -15.863 -0.081  -2.681  1.00 47.93 ? 1   THR X OG1 1 
ATOM   7    C CG2 . THR A 1 1   ? -13.694 0.977   -2.612  1.00 34.74 ? 1   THR X CG2 1 
ATOM   8    N N   . LEU A 1 2   ? -12.179 0.119   -5.341  1.00 31.84 ? 2   LEU X N   1 
ATOM   9    C CA  . LEU A 1 2   ? -10.749 0.078   -5.602  1.00 26.52 ? 2   LEU X CA  1 
ATOM   10   C C   . LEU A 1 2   ? -10.049 1.133   -4.749  1.00 22.06 ? 2   LEU X C   1 
ATOM   11   O O   . LEU A 1 2   ? -10.325 2.322   -4.891  1.00 24.70 ? 2   LEU X O   1 
ATOM   12   C CB  . LEU A 1 2   ? -10.475 0.321   -7.079  1.00 25.60 ? 2   LEU X CB  1 
ATOM   13   C CG  . LEU A 1 2   ? -9.049  0.154   -7.582  1.00 31.44 ? 2   LEU X CG  1 
ATOM   14   C CD1 . LEU A 1 2   ? -8.590  -1.277  -7.404  1.00 28.85 ? 2   LEU X CD1 1 
ATOM   15   C CD2 . LEU A 1 2   ? -8.987  0.571   -9.048  1.00 36.55 ? 2   LEU X CD2 1 
ATOM   16   N N   . SER A 1 3   ? -9.154  0.687   -3.875  1.00 22.42 ? 3   SER X N   1 
ATOM   17   C CA  . SER A 1 3   ? -8.499  1.565   -2.902  1.00 20.91 ? 3   SER X CA  1 
ATOM   18   C C   . SER A 1 3   ? -6.975  1.484   -2.992  1.00 23.70 ? 3   SER X C   1 
ATOM   19   O O   . SER A 1 3   ? -6.421  0.437   -3.320  1.00 26.90 ? 3   SER X O   1 
ATOM   20   C CB  . SER A 1 3   ? -8.925  1.188   -1.483  1.00 23.19 ? 3   SER X CB  1 
ATOM   21   O OG  . SER A 1 3   ? -10.343 1.117   -1.365  1.00 25.45 ? 3   SER X OG  1 
ATOM   22   N N   . ILE A 1 4   ? -6.305  2.585   -2.680  1.00 20.60 ? 4   ILE X N   1 
ATOM   23   C CA  . ILE A 1 4   ? -4.879  2.539   -2.402  1.00 18.91 ? 4   ILE X CA  1 
ATOM   24   C C   . ILE A 1 4   ? -4.658  2.282   -0.910  1.00 23.50 ? 4   ILE X C   1 
ATOM   25   O O   . ILE A 1 4   ? -5.429  2.729   -0.057  1.00 17.57 ? 4   ILE X O   1 
ATOM   26   C CB  . ILE A 1 4   ? -4.186  3.849   -2.875  1.00 18.69 ? 4   ILE X CB  1 
ATOM   27   C CG1 . ILE A 1 4   ? -3.760  3.664   -4.340  1.00 17.12 ? 4   ILE X CG1 1 
ATOM   28   C CG2 . ILE A 1 4   ? -2.997  4.234   -1.960  1.00 15.73 ? 4   ILE X CG2 1 
ATOM   29   C CD1 . ILE A 1 4   ? -3.180  4.925   -5.014  1.00 17.87 ? 4   ILE X CD1 1 
ATOM   30   N N   . LEU A 1 5   ? -3.626  1.505   -0.610  1.00 19.81 ? 5   LEU X N   1 
ATOM   31   C CA  . LEU A 1 5   ? -3.211  1.257   0.758   1.00 20.38 ? 5   LEU X CA  1 
ATOM   32   C C   . LEU A 1 5   ? -1.694  1.473   0.844   1.00 20.20 ? 5   LEU X C   1 
ATOM   33   O O   . LEU A 1 5   ? -0.935  0.758   0.200   1.00 17.21 ? 5   LEU X O   1 
ATOM   34   C CB  . LEU A 1 5   ? -3.600  -0.167  1.173   1.00 18.10 ? 5   LEU X CB  1 
ATOM   35   C CG  . LEU A 1 5   ? -3.192  -0.634  2.573   1.00 18.12 ? 5   LEU X CG  1 
ATOM   36   C CD1 . LEU A 1 5   ? -3.755  0.310   3.653   1.00 20.02 ? 5   LEU X CD1 1 
ATOM   37   C CD2 . LEU A 1 5   ? -3.658  -2.080  2.809   1.00 22.18 ? 5   LEU X CD2 1 
ATOM   38   N N   . VAL A 1 6   ? -1.253  2.462   1.623   1.00 15.44 ? 6   VAL X N   1 
ATOM   39   C CA  . VAL A 1 6   ? 0.148   2.889   1.592   1.00 16.07 ? 6   VAL X CA  1 
ATOM   40   C C   . VAL A 1 6   ? 0.554   3.543   2.913   1.00 18.52 ? 6   VAL X C   1 
ATOM   41   O O   . VAL A 1 6   ? -0.261  4.152   3.602   1.00 17.52 ? 6   VAL X O   1 
ATOM   42   C CB  . VAL A 1 6   ? 0.406   3.885   0.420   1.00 13.45 ? 6   VAL X CB  1 
ATOM   43   C CG1 . VAL A 1 6   ? -0.413  5.173   0.638   1.00 18.43 ? 6   VAL X CG1 1 
ATOM   44   C CG2 . VAL A 1 6   ? 1.919   4.214   0.260   1.00 17.44 ? 6   VAL X CG2 1 
ATOM   45   N N   . ALA A 1 7   ? 1.822   3.397   3.268   1.00 17.73 ? 7   ALA X N   1 
ATOM   46   C CA  . ALA A 1 7   ? 2.415   4.195   4.323   1.00 16.48 ? 7   ALA X CA  1 
ATOM   47   C C   . ALA A 1 7   ? 3.494   5.062   3.686   1.00 21.42 ? 7   ALA X C   1 
ATOM   48   O O   . ALA A 1 7   ? 4.350   4.538   2.966   1.00 20.44 ? 7   ALA X O   1 
ATOM   49   C CB  . ALA A 1 7   ? 3.003   3.312   5.420   1.00 17.73 ? 7   ALA X CB  1 
ATOM   50   N N   . HIS A 1 8   ? 3.446   6.378   3.900   1.00 15.20 ? 8   HIS X N   1 
ATOM   51   C CA  . HIS A 1 8   ? 4.509   7.233   3.349   1.00 18.31 ? 8   HIS X CA  1 
ATOM   52   C C   . HIS A 1 8   ? 4.925   8.297   4.346   1.00 21.41 ? 8   HIS X C   1 
ATOM   53   O O   . HIS A 1 8   ? 4.130   8.679   5.214   1.00 19.77 ? 8   HIS X O   1 
ATOM   54   C CB  . HIS A 1 8   ? 4.085   7.850   1.998   1.00 15.55 ? 8   HIS X CB  1 
ATOM   55   C CG  . HIS A 1 8   ? 3.070   8.965   2.076   1.00 17.25 ? 8   HIS X CG  1 
ATOM   56   N ND1 . HIS A 1 8   ? 3.306   10.160  2.724   1.00 15.75 ? 8   HIS X ND1 1 
ATOM   57   C CD2 . HIS A 1 8   ? 1.853   9.091   1.495   1.00 17.68 ? 8   HIS X CD2 1 
ATOM   58   C CE1 . HIS A 1 8   ? 2.259   10.954  2.581   1.00 18.63 ? 8   HIS X CE1 1 
ATOM   59   N NE2 . HIS A 1 8   ? 1.366   10.331  1.831   1.00 21.13 ? 8   HIS X NE2 1 
ATOM   60   N N   . ASP A 1 9   ? 6.175   8.764   4.255   1.00 15.06 ? 9   ASP X N   1 
ATOM   61   C CA  . ASP A 1 9   ? 6.665   9.681   5.273   1.00 15.09 ? 9   ASP X CA  1 
ATOM   62   C C   . ASP A 1 9   ? 6.348   11.126  4.868   1.00 17.96 ? 9   ASP X C   1 
ATOM   63   O O   . ASP A 1 9   ? 5.565   11.359  3.942   1.00 15.87 ? 9   ASP X O   1 
ATOM   64   C CB  . ASP A 1 9   ? 8.171   9.440   5.559   1.00 16.12 ? 9   ASP X CB  1 
ATOM   65   C CG  . ASP A 1 9   ? 9.114   10.129  4.557   1.00 19.85 ? 9   ASP X CG  1 
ATOM   66   O OD1 . ASP A 1 9   ? 8.666   10.709  3.547   1.00 17.43 ? 9   ASP X OD1 1 
ATOM   67   O OD2 . ASP A 1 9   ? 10.335  10.085  4.805   1.00 21.34 ? 9   ASP X OD2 1 
ATOM   68   N N   . LEU A 1 10  ? 6.933   12.087  5.576   1.00 17.88 ? 10  LEU X N   1 
ATOM   69   C CA  . LEU A 1 10  ? 6.600   13.489  5.375   1.00 21.72 ? 10  LEU X CA  1 
ATOM   70   C C   . LEU A 1 10  ? 6.951   13.966  3.975   1.00 26.19 ? 10  LEU X C   1 
ATOM   71   O O   . LEU A 1 10  ? 6.401   14.962  3.505   1.00 21.85 ? 10  LEU X O   1 
ATOM   72   C CB  . LEU A 1 10  ? 7.306   14.360  6.416   1.00 18.49 ? 10  LEU X CB  1 
ATOM   73   C CG  . LEU A 1 10  ? 6.783   14.138  7.836   1.00 22.64 ? 10  LEU X CG  1 
ATOM   74   C CD1 . LEU A 1 10  ? 7.696   14.846  8.806   1.00 24.64 ? 10  LEU X CD1 1 
ATOM   75   C CD2 . LEU A 1 10  ? 5.356   14.655  7.954   1.00 21.79 ? 10  LEU X CD2 1 
ATOM   76   N N   . GLN A 1 11  ? 7.852   13.248  3.310   1.00 20.26 ? 11  GLN X N   1 
ATOM   77   C CA  . GLN A 1 11  ? 8.282   13.634  1.964   1.00 21.00 ? 11  GLN X CA  1 
ATOM   78   C C   . GLN A 1 11  ? 7.802   12.642  0.897   1.00 21.18 ? 11  GLN X C   1 
ATOM   79   O O   . GLN A 1 11  ? 8.225   12.702  -0.261  1.00 18.86 ? 11  GLN X O   1 
ATOM   80   C CB  . GLN A 1 11  ? 9.805   13.793  1.951   1.00 22.38 ? 11  GLN X CB  1 
ATOM   81   C CG  . GLN A 1 11  ? 10.215  14.949  2.869   1.00 34.15 ? 11  GLN X CG  1 
ATOM   82   C CD  . GLN A 1 11  ? 11.708  15.167  2.963   1.00 43.22 ? 11  GLN X CD  1 
ATOM   83   O OE1 . GLN A 1 11  ? 12.493  14.217  3.039   1.00 36.71 ? 11  GLN X OE1 1 
ATOM   84   N NE2 . GLN A 1 11  ? 12.110  16.432  2.959   1.00 41.02 ? 11  GLN X NE2 1 
ATOM   85   N N   . ARG A 1 12  ? 6.873   11.779  1.316   1.00 18.41 ? 12  ARG X N   1 
ATOM   86   C CA  . ARG A 1 12  ? 6.235   10.723  0.515   1.00 15.19 ? 12  ARG X CA  1 
ATOM   87   C C   . ARG A 1 12  ? 7.165   9.545   0.175   1.00 15.65 ? 12  ARG X C   1 
ATOM   88   O O   . ARG A 1 12  ? 6.876   8.785   -0.748  1.00 18.13 ? 12  ARG X O   1 
ATOM   89   C CB  . ARG A 1 12  ? 5.622   11.289  -0.769  1.00 16.92 ? 12  ARG X CB  1 
ATOM   90   C CG  . ARG A 1 12  ? 4.231   11.887  -0.538  1.00 15.74 ? 12  ARG X CG  1 
ATOM   91   C CD  . ARG A 1 12  ? 3.677   12.593  -1.788  1.00 21.09 ? 12  ARG X CD  1 
ATOM   92   N NE  . ARG A 1 12  ? 4.483   13.772  -2.115  1.00 20.17 ? 12  ARG X NE  1 
ATOM   93   C CZ  . ARG A 1 12  ? 5.484   13.808  -2.993  1.00 27.95 ? 12  ARG X CZ  1 
ATOM   94   N NH1 . ARG A 1 12  ? 5.853   12.718  -3.685  1.00 18.58 ? 12  ARG X NH1 1 
ATOM   95   N NH2 . ARG A 1 12  ? 6.140   14.949  -3.156  1.00 26.22 ? 12  ARG X NH2 1 
ATOM   96   N N   . VAL A 1 13  ? 8.249   9.398   0.932   1.00 17.18 ? 13  VAL X N   1 
ATOM   97   C CA  . VAL A 1 13  ? 9.078   8.195   0.838   1.00 16.72 ? 13  VAL X CA  1 
ATOM   98   C C   . VAL A 1 13  ? 8.231   6.984   1.209   1.00 21.20 ? 13  VAL X C   1 
ATOM   99   O O   . VAL A 1 13  ? 7.464   7.048   2.171   1.00 15.25 ? 13  VAL X O   1 
ATOM   100  C CB  . VAL A 1 13  ? 10.303  8.261   1.757   1.00 18.75 ? 13  VAL X CB  1 
ATOM   101  C CG1 . VAL A 1 13  ? 10.944  6.855   1.936   1.00 16.08 ? 13  VAL X CG1 1 
ATOM   102  C CG2 . VAL A 1 13  ? 11.328  9.257   1.218   1.00 17.44 ? 13  VAL X CG2 1 
ATOM   103  N N   . ILE A 1 14  ? 8.344   5.901   0.436   1.00 15.67 ? 14  ILE X N   1 
ATOM   104  C CA  . ILE A 1 14  ? 7.684   4.650   0.813   1.00 14.57 ? 14  ILE X CA  1 
ATOM   105  C C   . ILE A 1 14  ? 8.652   3.474   0.955   1.00 17.52 ? 14  ILE X C   1 
ATOM   106  O O   . ILE A 1 14  ? 8.314   2.451   1.562   1.00 18.73 ? 14  ILE X O   1 
ATOM   107  C CB  . ILE A 1 14  ? 6.581   4.265   -0.197  1.00 18.66 ? 14  ILE X CB  1 
ATOM   108  C CG1 . ILE A 1 14  ? 7.177   4.029   -1.592  1.00 18.28 ? 14  ILE X CG1 1 
ATOM   109  C CG2 . ILE A 1 14  ? 5.500   5.352   -0.239  1.00 19.11 ? 14  ILE X CG2 1 
ATOM   110  C CD1 . ILE A 1 14  ? 6.154   3.435   -2.604  1.00 19.47 ? 14  ILE X CD1 1 
ATOM   111  N N   . GLY A 1 15  ? 9.857   3.605   0.413   1.00 19.41 ? 15  GLY X N   1 
ATOM   112  C CA  . GLY A 1 15  ? 10.748  2.468   0.401   1.00 19.84 ? 15  GLY X CA  1 
ATOM   113  C C   . GLY A 1 15  ? 12.203  2.842   0.268   1.00 20.68 ? 15  GLY X C   1 
ATOM   114  O O   . GLY A 1 15  ? 12.546  3.924   -0.198  1.00 17.58 ? 15  GLY X O   1 
ATOM   115  N N   . PHE A 1 16  ? 13.061  1.929   0.699   1.00 15.35 ? 16  PHE X N   1 
ATOM   116  C CA  . PHE A 1 16  ? 14.503  2.094   0.520   1.00 17.79 ? 16  PHE X CA  1 
ATOM   117  C C   . PHE A 1 16  ? 15.118  0.719   0.349   1.00 23.23 ? 16  PHE X C   1 
ATOM   118  O O   . PHE A 1 16  ? 14.955  -0.142  1.205   1.00 21.88 ? 16  PHE X O   1 
ATOM   119  C CB  . PHE A 1 16  ? 15.136  2.809   1.703   1.00 18.10 ? 16  PHE X CB  1 
ATOM   120  C CG  . PHE A 1 16  ? 16.617  3.068   1.527   1.00 24.32 ? 16  PHE X CG  1 
ATOM   121  C CD1 . PHE A 1 16  ? 17.546  2.459   2.356   1.00 25.93 ? 16  PHE X CD1 1 
ATOM   122  C CD2 . PHE A 1 16  ? 17.071  3.905   0.516   1.00 22.34 ? 16  PHE X CD2 1 
ATOM   123  C CE1 . PHE A 1 16  ? 18.919  2.697   2.188   1.00 29.60 ? 16  PHE X CE1 1 
ATOM   124  C CE2 . PHE A 1 16  ? 18.435  4.151   0.345   1.00 29.77 ? 16  PHE X CE2 1 
ATOM   125  C CZ  . PHE A 1 16  ? 19.357  3.548   1.182   1.00 28.03 ? 16  PHE X CZ  1 
ATOM   126  N N   . GLU A 1 17  ? 15.816  0.533   -0.757  1.00 20.15 ? 17  GLU X N   1 
ATOM   127  C CA  . GLU A 1 17  ? 16.475  -0.739  -1.047  1.00 23.10 ? 17  GLU X CA  1 
ATOM   128  C C   . GLU A 1 17  ? 15.513  -1.918  -0.932  1.00 23.09 ? 17  GLU X C   1 
ATOM   129  O O   . GLU A 1 17  ? 15.812  -2.926  -0.289  1.00 32.11 ? 17  GLU X O   1 
ATOM   130  C CB  . GLU A 1 17  ? 17.688  -0.901  -0.135  1.00 24.13 ? 17  GLU X CB  1 
ATOM   131  C CG  . GLU A 1 17  ? 18.780  0.056   -0.596  1.00 28.59 ? 17  GLU X CG  1 
ATOM   132  C CD  . GLU A 1 17  ? 20.074  -0.043  0.177   1.00 39.05 ? 17  GLU X CD  1 
ATOM   133  O OE1 . GLU A 1 17  ? 20.102  -0.635  1.275   1.00 36.41 ? 17  GLU X OE1 1 
ATOM   134  O OE2 . GLU A 1 17  ? 21.070  0.501   -0.331  1.00 32.45 ? 17  GLU X OE2 1 
ATOM   135  N N   . ASN A 1 18  ? 14.358  -1.762  -1.571  1.00 23.37 ? 18  ASN X N   1 
ATOM   136  C CA  . ASN A 1 18  ? 13.305  -2.786  -1.601  1.00 27.76 ? 18  ASN X CA  1 
ATOM   137  C C   . ASN A 1 18  ? 12.854  -3.248  -0.211  1.00 31.34 ? 18  ASN X C   1 
ATOM   138  O O   . ASN A 1 18  ? 12.446  -4.400  -0.029  1.00 27.01 ? 18  ASN X O   1 
ATOM   139  C CB  . ASN A 1 18  ? 13.767  -3.987  -2.453  1.00 29.58 ? 18  ASN X CB  1 
ATOM   140  C CG  . ASN A 1 18  ? 13.724  -3.689  -3.946  1.00 50.73 ? 18  ASN X CG  1 
ATOM   141  O OD1 . ASN A 1 18  ? 12.814  -3.010  -4.431  1.00 55.49 ? 18  ASN X OD1 1 
ATOM   142  N ND2 . ASN A 1 18  ? 14.722  -4.176  -4.678  1.00 51.66 ? 18  ASN X ND2 1 
ATOM   143  N N   . GLN A 1 19  ? 12.913  -2.335  0.761   1.00 23.23 ? 19  GLN X N   1 
ATOM   144  C CA  . GLN A 1 19  ? 12.376  -2.568  2.106   1.00 24.14 ? 19  GLN X CA  1 
ATOM   145  C C   . GLN A 1 19  ? 11.627  -1.333  2.591   1.00 25.16 ? 19  GLN X C   1 
ATOM   146  O O   . GLN A 1 19  ? 11.763  -0.264  1.998   1.00 21.08 ? 19  GLN X O   1 
ATOM   147  C CB  . GLN A 1 19  ? 13.494  -2.904  3.094   1.00 28.98 ? 19  GLN X CB  1 
ATOM   148  C CG  . GLN A 1 19  ? 14.354  -4.076  2.680   1.00 31.62 ? 19  GLN X CG  1 
ATOM   149  C CD  . GLN A 1 19  ? 15.312  -4.490  3.775   1.00 48.23 ? 19  GLN X CD  1 
ATOM   150  O OE1 . GLN A 1 19  ? 15.024  -4.319  4.960   1.00 61.97 ? 19  GLN X OE1 1 
ATOM   151  N NE2 . GLN A 1 19  ? 16.458  -5.041  3.389   1.00 63.18 ? 19  GLN X NE2 1 
ATOM   152  N N   . LEU A 1 20  ? 10.847  -1.479  3.662   1.00 21.63 ? 20  LEU X N   1 
ATOM   153  C CA  . LEU A 1 20  ? 10.272  -0.319  4.360   1.00 27.24 ? 20  LEU X CA  1 
ATOM   154  C C   . LEU A 1 20  ? 11.379  0.363   5.133   1.00 26.40 ? 20  LEU X C   1 
ATOM   155  O O   . LEU A 1 20  ? 12.215  -0.315  5.722   1.00 25.14 ? 20  LEU X O   1 
ATOM   156  C CB  . LEU A 1 20  ? 9.157   -0.736  5.329   1.00 27.21 ? 20  LEU X CB  1 
ATOM   157  C CG  . LEU A 1 20  ? 8.006   -1.524  4.729   1.00 31.78 ? 20  LEU X CG  1 
ATOM   158  C CD1 . LEU A 1 20  ? 7.092   -2.053  5.841   1.00 33.60 ? 20  LEU X CD1 1 
ATOM   159  C CD2 . LEU A 1 20  ? 7.248   -0.622  3.770   1.00 22.93 ? 20  LEU X CD2 1 
ATOM   160  N N   . PRO A 1 21  ? 11.406  1.707   5.129   1.00 22.58 ? 21  PRO X N   1 
ATOM   161  C CA  . PRO A 1 21  ? 12.485  2.419   5.819   1.00 25.08 ? 21  PRO X CA  1 
ATOM   162  C C   . PRO A 1 21  ? 12.306  2.461   7.329   1.00 28.65 ? 21  PRO X C   1 
ATOM   163  O O   . PRO A 1 21  ? 13.256  2.790   8.046   1.00 32.56 ? 21  PRO X O   1 
ATOM   164  C CB  . PRO A 1 21  ? 12.409  3.844   5.224   1.00 22.04 ? 21  PRO X CB  1 
ATOM   165  C CG  . PRO A 1 21  ? 11.619  3.698   3.952   1.00 23.11 ? 21  PRO X CG  1 
ATOM   166  C CD  . PRO A 1 21  ? 10.619  2.609   4.273   1.00 24.97 ? 21  PRO X CD  1 
ATOM   167  N N   . TRP A 1 22  ? 11.103  2.147   7.805   1.00 22.84 ? 22  TRP X N   1 
ATOM   168  C CA  . TRP A 1 22  ? 10.778  2.264   9.230   1.00 24.35 ? 22  TRP X CA  1 
ATOM   169  C C   . TRP A 1 22  ? 10.245  0.957   9.777   1.00 28.39 ? 22  TRP X C   1 
ATOM   170  O O   . TRP A 1 22  ? 9.782   0.110   9.024   1.00 26.17 ? 22  TRP X O   1 
ATOM   171  C CB  . TRP A 1 22  ? 9.723   3.352   9.477   1.00 21.51 ? 22  TRP X CB  1 
ATOM   172  C CG  . TRP A 1 22  ? 8.584   3.248   8.508   1.00 22.49 ? 22  TRP X CG  1 
ATOM   173  C CD1 . TRP A 1 22  ? 7.517   2.387   8.563   1.00 25.58 ? 22  TRP X CD1 1 
ATOM   174  C CD2 . TRP A 1 22  ? 8.427   4.009   7.304   1.00 20.88 ? 22  TRP X CD2 1 
ATOM   175  N NE1 . TRP A 1 22  ? 6.712   2.569   7.462   1.00 22.07 ? 22  TRP X NE1 1 
ATOM   176  C CE2 . TRP A 1 22  ? 7.251   3.561   6.676   1.00 22.00 ? 22  TRP X CE2 1 
ATOM   177  C CE3 . TRP A 1 22  ? 9.177   5.023   6.692   1.00 20.65 ? 22  TRP X CE3 1 
ATOM   178  C CZ2 . TRP A 1 22  ? 6.797   4.107   5.478   1.00 23.14 ? 22  TRP X CZ2 1 
ATOM   179  C CZ3 . TRP A 1 22  ? 8.727   5.557   5.501   1.00 19.23 ? 22  TRP X CZ3 1 
ATOM   180  C CH2 . TRP A 1 22  ? 7.553   5.101   4.906   1.00 20.05 ? 22  TRP X CH2 1 
ATOM   181  N N   . HIS A 1 23  ? 10.283  0.826   11.099  1.00 37.06 ? 23  HIS X N   1 
ATOM   182  C CA  . HIS A 1 23  ? 9.656   -0.294  11.788  1.00 42.44 ? 23  HIS X CA  1 
ATOM   183  C C   . HIS A 1 23  ? 8.471   0.204   12.618  1.00 33.45 ? 23  HIS X C   1 
ATOM   184  O O   . HIS A 1 23  ? 8.659   0.960   13.570  1.00 38.31 ? 23  HIS X O   1 
ATOM   185  C CB  . HIS A 1 23  ? 10.666  -1.006  12.688  1.00 41.86 ? 23  HIS X CB  1 
ATOM   186  C CG  . HIS A 1 23  ? 10.105  -2.207  13.381  1.00 61.57 ? 23  HIS X CG  1 
ATOM   187  N ND1 . HIS A 1 23  ? 9.657   -3.317  12.696  1.00 67.98 ? 23  HIS X ND1 1 
ATOM   188  C CD2 . HIS A 1 23  ? 9.887   -2.461  14.694  1.00 63.70 ? 23  HIS X CD2 1 
ATOM   189  C CE1 . HIS A 1 23  ? 9.206   -4.211  13.558  1.00 70.52 ? 23  HIS X CE1 1 
ATOM   190  N NE2 . HIS A 1 23  ? 9.332   -3.716  14.777  1.00 68.08 ? 23  HIS X NE2 1 
ATOM   191  N N   . LEU A 1 24  ? 7.255   -0.202  12.259  1.00 26.64 ? 24  LEU X N   1 
ATOM   192  C CA  . LEU A 1 24  ? 6.065   0.315   12.948  1.00 24.50 ? 24  LEU X CA  1 
ATOM   193  C C   . LEU A 1 24  ? 4.949   -0.725  13.049  1.00 29.45 ? 24  LEU X C   1 
ATOM   194  O O   . LEU A 1 24  ? 4.061   -0.777  12.195  1.00 24.82 ? 24  LEU X O   1 
ATOM   195  C CB  . LEU A 1 24  ? 5.542   1.574   12.235  1.00 27.69 ? 24  LEU X CB  1 
ATOM   196  C CG  . LEU A 1 24  ? 4.448   2.368   12.952  1.00 27.20 ? 24  LEU X CG  1 
ATOM   197  C CD1 . LEU A 1 24  ? 4.924   2.794   14.332  1.00 29.70 ? 24  LEU X CD1 1 
ATOM   198  C CD2 . LEU A 1 24  ? 4.035   3.589   12.135  1.00 23.95 ? 24  LEU X CD2 1 
ATOM   199  N N   . PRO A 1 25  ? 4.986   -1.557  14.109  1.00 35.99 ? 25  PRO X N   1 
ATOM   200  C CA  . PRO A 1 25  ? 4.038   -2.670  14.271  1.00 32.50 ? 25  PRO X CA  1 
ATOM   201  C C   . PRO A 1 25  ? 2.564   -2.294  14.138  1.00 27.56 ? 25  PRO X C   1 
ATOM   202  O O   . PRO A 1 25  ? 1.796   -3.051  13.542  1.00 31.12 ? 25  PRO X O   1 
ATOM   203  C CB  . PRO A 1 25  ? 4.346   -3.177  15.689  1.00 31.39 ? 25  PRO X CB  1 
ATOM   204  C CG  . PRO A 1 25  ? 5.802   -2.916  15.838  1.00 34.31 ? 25  PRO X CG  1 
ATOM   205  C CD  . PRO A 1 25  ? 6.037   -1.581  15.141  1.00 32.07 ? 25  PRO X CD  1 
ATOM   206  N N   A ASN A 1 26  ? 2.176   -1.138  14.674  0.57 27.24 ? 26  ASN X N   1 
ATOM   207  N N   B ASN A 1 26  ? 2.183   -1.137  14.671  0.43 27.29 ? 26  ASN X N   1 
ATOM   208  C CA  A ASN A 1 26  ? 0.779   -0.708  14.624  0.57 29.17 ? 26  ASN X CA  1 
ATOM   209  C CA  B ASN A 1 26  ? 0.792   -0.704  14.625  0.43 29.18 ? 26  ASN X CA  1 
ATOM   210  C C   A ASN A 1 26  ? 0.270   -0.495  13.202  0.57 28.91 ? 26  ASN X C   1 
ATOM   211  C C   B ASN A 1 26  ? 0.279   -0.527  13.199  0.43 28.89 ? 26  ASN X C   1 
ATOM   212  O O   A ASN A 1 26  ? -0.928  -0.602  12.938  0.57 28.78 ? 26  ASN X O   1 
ATOM   213  O O   B ASN A 1 26  ? -0.912  -0.691  12.930  0.43 28.78 ? 26  ASN X O   1 
ATOM   214  C CB  A ASN A 1 26  ? 0.587   0.575   15.436  0.57 28.76 ? 26  ASN X CB  1 
ATOM   215  C CB  B ASN A 1 26  ? 0.618   0.603   15.399  0.43 28.76 ? 26  ASN X CB  1 
ATOM   216  C CG  A ASN A 1 26  ? 0.466   0.302   16.923  0.57 33.35 ? 26  ASN X CG  1 
ATOM   217  C CG  B ASN A 1 26  ? -0.834  0.978   15.582  0.43 30.55 ? 26  ASN X CG  1 
ATOM   218  O OD1 A ASN A 1 26  ? 0.533   -0.848  17.355  0.57 34.66 ? 26  ASN X OD1 1 
ATOM   219  O OD1 B ASN A 1 26  ? -1.679  0.127   15.863  0.43 38.97 ? 26  ASN X OD1 1 
ATOM   220  N ND2 A ASN A 1 26  ? 0.300   1.356   17.713  0.57 34.00 ? 26  ASN X ND2 1 
ATOM   221  N ND2 B ASN A 1 26  ? -1.135  2.257   15.422  0.43 29.80 ? 26  ASN X ND2 1 
ATOM   222  N N   . ASP A 1 27  ? 1.182   -0.191  12.285  1.00 27.41 ? 27  ASP X N   1 
ATOM   223  C CA  . ASP A 1 27  ? 0.793   0.003   10.901  1.00 27.21 ? 27  ASP X CA  1 
ATOM   224  C C   . ASP A 1 27  ? 0.577   -1.348  10.224  1.00 21.59 ? 27  ASP X C   1 
ATOM   225  O O   . ASP A 1 27  ? -0.277  -1.490  9.343   1.00 24.64 ? 27  ASP X O   1 
ATOM   226  C CB  . ASP A 1 27  ? 1.835   0.834   10.148  1.00 20.79 ? 27  ASP X CB  1 
ATOM   227  C CG  . ASP A 1 27  ? 1.417   1.094   8.727   1.00 27.67 ? 27  ASP X CG  1 
ATOM   228  O OD1 . ASP A 1 27  ? 2.198   0.771   7.825   1.00 29.44 ? 27  ASP X OD1 1 
ATOM   229  O OD2 . ASP A 1 27  ? 0.290   1.585   8.520   1.00 25.21 ? 27  ASP X OD2 1 
ATOM   230  N N   . LEU A 1 28  ? 1.337   -2.350  10.653  1.00 22.01 ? 28  LEU X N   1 
ATOM   231  C CA  . LEU A 1 28  ? 1.110   -3.700  10.158  1.00 28.90 ? 28  LEU X CA  1 
ATOM   232  C C   . LEU A 1 28  ? -0.273  -4.167  10.595  1.00 25.92 ? 28  LEU X C   1 
ATOM   233  O O   . LEU A 1 28  ? -1.006  -4.757  9.799   1.00 25.26 ? 28  LEU X O   1 
ATOM   234  C CB  . LEU A 1 28  ? 2.189   -4.664  10.652  1.00 29.89 ? 28  LEU X CB  1 
ATOM   235  C CG  . LEU A 1 28  ? 3.324   -4.961  9.676   1.00 43.04 ? 28  LEU X CG  1 
ATOM   236  C CD1 . LEU A 1 28  ? 4.326   -3.807  9.623   1.00 42.14 ? 28  LEU X CD1 1 
ATOM   237  C CD2 . LEU A 1 28  ? 4.003   -6.271  10.058  1.00 47.32 ? 28  LEU X CD2 1 
ATOM   238  N N   . LYS A 1 29  ? -0.627  -3.876  11.848  1.00 25.93 ? 29  LYS X N   1 
ATOM   239  C CA  . LYS A 1 29  ? -1.952  -4.193  12.385  1.00 28.56 ? 29  LYS X CA  1 
ATOM   240  C C   . LYS A 1 29  ? -3.048  -3.540  11.558  1.00 28.43 ? 29  LYS X C   1 
ATOM   241  O O   . LYS A 1 29  ? -4.064  -4.165  11.229  1.00 25.84 ? 29  LYS X O   1 
ATOM   242  C CB  . LYS A 1 29  ? -2.083  -3.731  13.838  1.00 27.69 ? 29  LYS X CB  1 
ATOM   243  C CG  . LYS A 1 29  ? -1.218  -4.475  14.843  1.00 45.91 ? 29  LYS X CG  1 
ATOM   244  C CD  . LYS A 1 29  ? -1.614  -4.075  16.263  1.00 46.61 ? 29  LYS X CD  1 
ATOM   245  C CE  . LYS A 1 29  ? -0.434  -4.132  17.213  1.00 54.18 ? 29  LYS X CE  1 
ATOM   246  N NZ  . LYS A 1 29  ? 0.298   -5.421  17.084  1.00 73.59 ? 29  LYS X NZ  1 
ATOM   247  N N   . HIS A 1 30  ? -2.830  -2.264  11.243  1.00 21.22 ? 30  HIS X N   1 
ATOM   248  C CA  . HIS A 1 30  ? -3.704  -1.483  10.373  1.00 23.05 ? 30  HIS X CA  1 
ATOM   249  C C   . HIS A 1 30  ? -3.944  -2.174  9.033   1.00 25.01 ? 30  HIS X C   1 
ATOM   250  O O   . HIS A 1 30  ? -5.086  -2.321  8.590   1.00 22.85 ? 30  HIS X O   1 
ATOM   251  C CB  . HIS A 1 30  ? -3.081  -0.091  10.151  1.00 22.05 ? 30  HIS X CB  1 
ATOM   252  C CG  . HIS A 1 30  ? -3.904  0.833   9.302   1.00 24.38 ? 30  HIS X CG  1 
ATOM   253  N ND1 . HIS A 1 30  ? -5.157  1.274   9.672   1.00 27.33 ? 30  HIS X ND1 1 
ATOM   254  C CD2 . HIS A 1 30  ? -3.630  1.433   8.118   1.00 24.97 ? 30  HIS X CD2 1 
ATOM   255  C CE1 . HIS A 1 30  ? -5.626  2.095   8.746   1.00 28.35 ? 30  HIS X CE1 1 
ATOM   256  N NE2 . HIS A 1 30  ? -4.717  2.212   7.795   1.00 28.20 ? 30  HIS X NE2 1 
ATOM   257  N N   A VAL A 1 31  ? -2.860  -2.591  8.385   0.50 23.54 ? 31  VAL X N   1 
ATOM   258  N N   B VAL A 1 31  ? -2.861  -2.592  8.384   0.50 23.54 ? 31  VAL X N   1 
ATOM   259  C CA  A VAL A 1 31  ? -2.960  -3.277  7.103   0.50 18.86 ? 31  VAL X CA  1 
ATOM   260  C CA  B VAL A 1 31  ? -2.963  -3.276  7.101   0.50 18.85 ? 31  VAL X CA  1 
ATOM   261  C C   A VAL A 1 31  ? -3.727  -4.591  7.255   0.50 23.57 ? 31  VAL X C   1 
ATOM   262  C C   B VAL A 1 31  ? -3.728  -4.591  7.255   0.50 23.57 ? 31  VAL X C   1 
ATOM   263  O O   A VAL A 1 31  ? -4.603  -4.908  6.449   0.50 23.26 ? 31  VAL X O   1 
ATOM   264  O O   B VAL A 1 31  ? -4.605  -4.910  6.450   0.50 23.26 ? 31  VAL X O   1 
ATOM   265  C CB  A VAL A 1 31  ? -1.566  -3.553  6.509   0.50 23.45 ? 31  VAL X CB  1 
ATOM   266  C CB  B VAL A 1 31  ? -1.571  -3.549  6.501   0.50 23.46 ? 31  VAL X CB  1 
ATOM   267  C CG1 A VAL A 1 31  ? -1.664  -4.514  5.337   0.50 21.82 ? 31  VAL X CG1 1 
ATOM   268  C CG1 B VAL A 1 31  ? -1.670  -4.526  5.342   0.50 21.82 ? 31  VAL X CG1 1 
ATOM   269  C CG2 A VAL A 1 31  ? -0.921  -2.244  6.075   0.50 21.43 ? 31  VAL X CG2 1 
ATOM   270  C CG2 B VAL A 1 31  ? -0.940  -2.242  6.043   0.50 21.42 ? 31  VAL X CG2 1 
ATOM   271  N N   . LYS A 1 32  ? -3.392  -5.335  8.305   1.00 25.46 ? 32  LYS X N   1 
ATOM   272  C CA  . LYS A 1 32  ? -4.064  -6.601  8.624   1.00 28.66 ? 32  LYS X CA  1 
ATOM   273  C C   . LYS A 1 32  ? -5.579  -6.406  8.765   1.00 27.60 ? 32  LYS X C   1 
ATOM   274  O O   . LYS A 1 32  ? -6.377  -7.153  8.189   1.00 26.83 ? 32  LYS X O   1 
ATOM   275  C CB  . LYS A 1 32  ? -3.469  -7.186  9.912   1.00 34.16 ? 32  LYS X CB  1 
ATOM   276  C CG  . LYS A 1 32  ? -4.094  -8.504  10.408  1.00 35.64 ? 32  LYS X CG  1 
ATOM   277  C CD  . LYS A 1 32  ? -3.833  -9.640  9.444   1.00 49.33 ? 32  LYS X CD  1 
ATOM   278  C CE  . LYS A 1 32  ? -4.609  -10.910 9.821   1.00 54.72 ? 32  LYS X CE  1 
ATOM   279  N NZ  . LYS A 1 32  ? -4.703  -11.870 8.664   1.00 30.33 ? 32  LYS X NZ  1 
ATOM   280  N N   . LYS A 1 33  ? -5.970  -5.384  9.517   1.00 28.59 ? 33  LYS X N   1 
ATOM   281  C CA  . LYS A 1 33  ? -7.382  -5.093  9.742   1.00 28.66 ? 33  LYS X CA  1 
ATOM   282  C C   . LYS A 1 33  ? -8.124  -4.724  8.453   1.00 37.81 ? 33  LYS X C   1 
ATOM   283  O O   . LYS A 1 33  ? -9.226  -5.219  8.196   1.00 26.63 ? 33  LYS X O   1 
ATOM   284  C CB  . LYS A 1 33  ? -7.521  -3.974  10.776  1.00 36.19 ? 33  LYS X CB  1 
ATOM   285  C CG  . LYS A 1 33  ? -8.859  -3.250  10.756  1.00 54.71 ? 33  LYS X CG  1 
ATOM   286  C CD  . LYS A 1 33  ? -8.832  -1.995  11.629  1.00 65.29 ? 33  LYS X CD  1 
ATOM   287  C CE  . LYS A 1 33  ? -9.105  -0.738  10.810  1.00 55.34 ? 33  LYS X CE  1 
ATOM   288  N NZ  . LYS A 1 33  ? -10.308 -0.894  9.946   1.00 63.84 ? 33  LYS X NZ  1 
ATOM   289  N N   . LEU A 1 34  ? -7.521  -3.864  7.639   1.00 26.53 ? 34  LEU X N   1 
ATOM   290  C CA  . LEU A 1 34  ? -8.153  -3.407  6.412   1.00 25.40 ? 34  LEU X CA  1 
ATOM   291  C C   . LEU A 1 34  ? -8.243  -4.473  5.321   1.00 27.02 ? 34  LEU X C   1 
ATOM   292  O O   . LEU A 1 34  ? -9.243  -4.525  4.593   1.00 23.45 ? 34  LEU X O   1 
ATOM   293  C CB  . LEU A 1 34  ? -7.404  -2.184  5.846   1.00 28.47 ? 34  LEU X CB  1 
ATOM   294  C CG  . LEU A 1 34  ? -7.676  -0.814  6.474   1.00 29.06 ? 34  LEU X CG  1 
ATOM   295  C CD1 . LEU A 1 34  ? -6.755  0.265   5.893   1.00 23.41 ? 34  LEU X CD1 1 
ATOM   296  C CD2 . LEU A 1 34  ? -9.128  -0.427  6.308   1.00 33.95 ? 34  LEU X CD2 1 
ATOM   297  N N   . SER A 1 35  ? -7.213  -5.311  5.187   1.00 23.22 ? 35  SER X N   1 
ATOM   298  C CA  . SER A 1 35  ? -7.119  -6.136  3.986   1.00 26.30 ? 35  SER X CA  1 
ATOM   299  C C   . SER A 1 35  ? -7.421  -7.620  4.186   1.00 26.04 ? 35  SER X C   1 
ATOM   300  O O   . SER A 1 35  ? -7.563  -8.336  3.202   1.00 25.49 ? 35  SER X O   1 
ATOM   301  C CB  . SER A 1 35  ? -5.730  -6.007  3.351   1.00 22.41 ? 35  SER X CB  1 
ATOM   302  O OG  . SER A 1 35  ? -4.736  -6.518  4.215   1.00 24.15 ? 35  SER X OG  1 
ATOM   303  N N   . THR A 1 36  ? -7.501  -8.087  5.428   1.00 37.16 ? 36  THR X N   1 
ATOM   304  C CA  . THR A 1 36  ? -7.874  -9.486  5.661   1.00 30.52 ? 36  THR X CA  1 
ATOM   305  C C   . THR A 1 36  ? -9.258  -9.724  5.069   1.00 30.36 ? 36  THR X C   1 
ATOM   306  O O   . THR A 1 36  ? -10.165 -8.905  5.232   1.00 27.72 ? 36  THR X O   1 
ATOM   307  C CB  . THR A 1 36  ? -7.845  -9.853  7.150   1.00 36.11 ? 36  THR X CB  1 
ATOM   308  O OG1 . THR A 1 36  ? -6.504  -9.734  7.638   1.00 35.56 ? 36  THR X OG1 1 
ATOM   309  C CG2 . THR A 1 36  ? -8.316  -11.292 7.366   1.00 39.44 ? 36  THR X CG2 1 
ATOM   310  N N   . GLY A 1 37  ? -9.400  -10.813 4.320   1.00 30.63 ? 37  GLY X N   1 
ATOM   311  C CA  . GLY A 1 37  ? -10.660 -11.128 3.671   1.00 27.72 ? 37  GLY X CA  1 
ATOM   312  C C   . GLY A 1 37  ? -10.876 -10.426 2.351   1.00 37.51 ? 37  GLY X C   1 
ATOM   313  O O   . GLY A 1 37  ? -11.912 -10.596 1.709   1.00 32.79 ? 37  GLY X O   1 
ATOM   314  N N   . HIS A 1 38  ? -9.904  -9.625  1.924   1.00 30.17 ? 38  HIS X N   1 
ATOM   315  C CA  . HIS A 1 38  ? -10.078 -8.886  0.682   1.00 26.31 ? 38  HIS X CA  1 
ATOM   316  C C   . HIS A 1 38  ? -8.926  -9.189  -0.272  1.00 28.68 ? 38  HIS X C   1 
ATOM   317  O O   . HIS A 1 38  ? -8.300  -10.226 -0.144  1.00 31.41 ? 38  HIS X O   1 
ATOM   318  C CB  . HIS A 1 38  ? -10.213 -7.396  0.994   1.00 27.37 ? 38  HIS X CB  1 
ATOM   319  C CG  . HIS A 1 38  ? -11.335 -7.108  1.942   1.00 31.42 ? 38  HIS X CG  1 
ATOM   320  N ND1 . HIS A 1 38  ? -12.661 -7.229  1.577   1.00 34.61 ? 38  HIS X ND1 1 
ATOM   321  C CD2 . HIS A 1 38  ? -11.334 -6.750  3.249   1.00 34.95 ? 38  HIS X CD2 1 
ATOM   322  C CE1 . HIS A 1 38  ? -13.429 -6.938  2.614   1.00 34.74 ? 38  HIS X CE1 1 
ATOM   323  N NE2 . HIS A 1 38  ? -12.651 -6.648  3.642   1.00 30.66 ? 38  HIS X NE2 1 
ATOM   324  N N   . THR A 1 39  ? -8.652  -8.291  -1.211  1.00 27.25 ? 39  THR X N   1 
ATOM   325  C CA  . THR A 1 39  ? -7.645  -8.535  -2.250  1.00 26.14 ? 39  THR X CA  1 
ATOM   326  C C   . THR A 1 39  ? -6.547  -7.466  -2.235  1.00 31.08 ? 39  THR X C   1 
ATOM   327  O O   . THR A 1 39  ? -6.841  -6.273  -2.123  1.00 24.89 ? 39  THR X O   1 
ATOM   328  C CB  . THR A 1 39  ? -8.292  -8.572  -3.656  1.00 28.55 ? 39  THR X CB  1 
ATOM   329  O OG1 . THR A 1 39  ? -9.207  -9.675  -3.749  1.00 29.55 ? 39  THR X OG1 1 
ATOM   330  C CG2 . THR A 1 39  ? -7.241  -8.691  -4.758  1.00 26.74 ? 39  THR X CG2 1 
ATOM   331  N N   . LEU A 1 40  ? -5.293  -7.904  -2.331  1.00 22.51 ? 40  LEU X N   1 
ATOM   332  C CA  . LEU A 1 40  ? -4.155  -7.002  -2.505  1.00 23.10 ? 40  LEU X CA  1 
ATOM   333  C C   . LEU A 1 40  ? -3.592  -7.169  -3.909  1.00 30.31 ? 40  LEU X C   1 
ATOM   334  O O   . LEU A 1 40  ? -3.371  -8.291  -4.358  1.00 27.95 ? 40  LEU X O   1 
ATOM   335  C CB  . LEU A 1 40  ? -3.059  -7.286  -1.474  1.00 22.81 ? 40  LEU X CB  1 
ATOM   336  C CG  . LEU A 1 40  ? -3.389  -7.154  0.014   1.00 27.78 ? 40  LEU X CG  1 
ATOM   337  C CD1 . LEU A 1 40  ? -2.167  -7.513  0.837   1.00 24.99 ? 40  LEU X CD1 1 
ATOM   338  C CD2 . LEU A 1 40  ? -3.846  -5.743  0.325   1.00 23.90 ? 40  LEU X CD2 1 
ATOM   339  N N   . VAL A 1 41  ? -3.381  -6.057  -4.604  1.00 22.15 ? 41  VAL X N   1 
ATOM   340  C CA  . VAL A 1 41  ? -2.693  -6.069  -5.887  1.00 26.25 ? 41  VAL X CA  1 
ATOM   341  C C   . VAL A 1 41  ? -1.358  -5.374  -5.711  1.00 29.85 ? 41  VAL X C   1 
ATOM   342  O O   . VAL A 1 41  ? -1.310  -4.249  -5.223  1.00 21.48 ? 41  VAL X O   1 
ATOM   343  C CB  . VAL A 1 41  ? -3.488  -5.355  -6.973  1.00 26.36 ? 41  VAL X CB  1 
ATOM   344  C CG1 . VAL A 1 41  ? -2.673  -5.310  -8.265  1.00 23.21 ? 41  VAL X CG1 1 
ATOM   345  C CG2 . VAL A 1 41  ? -4.825  -6.039  -7.176  1.00 28.00 ? 41  VAL X CG2 1 
ATOM   346  N N   . MET A 1 42  ? -0.272  -6.026  -6.101  1.00 22.06 ? 42  MET X N   1 
ATOM   347  C CA  . MET A 1 42  ? 1.046   -5.422  -5.898  1.00 19.49 ? 42  MET X CA  1 
ATOM   348  C C   . MET A 1 42  ? 1.974   -5.685  -7.081  1.00 25.17 ? 42  MET X C   1 
ATOM   349  O O   . MET A 1 42  ? 1.811   -6.679  -7.798  1.00 20.76 ? 42  MET X O   1 
ATOM   350  C CB  . MET A 1 42  ? 1.673   -5.956  -4.603  1.00 24.13 ? 42  MET X CB  1 
ATOM   351  C CG  . MET A 1 42  ? 2.130   -7.405  -4.703  1.00 27.15 ? 42  MET X CG  1 
ATOM   352  S SD  . MET A 1 42  ? 2.436   -8.155  -3.097  1.00 28.90 ? 42  MET X SD  1 
ATOM   353  C CE  . MET A 1 42  ? 0.763   -8.491  -2.526  1.00 29.42 ? 42  MET X CE  1 
ATOM   354  N N   . GLY A 1 43  ? 2.948   -4.802  -7.283  1.00 22.08 ? 43  GLY X N   1 
ATOM   355  C CA  . GLY A 1 43  ? 3.934   -5.011  -8.338  1.00 21.72 ? 43  GLY X CA  1 
ATOM   356  C C   . GLY A 1 43  ? 4.889   -6.130  -7.950  1.00 21.82 ? 43  GLY X C   1 
ATOM   357  O O   . GLY A 1 43  ? 4.919   -6.558  -6.793  1.00 21.09 ? 43  GLY X O   1 
ATOM   358  N N   . ARG A 1 44  ? 5.674   -6.596  -8.917  1.00 24.45 ? 44  ARG X N   1 
ATOM   359  C CA  . ARG A 1 44  ? 6.558   -7.731  -8.708  1.00 20.48 ? 44  ARG X CA  1 
ATOM   360  C C   . ARG A 1 44  ? 7.616   -7.455  -7.649  1.00 22.26 ? 44  ARG X C   1 
ATOM   361  O O   . ARG A 1 44  ? 7.911   -8.325  -6.850  1.00 19.87 ? 44  ARG X O   1 
ATOM   362  C CB  . ARG A 1 44  ? 7.227   -8.135  -10.033 1.00 25.17 ? 44  ARG X CB  1 
ATOM   363  C CG  . ARG A 1 44  ? 8.102   -9.396  -9.958  1.00 28.69 ? 44  ARG X CG  1 
ATOM   364  C CD  . ARG A 1 44  ? 9.586   -9.062  -9.801  1.00 28.22 ? 44  ARG X CD  1 
ATOM   365  N NE  . ARG A 1 44  ? 10.089  -8.204  -10.872 1.00 27.23 ? 44  ARG X NE  1 
ATOM   366  C CZ  . ARG A 1 44  ? 11.280  -7.612  -10.851 1.00 31.44 ? 44  ARG X CZ  1 
ATOM   367  N NH1 . ARG A 1 44  ? 12.082  -7.780  -9.809  1.00 34.37 ? 44  ARG X NH1 1 
ATOM   368  N NH2 . ARG A 1 44  ? 11.661  -6.840  -11.860 1.00 29.73 ? 44  ARG X NH2 1 
ATOM   369  N N   . LYS A 1 45  ? 8.192   -6.248  -7.626  1.00 22.47 ? 45  LYS X N   1 
ATOM   370  C CA  . LYS A 1 45  ? 9.279   -5.974  -6.670  1.00 23.01 ? 45  LYS X CA  1 
ATOM   371  C C   . LYS A 1 45  ? 8.760   -5.937  -5.240  1.00 23.71 ? 45  LYS X C   1 
ATOM   372  O O   . LYS A 1 45  ? 9.418   -6.405  -4.299  1.00 23.57 ? 45  LYS X O   1 
ATOM   373  C CB  . LYS A 1 45  ? 9.990   -4.652  -7.010  1.00 23.71 ? 45  LYS X CB  1 
ATOM   374  C CG  . LYS A 1 45  ? 10.633  -4.645  -8.396  1.00 30.66 ? 45  LYS X CG  1 
ATOM   375  C CD  . LYS A 1 45  ? 11.598  -3.466  -8.555  1.00 30.92 ? 45  LYS X CD  1 
ATOM   376  C CE  . LYS A 1 45  ? 12.232  -3.446  -9.934  1.00 33.11 ? 45  LYS X CE  1 
ATOM   377  N NZ  . LYS A 1 45  ? 13.098  -2.241  -10.111 1.00 35.83 ? 45  LYS X NZ  1 
ATOM   378  N N   . THR A 1 46  ? 7.568   -5.372  -5.079  1.00 22.59 ? 46  THR X N   1 
ATOM   379  C CA  . THR A 1 46  ? 6.901   -5.372  -3.790  1.00 20.02 ? 46  THR X CA  1 
ATOM   380  C C   . THR A 1 46  ? 6.673   -6.802  -3.322  1.00 21.06 ? 46  THR X C   1 
ATOM   381  O O   . THR A 1 46  ? 6.962   -7.131  -2.170  1.00 24.27 ? 46  THR X O   1 
ATOM   382  C CB  . THR A 1 46  ? 5.553   -4.618  -3.849  1.00 23.52 ? 46  THR X CB  1 
ATOM   383  O OG1 . THR A 1 46  ? 5.815   -3.225  -4.075  1.00 23.15 ? 46  THR X OG1 1 
ATOM   384  C CG2 . THR A 1 46  ? 4.799   -4.771  -2.531  1.00 25.06 ? 46  THR X CG2 1 
ATOM   385  N N   . PHE A 1 47  ? 6.177   -7.666  -4.208  1.00 21.79 ? 47  PHE X N   1 
ATOM   386  C CA  . PHE A 1 47  ? 5.993   -9.049  -3.774  1.00 24.01 ? 47  PHE X CA  1 
ATOM   387  C C   . PHE A 1 47  ? 7.301   -9.683  -3.306  1.00 25.03 ? 47  PHE X C   1 
ATOM   388  O O   . PHE A 1 47  ? 7.335   -10.363 -2.280  1.00 26.60 ? 47  PHE X O   1 
ATOM   389  C CB  . PHE A 1 47  ? 5.394   -9.937  -4.851  1.00 21.54 ? 47  PHE X CB  1 
ATOM   390  C CG  . PHE A 1 47  ? 5.314   -11.371 -4.414  1.00 27.45 ? 47  PHE X CG  1 
ATOM   391  C CD1 . PHE A 1 47  ? 6.189   -12.318 -4.917  1.00 35.55 ? 47  PHE X CD1 1 
ATOM   392  C CD2 . PHE A 1 47  ? 4.425   -11.748 -3.417  1.00 27.08 ? 47  PHE X CD2 1 
ATOM   393  C CE1 . PHE A 1 47  ? 6.136   -13.632 -4.479  1.00 37.51 ? 47  PHE X CE1 1 
ATOM   394  C CE2 . PHE A 1 47  ? 4.375   -13.061 -2.963  1.00 31.76 ? 47  PHE X CE2 1 
ATOM   395  C CZ  . PHE A 1 47  ? 5.227   -14.001 -3.494  1.00 36.65 ? 47  PHE X CZ  1 
ATOM   396  N N   A GLU A 1 48  ? 8.375   -9.459  -4.053  0.51 26.13 ? 48  GLU X N   1 
ATOM   397  N N   B GLU A 1 48  ? 8.375   -9.453  -4.055  0.49 26.13 ? 48  GLU X N   1 
ATOM   398  C CA  A GLU A 1 48  ? 9.650   -10.083 -3.718  0.51 28.20 ? 48  GLU X CA  1 
ATOM   399  C CA  B GLU A 1 48  ? 9.659   -10.071 -3.737  0.49 28.21 ? 48  GLU X CA  1 
ATOM   400  C C   A GLU A 1 48  ? 10.196  -9.580  -2.387  0.51 32.05 ? 48  GLU X C   1 
ATOM   401  C C   B GLU A 1 48  ? 10.232  -9.561  -2.417  0.49 32.04 ? 48  GLU X C   1 
ATOM   402  O O   A GLU A 1 48  ? 10.902  -10.310 -1.694  0.51 31.84 ? 48  GLU X O   1 
ATOM   403  O O   B GLU A 1 48  ? 10.993  -10.269 -1.758  0.49 31.90 ? 48  GLU X O   1 
ATOM   404  C CB  A GLU A 1 48  ? 10.669  -9.853  -4.837  0.51 27.88 ? 48  GLU X CB  1 
ATOM   405  C CB  B GLU A 1 48  ? 10.655  -9.850  -4.885  0.49 27.87 ? 48  GLU X CB  1 
ATOM   406  C CG  A GLU A 1 48  ? 10.283  -10.510 -6.153  0.51 29.23 ? 48  GLU X CG  1 
ATOM   407  C CG  B GLU A 1 48  ? 10.339  -10.697 -6.111  0.49 29.22 ? 48  GLU X CG  1 
ATOM   408  C CD  A GLU A 1 48  ? 10.237  -12.024 -6.062  0.51 32.53 ? 48  GLU X CD  1 
ATOM   409  C CD  B GLU A 1 48  ? 11.259  -10.432 -7.295  0.49 30.12 ? 48  GLU X CD  1 
ATOM   410  O OE1 A GLU A 1 48  ? 10.896  -12.584 -5.163  0.51 35.05 ? 48  GLU X OE1 1 
ATOM   411  O OE1 B GLU A 1 48  ? 11.789  -9.307  -7.424  0.49 31.38 ? 48  GLU X OE1 1 
ATOM   412  O OE2 A GLU A 1 48  ? 9.544   -12.655 -6.888  0.51 39.10 ? 48  GLU X OE2 1 
ATOM   413  O OE2 B GLU A 1 48  ? 11.447  -11.362 -8.108  0.49 38.97 ? 48  GLU X OE2 1 
ATOM   414  N N   . SER A 1 49  ? 9.855   -8.347  -2.018  1.00 26.92 ? 49  SER X N   1 
ATOM   415  C CA  . SER A 1 49  ? 10.303  -7.799  -0.739  1.00 30.31 ? 49  SER X CA  1 
ATOM   416  C C   . SER A 1 49  ? 9.637   -8.552  0.400   1.00 32.53 ? 49  SER X C   1 
ATOM   417  O O   . SER A 1 49  ? 10.244  -8.770  1.450   1.00 38.12 ? 49  SER X O   1 
ATOM   418  C CB  . SER A 1 49  ? 10.001  -6.300  -0.627  1.00 27.86 ? 49  SER X CB  1 
ATOM   419  O OG  . SER A 1 49  ? 8.617   -6.079  -0.452  1.00 33.50 ? 49  SER X OG  1 
ATOM   420  N N   . ILE A 1 50  ? 8.383   -8.946  0.197   1.00 32.52 ? 50  ILE X N   1 
ATOM   421  C CA  . ILE A 1 50  ? 7.661   -9.732  1.196   1.00 34.06 ? 50  ILE X CA  1 
ATOM   422  C C   . ILE A 1 50  ? 8.061   -11.214 1.121   1.00 39.53 ? 50  ILE X C   1 
ATOM   423  O O   . ILE A 1 50  ? 8.220   -11.873 2.148   1.00 43.70 ? 50  ILE X O   1 
ATOM   424  C CB  . ILE A 1 50  ? 6.134   -9.609  1.025   1.00 28.21 ? 50  ILE X CB  1 
ATOM   425  C CG1 . ILE A 1 50  ? 5.701   -8.141  1.036   1.00 38.36 ? 50  ILE X CG1 1 
ATOM   426  C CG2 . ILE A 1 50  ? 5.415   -10.365 2.126   1.00 45.05 ? 50  ILE X CG2 1 
ATOM   427  C CD1 . ILE A 1 50  ? 4.208   -7.955  0.709   1.00 43.45 ? 50  ILE X CD1 1 
ATOM   428  N N   . GLY A 1 51  ? 8.209   -11.739 -0.091  1.00 31.73 ? 51  GLY X N   1 
ATOM   429  C CA  . GLY A 1 51  ? 8.754   -13.081 -0.274  1.00 33.80 ? 51  GLY X CA  1 
ATOM   430  C C   . GLY A 1 51  ? 7.740   -14.211 -0.326  1.00 50.37 ? 51  GLY X C   1 
ATOM   431  O O   . GLY A 1 51  ? 7.959   -15.232 -0.990  1.00 39.62 ? 51  GLY X O   1 
ATOM   432  N N   . LYS A 1 52  ? 6.634   -14.037 0.389   1.00 42.49 ? 52  LYS X N   1 
ATOM   433  C CA  . LYS A 1 52  ? 5.546   -15.010 0.406   1.00 36.72 ? 52  LYS X CA  1 
ATOM   434  C C   . LYS A 1 52  ? 4.239   -14.235 0.473   1.00 37.82 ? 52  LYS X C   1 
ATOM   435  O O   . LYS A 1 52  ? 4.227   -13.100 0.926   1.00 34.56 ? 52  LYS X O   1 
ATOM   436  C CB  . LYS A 1 52  ? 5.667   -15.963 1.603   1.00 36.56 ? 52  LYS X CB  1 
ATOM   437  C CG  . LYS A 1 52  ? 6.871   -16.898 1.579   0.58 46.00 ? 52  LYS X CG  1 
ATOM   438  C CD  . LYS A 1 52  ? 6.793   -17.890 0.432   0.71 49.60 ? 52  LYS X CD  1 
ATOM   439  C CE  . LYS A 1 52  ? 8.069   -18.715 0.338   1.00 51.96 ? 52  LYS X CE  1 
ATOM   440  N NZ  . LYS A 1 52  ? 8.279   -19.536 1.563   0.66 60.71 ? 52  LYS X NZ  1 
ATOM   441  N N   . PRO A 1 53  ? 3.137   -14.839 0.017   1.00 37.94 ? 53  PRO X N   1 
ATOM   442  C CA  . PRO A 1 53  ? 1.852   -14.136 0.098   1.00 35.62 ? 53  PRO X CA  1 
ATOM   443  C C   . PRO A 1 53  ? 1.424   -13.885 1.544   1.00 33.78 ? 53  PRO X C   1 
ATOM   444  O O   . PRO A 1 53  ? 1.780   -14.643 2.447   1.00 32.86 ? 53  PRO X O   1 
ATOM   445  C CB  . PRO A 1 53  ? 0.884   -15.087 -0.609  1.00 34.25 ? 53  PRO X CB  1 
ATOM   446  C CG  . PRO A 1 53  ? 1.576   -16.432 -0.574  1.00 32.96 ? 53  PRO X CG  1 
ATOM   447  C CD  . PRO A 1 53  ? 3.024   -16.140 -0.664  1.00 42.25 ? 53  PRO X CD  1 
ATOM   448  N N   . LEU A 1 54  ? 0.692   -12.801 1.758   1.00 31.81 ? 54  LEU X N   1 
ATOM   449  C CA  . LEU A 1 54  ? 0.177   -12.481 3.081   1.00 26.73 ? 54  LEU X CA  1 
ATOM   450  C C   . LEU A 1 54  ? -1.044  -13.353 3.373   1.00 27.80 ? 54  LEU X C   1 
ATOM   451  O O   . LEU A 1 54  ? -1.879  -13.588 2.493   1.00 28.97 ? 54  LEU X O   1 
ATOM   452  C CB  . LEU A 1 54  ? -0.178  -10.992 3.180   1.00 28.57 ? 54  LEU X CB  1 
ATOM   453  C CG  . LEU A 1 54  ? 0.984   -10.033 2.884   1.00 31.91 ? 54  LEU X CG  1 
ATOM   454  C CD1 . LEU A 1 54  ? 0.517   -8.583  2.977   1.00 34.76 ? 54  LEU X CD1 1 
ATOM   455  C CD2 . LEU A 1 54  ? 2.135   -10.289 3.830   1.00 30.07 ? 54  LEU X CD2 1 
ATOM   456  N N   . PRO A 1 55  ? -1.146  -13.840 4.615   1.00 31.47 ? 55  PRO X N   1 
ATOM   457  C CA  . PRO A 1 55  ? -2.194  -14.781 5.019   1.00 36.68 ? 55  PRO X CA  1 
ATOM   458  C C   . PRO A 1 55  ? -3.589  -14.186 4.946   1.00 39.57 ? 55  PRO X C   1 
ATOM   459  O O   . PRO A 1 55  ? -3.754  -12.984 5.165   1.00 33.32 ? 55  PRO X O   1 
ATOM   460  C CB  . PRO A 1 55  ? -1.839  -15.103 6.477   1.00 35.79 ? 55  PRO X CB  1 
ATOM   461  C CG  . PRO A 1 55  ? -0.426  -14.693 6.644   1.00 41.01 ? 55  PRO X CG  1 
ATOM   462  C CD  . PRO A 1 55  ? -0.225  -13.537 5.721   1.00 36.13 ? 55  PRO X CD  1 
ATOM   463  N N   . ASN A 1 56  ? -4.567  -15.033 4.627   1.00 33.77 ? 56  ASN X N   1 
ATOM   464  C CA  . ASN A 1 56  ? -5.995  -14.729 4.791   1.00 40.99 ? 56  ASN X CA  1 
ATOM   465  C C   . ASN A 1 56  ? -6.547  -13.621 3.905   1.00 40.32 ? 56  ASN X C   1 
ATOM   466  O O   . ASN A 1 56  ? -7.477  -12.906 4.287   1.00 37.53 ? 56  ASN X O   1 
ATOM   467  C CB  . ASN A 1 56  ? -6.278  -14.386 6.248   1.00 27.53 ? 56  ASN X CB  1 
ATOM   468  C CG  . ASN A 1 56  ? -5.774  -15.443 7.186   1.00 34.84 ? 56  ASN X CG  1 
ATOM   469  O OD1 . ASN A 1 56  ? -5.223  -15.147 8.245   1.00 42.81 ? 56  ASN X OD1 1 
ATOM   470  N ND2 . ASN A 1 56  ? -5.934  -16.696 6.787   1.00 38.44 ? 56  ASN X ND2 1 
ATOM   471  N N   . ARG A 1 57  ? -5.980  -13.496 2.714   1.00 33.38 ? 57  ARG X N   1 
ATOM   472  C CA  . ARG A 1 57  ? -6.483  -12.564 1.726   1.00 27.99 ? 57  ARG X CA  1 
ATOM   473  C C   . ARG A 1 57  ? -5.970  -12.992 0.364   1.00 30.96 ? 57  ARG X C   1 
ATOM   474  O O   . ARG A 1 57  ? -5.014  -13.767 0.272   1.00 35.02 ? 57  ARG X O   1 
ATOM   475  C CB  . ARG A 1 57  ? -6.052  -11.128 2.061   1.00 30.89 ? 57  ARG X CB  1 
ATOM   476  C CG  . ARG A 1 57  ? -4.568  -10.834 1.874   1.00 26.01 ? 57  ARG X CG  1 
ATOM   477  C CD  . ARG A 1 57  ? -4.114  -9.794  2.884   1.00 28.29 ? 57  ARG X CD  1 
ATOM   478  N NE  . ARG A 1 57  ? -3.788  -10.417 4.164   1.00 31.02 ? 57  ARG X NE  1 
ATOM   479  C CZ  . ARG A 1 57  ? -3.185  -9.793  5.173   1.00 38.19 ? 57  ARG X CZ  1 
ATOM   480  N NH1 . ARG A 1 57  ? -2.863  -8.504  5.075   1.00 29.34 ? 57  ARG X NH1 1 
ATOM   481  N NH2 . ARG A 1 57  ? -2.914  -10.457 6.289   1.00 30.01 ? 57  ARG X NH2 1 
ATOM   482  N N   . ARG A 1 58  ? -6.607  -12.510 -0.696  1.00 25.55 ? 58  ARG X N   1 
ATOM   483  C CA  . ARG A 1 58  ? -6.130  -12.815 -2.035  1.00 27.76 ? 58  ARG X CA  1 
ATOM   484  C C   . ARG A 1 58  ? -4.901  -11.963 -2.364  1.00 37.32 ? 58  ARG X C   1 
ATOM   485  O O   . ARG A 1 58  ? -4.934  -10.736 -2.209  1.00 28.98 ? 58  ARG X O   1 
ATOM   486  C CB  . ARG A 1 58  ? -7.225  -12.572 -3.061  1.00 24.66 ? 58  ARG X CB  1 
ATOM   487  C CG  . ARG A 1 58  ? -6.881  -13.018 -4.458  1.00 30.67 ? 58  ARG X CG  1 
ATOM   488  C CD  . ARG A 1 58  ? -8.021  -12.743 -5.403  1.00 31.93 ? 58  ARG X CD  1 
ATOM   489  N NE  . ARG A 1 58  ? -7.746  -13.314 -6.712  1.00 29.79 ? 58  ARG X NE  1 
ATOM   490  C CZ  . ARG A 1 58  ? -8.527  -13.184 -7.777  1.00 34.01 ? 58  ARG X CZ  1 
ATOM   491  N NH1 . ARG A 1 58  ? -9.656  -12.489 -7.711  1.00 40.79 ? 58  ARG X NH1 1 
ATOM   492  N NH2 . ARG A 1 58  ? -8.173  -13.757 -8.916  1.00 39.74 ? 58  ARG X NH2 1 
ATOM   493  N N   . ASN A 1 59  ? -3.829  -12.620 -2.811  1.00 27.52 ? 59  ASN X N   1 
ATOM   494  C CA  . ASN A 1 59  ? -2.609  -11.936 -3.258  1.00 30.27 ? 59  ASN X CA  1 
ATOM   495  C C   . ASN A 1 59  ? -2.489  -11.969 -4.768  1.00 32.98 ? 59  ASN X C   1 
ATOM   496  O O   . ASN A 1 59  ? -2.363  -13.041 -5.363  1.00 30.73 ? 59  ASN X O   1 
ATOM   497  C CB  . ASN A 1 59  ? -1.363  -12.576 -2.638  1.00 28.88 ? 59  ASN X CB  1 
ATOM   498  C CG  . ASN A 1 59  ? -1.293  -12.405 -1.137  1.00 31.29 ? 59  ASN X CG  1 
ATOM   499  O OD1 . ASN A 1 59  ? -0.446  -11.671 -0.619  1.00 27.95 ? 59  ASN X OD1 1 
ATOM   500  N ND2 . ASN A 1 59  ? -2.171  -13.100 -0.423  1.00 31.28 ? 59  ASN X ND2 1 
ATOM   501  N N   . VAL A 1 60  ? -2.513  -10.793 -5.388  1.00 25.19 ? 60  VAL X N   1 
ATOM   502  C CA  . VAL A 1 60  ? -2.400  -10.681 -6.832  1.00 22.71 ? 60  VAL X CA  1 
ATOM   503  C C   . VAL A 1 60  ? -1.135  -9.911  -7.191  1.00 29.47 ? 60  VAL X C   1 
ATOM   504  O O   . VAL A 1 60  ? -0.915  -8.814  -6.690  1.00 23.79 ? 60  VAL X O   1 
ATOM   505  C CB  . VAL A 1 60  ? -3.630  -9.973  -7.435  1.00 24.13 ? 60  VAL X CB  1 
ATOM   506  C CG1 . VAL A 1 60  ? -3.469  -9.774  -8.926  1.00 27.88 ? 60  VAL X CG1 1 
ATOM   507  C CG2 . VAL A 1 60  ? -4.917  -10.747 -7.109  1.00 26.45 ? 60  VAL X CG2 1 
ATOM   508  N N   . VAL A 1 61  ? -0.309  -10.479 -8.063  1.00 26.60 ? 61  VAL X N   1 
ATOM   509  C CA  . VAL A 1 61  ? 0.944   -9.836  -8.437  1.00 24.07 ? 61  VAL X CA  1 
ATOM   510  C C   . VAL A 1 61  ? 0.953   -9.465  -9.919  1.00 30.60 ? 61  VAL X C   1 
ATOM   511  O O   . VAL A 1 61  ? 0.684   -10.297 -10.792 1.00 29.37 ? 61  VAL X O   1 
ATOM   512  C CB  . VAL A 1 61  ? 2.159   -10.739 -8.093  1.00 26.72 ? 61  VAL X CB  1 
ATOM   513  C CG1 . VAL A 1 61  ? 3.432   -10.198 -8.705  1.00 32.63 ? 61  VAL X CG1 1 
ATOM   514  C CG2 . VAL A 1 61  ? 2.304   -10.872 -6.575  1.00 25.05 ? 61  VAL X CG2 1 
ATOM   515  N N   . LEU A 1 62  ? 1.220   -8.190  -10.191 1.00 24.16 ? 62  LEU X N   1 
ATOM   516  C CA  . LEU A 1 62  ? 1.345   -7.686  -11.557 1.00 20.10 ? 62  LEU X CA  1 
ATOM   517  C C   . LEU A 1 62  ? 2.793   -7.809  -12.014 1.00 23.32 ? 62  LEU X C   1 
ATOM   518  O O   . LEU A 1 62  ? 3.708   -7.306  -11.354 1.00 22.87 ? 62  LEU X O   1 
ATOM   519  C CB  . LEU A 1 62  ? 0.870   -6.221  -11.633 1.00 23.98 ? 62  LEU X CB  1 
ATOM   520  C CG  . LEU A 1 62  ? 1.022   -5.468  -12.956 1.00 26.87 ? 62  LEU X CG  1 
ATOM   521  C CD1 . LEU A 1 62  ? 0.259   -6.178  -14.060 1.00 25.88 ? 62  LEU X CD1 1 
ATOM   522  C CD2 . LEU A 1 62  ? 0.506   -4.045  -12.787 1.00 29.27 ? 62  LEU X CD2 1 
ATOM   523  N N   . THR A 1 63  ? 3.016   -8.514  -13.125 1.00 25.11 ? 63  THR X N   1 
ATOM   524  C CA  . THR A 1 63  ? 4.362   -8.657  -13.672 1.00 26.01 ? 63  THR X CA  1 
ATOM   525  C C   . THR A 1 63  ? 4.275   -8.933  -15.181 1.00 26.05 ? 63  THR X C   1 
ATOM   526  O O   . THR A 1 63  ? 3.245   -9.394  -15.663 1.00 26.31 ? 63  THR X O   1 
ATOM   527  C CB  . THR A 1 63  ? 5.147   -9.787  -12.944 1.00 29.65 ? 63  THR X CB  1 
ATOM   528  O OG1 . THR A 1 63  ? 6.395   -10.027 -13.604 1.00 28.40 ? 63  THR X OG1 1 
ATOM   529  C CG2 . THR A 1 63  ? 4.347   -11.069 -12.928 1.00 28.37 ? 63  THR X CG2 1 
ATOM   530  N N   . SER A 1 64  ? 5.327   -8.614  -15.927 1.00 27.69 ? 64  SER X N   1 
ATOM   531  C CA  . SER A 1 64  ? 5.365   -8.985  -17.343 1.00 28.93 ? 64  SER X CA  1 
ATOM   532  C C   . SER A 1 64  ? 5.929   -10.399 -17.511 1.00 35.35 ? 64  SER X C   1 
ATOM   533  O O   . SER A 1 64  ? 5.902   -10.951 -18.601 1.00 38.25 ? 64  SER X O   1 
ATOM   534  C CB  . SER A 1 64  ? 6.192   -7.990  -18.168 1.00 27.76 ? 64  SER X CB  1 
ATOM   535  O OG  . SER A 1 64  ? 7.572   -8.018  -17.824 1.00 32.10 ? 64  SER X OG  1 
ATOM   536  N N   . ASP A 1 65  ? 6.439   -10.977 -16.426 1.00 33.23 ? 65  ASP X N   1 
ATOM   537  C CA  . ASP A 1 65  ? 7.073   -12.302 -16.478 1.00 33.59 ? 65  ASP X CA  1 
ATOM   538  C C   . ASP A 1 65  ? 6.057   -13.447 -16.591 1.00 37.67 ? 65  ASP X C   1 
ATOM   539  O O   . ASP A 1 65  ? 5.364   -13.764 -15.625 1.00 29.37 ? 65  ASP X O   1 
ATOM   540  C CB  . ASP A 1 65  ? 7.953   -12.502 -15.238 1.00 35.05 ? 65  ASP X CB  1 
ATOM   541  C CG  . ASP A 1 65  ? 8.791   -13.773 -15.307 1.00 43.44 ? 65  ASP X CG  1 
ATOM   542  O OD1 . ASP A 1 65  ? 9.495   -14.075 -14.316 1.00 39.13 ? 65  ASP X OD1 1 
ATOM   543  O OD2 . ASP A 1 65  ? 8.731   -14.465 -16.346 1.00 36.13 ? 65  ASP X OD2 1 
ATOM   544  N N   . THR A 1 66  ? 5.979   -14.086 -17.760 1.00 41.23 ? 66  THR X N   1 
ATOM   545  C CA  . THR A 1 66  ? 5.063   -15.215 -17.925 1.00 42.53 ? 66  THR X CA  1 
ATOM   546  C C   . THR A 1 66  ? 5.562   -16.465 -17.197 1.00 39.23 ? 66  THR X C   1 
ATOM   547  O O   . THR A 1 66  ? 4.833   -17.446 -17.082 1.00 43.36 ? 66  THR X O   1 
ATOM   548  C CB  . THR A 1 66  ? 4.814   -15.567 -19.414 1.00 54.55 ? 66  THR X CB  1 
ATOM   549  O OG1 . THR A 1 66  ? 6.025   -15.414 -20.168 1.00 47.75 ? 66  THR X OG1 1 
ATOM   550  C CG2 . THR A 1 66  ? 3.739   -14.660 -19.996 1.00 47.05 ? 66  THR X CG2 1 
ATOM   551  N N   . SER A 1 67  ? 6.788   -16.426 -16.682 1.00 31.01 ? 67  SER X N   1 
ATOM   552  C CA  . SER A 1 67  ? 7.291   -17.543 -15.882 1.00 34.21 ? 67  SER X CA  1 
ATOM   553  C C   . SER A 1 67  ? 6.858   -17.441 -14.423 1.00 40.73 ? 67  SER X C   1 
ATOM   554  O O   . SER A 1 67  ? 7.036   -18.370 -13.646 1.00 31.63 ? 67  SER X O   1 
ATOM   555  C CB  . SER A 1 67  ? 8.815   -17.624 -15.956 1.00 34.61 ? 67  SER X CB  1 
ATOM   556  O OG  . SER A 1 67  ? 9.222   -18.242 -17.158 1.00 42.01 ? 67  SER X OG  1 
ATOM   557  N N   . PHE A 1 68  ? 6.287   -16.305 -14.047 1.00 36.41 ? 68  PHE X N   1 
ATOM   558  C CA  . PHE A 1 68  ? 5.867   -16.115 -12.669 1.00 27.04 ? 68  PHE X CA  1 
ATOM   559  C C   . PHE A 1 68  ? 4.680   -17.009 -12.342 1.00 28.66 ? 68  PHE X C   1 
ATOM   560  O O   . PHE A 1 68  ? 3.610   -16.887 -12.941 1.00 37.40 ? 68  PHE X O   1 
ATOM   561  C CB  . PHE A 1 68  ? 5.507   -14.640 -12.418 1.00 36.75 ? 68  PHE X CB  1 
ATOM   562  C CG  . PHE A 1 68  ? 5.330   -14.292 -10.963 1.00 34.93 ? 68  PHE X CG  1 
ATOM   563  C CD1 . PHE A 1 68  ? 6.351   -13.688 -10.251 1.00 40.75 ? 68  PHE X CD1 1 
ATOM   564  C CD2 . PHE A 1 68  ? 4.141   -14.562 -10.310 1.00 44.40 ? 68  PHE X CD2 1 
ATOM   565  C CE1 . PHE A 1 68  ? 6.186   -13.362 -8.913  1.00 33.58 ? 68  PHE X CE1 1 
ATOM   566  C CE2 . PHE A 1 68  ? 3.976   -14.237 -8.976  1.00 39.63 ? 68  PHE X CE2 1 
ATOM   567  C CZ  . PHE A 1 68  ? 5.002   -13.636 -8.282  1.00 36.47 ? 68  PHE X CZ  1 
ATOM   568  N N   . ASN A 1 69  ? 4.867   -17.908 -11.386 1.00 35.31 ? 69  ASN X N   1 
ATOM   569  C CA  . ASN A 1 69  ? 3.757   -18.707 -10.879 1.00 45.56 ? 69  ASN X CA  1 
ATOM   570  C C   . ASN A 1 69  ? 4.040   -19.220 -9.472  1.00 50.26 ? 69  ASN X C   1 
ATOM   571  O O   . ASN A 1 69  ? 4.652   -20.278 -9.291  1.00 45.38 ? 69  ASN X O   1 
ATOM   572  C CB  . ASN A 1 69  ? 3.457   -19.877 -11.814 1.00 42.61 ? 69  ASN X CB  1 
ATOM   573  C CG  . ASN A 1 69  ? 2.101   -20.487 -11.548 1.00 54.92 ? 69  ASN X CG  1 
ATOM   574  O OD1 . ASN A 1 69  ? 1.966   -21.705 -11.429 1.00 57.44 ? 69  ASN X OD1 1 
ATOM   575  N ND2 . ASN A 1 69  ? 1.084   -19.636 -11.431 1.00 57.97 ? 69  ASN X ND2 1 
ATOM   576  N N   . VAL A 1 70  ? 3.576   -18.464 -8.482  1.00 38.27 ? 70  VAL X N   1 
ATOM   577  C CA  . VAL A 1 70  ? 3.902   -18.721 -7.084  1.00 35.94 ? 70  VAL X CA  1 
ATOM   578  C C   . VAL A 1 70  ? 2.697   -19.283 -6.333  1.00 37.31 ? 70  VAL X C   1 
ATOM   579  O O   . VAL A 1 70  ? 1.574   -18.798 -6.489  1.00 34.40 ? 70  VAL X O   1 
ATOM   580  C CB  . VAL A 1 70  ? 4.398   -17.433 -6.387  1.00 40.82 ? 70  VAL X CB  1 
ATOM   581  C CG1 . VAL A 1 70  ? 4.618   -17.661 -4.899  1.00 33.07 ? 70  VAL X CG1 1 
ATOM   582  C CG2 . VAL A 1 70  ? 5.676   -16.930 -7.053  1.00 42.56 ? 70  VAL X CG2 1 
ATOM   583  N N   . GLU A 1 71  ? 2.938   -20.315 -5.529  1.00 41.54 ? 71  GLU X N   1 
ATOM   584  C CA  . GLU A 1 71  ? 1.886   -20.935 -4.735  1.00 43.53 ? 71  GLU X CA  1 
ATOM   585  C C   . GLU A 1 71  ? 1.266   -19.893 -3.799  1.00 42.04 ? 71  GLU X C   1 
ATOM   586  O O   . GLU A 1 71  ? 1.975   -19.203 -3.056  1.00 38.80 ? 71  GLU X O   1 
ATOM   587  C CB  . GLU A 1 71  ? 2.428   -22.128 -3.936  1.00 48.97 ? 71  GLU X CB  1 
ATOM   588  C CG  . GLU A 1 71  ? 3.855   -21.970 -3.363  1.00 69.15 ? 71  GLU X CG  1 
ATOM   589  C CD  . GLU A 1 71  ? 4.976   -22.014 -4.413  1.00 79.01 ? 71  GLU X CD  1 
ATOM   590  O OE1 . GLU A 1 71  ? 4.682   -22.084 -5.628  1.00 77.00 ? 71  GLU X OE1 1 
ATOM   591  O OE2 . GLU A 1 71  ? 6.160   -21.973 -4.015  1.00 82.69 ? 71  GLU X OE2 1 
ATOM   592  N N   . GLY A 1 72  ? -0.055  -19.762 -3.867  1.00 32.82 ? 72  GLY X N   1 
ATOM   593  C CA  . GLY A 1 72  ? -0.775  -18.806 -3.042  1.00 37.07 ? 72  GLY X CA  1 
ATOM   594  C C   . GLY A 1 72  ? -0.914  -17.434 -3.675  1.00 39.00 ? 72  GLY X C   1 
ATOM   595  O O   . GLY A 1 72  ? -1.445  -16.508 -3.059  1.00 39.71 ? 72  GLY X O   1 
ATOM   596  N N   . VAL A 1 73  ? -0.442  -17.297 -4.909  1.00 35.37 ? 73  VAL X N   1 
ATOM   597  C CA  . VAL A 1 73  ? -0.460  -16.004 -5.587  1.00 35.06 ? 73  VAL X CA  1 
ATOM   598  C C   . VAL A 1 73  ? -1.139  -16.096 -6.943  1.00 36.64 ? 73  VAL X C   1 
ATOM   599  O O   . VAL A 1 73  ? -0.873  -17.008 -7.716  1.00 35.05 ? 73  VAL X O   1 
ATOM   600  C CB  . VAL A 1 73  ? 0.974   -15.450 -5.777  1.00 30.17 ? 73  VAL X CB  1 
ATOM   601  C CG1 . VAL A 1 73  ? 0.971   -14.217 -6.662  1.00 36.94 ? 73  VAL X CG1 1 
ATOM   602  C CG2 . VAL A 1 73  ? 1.618   -15.156 -4.437  1.00 30.71 ? 73  VAL X CG2 1 
ATOM   603  N N   . ASP A 1 74  ? -2.029  -15.153 -7.222  1.00 25.55 ? 74  ASP X N   1 
ATOM   604  C CA  . ASP A 1 74  ? -2.600  -15.000 -8.554  1.00 35.49 ? 74  ASP X CA  1 
ATOM   605  C C   . ASP A 1 74  ? -1.811  -13.965 -9.346  1.00 40.97 ? 74  ASP X C   1 
ATOM   606  O O   . ASP A 1 74  ? -1.427  -12.932 -8.806  1.00 36.70 ? 74  ASP X O   1 
ATOM   607  C CB  . ASP A 1 74  ? -4.071  -14.586 -8.472  1.00 32.70 ? 74  ASP X CB  1 
ATOM   608  C CG  . ASP A 1 74  ? -4.938  -15.637 -7.803  1.00 49.59 ? 74  ASP X CG  1 
ATOM   609  O OD1 . ASP A 1 74  ? -4.430  -16.746 -7.510  1.00 47.92 ? 74  ASP X OD1 1 
ATOM   610  O OD2 . ASP A 1 74  ? -6.132  -15.350 -7.578  1.00 47.30 ? 74  ASP X OD2 1 
ATOM   611  N N   . VAL A 1 75  ? -1.575  -14.240 -10.624 1.00 30.70 ? 75  VAL X N   1 
ATOM   612  C CA  . VAL A 1 75  ? -0.767  -13.354 -11.456 1.00 31.31 ? 75  VAL X CA  1 
ATOM   613  C C   . VAL A 1 75  ? -1.593  -12.652 -12.508 1.00 33.98 ? 75  VAL X C   1 
ATOM   614  O O   . VAL A 1 75  ? -2.437  -13.263 -13.165 1.00 35.85 ? 75  VAL X O   1 
ATOM   615  C CB  . VAL A 1 75  ? 0.362   -14.124 -12.167 1.00 38.50 ? 75  VAL X CB  1 
ATOM   616  C CG1 . VAL A 1 75  ? 1.459   -13.172 -12.623 1.00 30.79 ? 75  VAL X CG1 1 
ATOM   617  C CG2 . VAL A 1 75  ? 0.925   -15.177 -11.251 1.00 49.27 ? 75  VAL X CG2 1 
ATOM   618  N N   . ILE A 1 76  ? -1.349  -11.359 -12.674 1.00 26.90 ? 76  ILE X N   1 
ATOM   619  C CA  . ILE A 1 76  ? -1.927  -10.634 -13.789 1.00 27.60 ? 76  ILE X CA  1 
ATOM   620  C C   . ILE A 1 76  ? -0.792  -9.997  -14.566 1.00 28.81 ? 76  ILE X C   1 
ATOM   621  O O   . ILE A 1 76  ? 0.301   -9.816  -14.026 1.00 29.98 ? 76  ILE X O   1 
ATOM   622  C CB  . ILE A 1 76  ? -2.937  -9.570  -13.331 1.00 28.73 ? 76  ILE X CB  1 
ATOM   623  C CG1 . ILE A 1 76  ? -2.288  -8.602  -12.335 1.00 29.20 ? 76  ILE X CG1 1 
ATOM   624  C CG2 . ILE A 1 76  ? -4.152  -10.242 -12.696 1.00 30.06 ? 76  ILE X CG2 1 
ATOM   625  C CD1 . ILE A 1 76  ? -3.194  -7.445  -11.944 1.00 30.46 ? 76  ILE X CD1 1 
ATOM   626  N N   . HIS A 1 77  ? -1.040  -9.672  -15.835 1.00 32.90 ? 77  HIS X N   1 
ATOM   627  C CA  . HIS A 1 77  ? 0.019   -9.174  -16.700 1.00 28.19 ? 77  HIS X CA  1 
ATOM   628  C C   . HIS A 1 77  ? -0.287  -7.789  -17.252 1.00 32.72 ? 77  HIS X C   1 
ATOM   629  O O   . HIS A 1 77  ? 0.504   -7.227  -18.014 1.00 29.33 ? 77  HIS X O   1 
ATOM   630  C CB  . HIS A 1 77  ? 0.267   -10.152 -17.850 1.00 40.73 ? 77  HIS X CB  1 
ATOM   631  C CG  . HIS A 1 77  ? 0.708   -11.506 -17.396 1.00 31.00 ? 77  HIS X CG  1 
ATOM   632  N ND1 . HIS A 1 77  ? 1.840   -11.702 -16.636 1.00 40.28 ? 77  HIS X ND1 1 
ATOM   633  C CD2 . HIS A 1 77  ? 0.152   -12.728 -17.566 1.00 39.17 ? 77  HIS X CD2 1 
ATOM   634  C CE1 . HIS A 1 77  ? 1.970   -12.989 -16.365 1.00 41.10 ? 77  HIS X CE1 1 
ATOM   635  N NE2 . HIS A 1 77  ? 0.956   -13.632 -16.915 1.00 37.56 ? 77  HIS X NE2 1 
ATOM   636  N N   . SER A 1 78  ? -1.429  -7.239  -16.857 1.00 38.08 ? 78  SER X N   1 
ATOM   637  C CA  . SER A 1 78  ? -1.847  -5.927  -17.333 1.00 32.14 ? 78  SER X CA  1 
ATOM   638  C C   . SER A 1 78  ? -2.594  -5.145  -16.258 1.00 32.22 ? 78  SER X C   1 
ATOM   639  O O   . SER A 1 78  ? -3.251  -5.735  -15.399 1.00 29.70 ? 78  SER X O   1 
ATOM   640  C CB  . SER A 1 78  ? -2.740  -6.066  -18.567 1.00 37.45 ? 78  SER X CB  1 
ATOM   641  O OG  . SER A 1 78  ? -3.348  -4.829  -18.888 1.00 47.25 ? 78  SER X OG  1 
ATOM   642  N N   . ILE A 1 79  ? -2.505  -3.819  -16.323 1.00 31.17 ? 79  ILE X N   1 
ATOM   643  C CA  . ILE A 1 79  ? -3.271  -2.968  -15.415 1.00 34.78 ? 79  ILE X CA  1 
ATOM   644  C C   . ILE A 1 79  ? -4.759  -3.257  -15.587 1.00 36.94 ? 79  ILE X C   1 
ATOM   645  O O   . ILE A 1 79  ? -5.502  -3.351  -14.611 1.00 39.37 ? 79  ILE X O   1 
ATOM   646  C CB  . ILE A 1 79  ? -3.006  -1.468  -15.660 1.00 36.98 ? 79  ILE X CB  1 
ATOM   647  C CG1 . ILE A 1 79  ? -1.636  -1.071  -15.119 1.00 38.26 ? 79  ILE X CG1 1 
ATOM   648  C CG2 . ILE A 1 79  ? -4.063  -0.620  -14.964 1.00 42.52 ? 79  ILE X CG2 1 
ATOM   649  C CD1 . ILE A 1 79  ? -1.575  -1.041  -13.600 1.00 39.36 ? 79  ILE X CD1 1 
ATOM   650  N N   . GLU A 1 80  ? -5.181  -3.444  -16.836 1.00 40.51 ? 80  GLU X N   1 
ATOM   651  C CA  . GLU A 1 80  ? -6.594  -3.626  -17.137 1.00 34.29 ? 80  GLU X CA  1 
ATOM   652  C C   . GLU A 1 80  ? -7.180  -4.859  -16.451 1.00 32.67 ? 80  GLU X C   1 
ATOM   653  O O   . GLU A 1 80  ? -8.379  -4.909  -16.201 1.00 39.28 ? 80  GLU X O   1 
ATOM   654  C CB  . GLU A 1 80  ? -6.807  -3.696  -18.651 1.00 41.50 ? 80  GLU X CB  1 
ATOM   655  C CG  . GLU A 1 80  ? -6.441  -2.394  -19.354 1.00 56.15 ? 80  GLU X CG  1 
ATOM   656  C CD  . GLU A 1 80  ? -7.215  -1.195  -18.817 1.00 69.53 ? 80  GLU X CD  1 
ATOM   657  O OE1 . GLU A 1 80  ? -8.430  -1.330  -18.550 1.00 71.70 ? 80  GLU X OE1 1 
ATOM   658  O OE2 . GLU A 1 80  ? -6.604  -0.115  -18.648 1.00 74.50 ? 80  GLU X OE2 1 
ATOM   659  N N   . ASP A 1 81  ? -6.335  -5.834  -16.116 1.00 33.65 ? 81  ASP X N   1 
ATOM   660  C CA  . ASP A 1 81  ? -6.788  -7.014  -15.378 1.00 36.90 ? 81  ASP X CA  1 
ATOM   661  C C   . ASP A 1 81  ? -7.267  -6.693  -13.961 1.00 47.34 ? 81  ASP X C   1 
ATOM   662  O O   . ASP A 1 81  ? -8.077  -7.428  -13.387 1.00 33.13 ? 81  ASP X O   1 
ATOM   663  C CB  . ASP A 1 81  ? -5.676  -8.059  -15.291 1.00 33.09 ? 81  ASP X CB  1 
ATOM   664  C CG  . ASP A 1 81  ? -5.341  -8.657  -16.634 1.00 43.30 ? 81  ASP X CG  1 
ATOM   665  O OD1 . ASP A 1 81  ? -6.264  -8.806  -17.459 1.00 45.43 ? 81  ASP X OD1 1 
ATOM   666  O OD2 . ASP A 1 81  ? -4.159  -8.982  -16.855 1.00 41.19 ? 81  ASP X OD2 1 
ATOM   667  N N   . ILE A 1 82  ? -6.743  -5.618  -13.386 1.00 34.46 ? 82  ILE X N   1 
ATOM   668  C CA  . ILE A 1 82  ? -7.136  -5.226  -12.032 1.00 30.05 ? 82  ILE X CA  1 
ATOM   669  C C   . ILE A 1 82  ? -8.644  -5.031  -11.936 1.00 32.94 ? 82  ILE X C   1 
ATOM   670  O O   . ILE A 1 82  ? -9.283  -5.439  -10.960 1.00 32.91 ? 82  ILE X O   1 
ATOM   671  C CB  . ILE A 1 82  ? -6.416  -3.936  -11.605 1.00 29.24 ? 82  ILE X CB  1 
ATOM   672  C CG1 . ILE A 1 82  ? -4.909  -4.207  -11.517 1.00 29.40 ? 82  ILE X CG1 1 
ATOM   673  C CG2 . ILE A 1 82  ? -7.002  -3.393  -10.289 1.00 32.14 ? 82  ILE X CG2 1 
ATOM   674  C CD1 . ILE A 1 82  ? -4.076  -3.020  -11.135 1.00 30.87 ? 82  ILE X CD1 1 
ATOM   675  N N   . TYR A 1 83  ? -9.208  -4.438  -12.977 1.00 37.10 ? 83  TYR X N   1 
ATOM   676  C CA  . TYR A 1 83  ? -10.618 -4.058  -12.973 1.00 46.38 ? 83  TYR X CA  1 
ATOM   677  C C   . TYR A 1 83  ? -11.554 -5.261  -13.040 1.00 43.79 ? 83  TYR X C   1 
ATOM   678  O O   . TYR A 1 83  ? -12.763 -5.119  -12.867 1.00 44.20 ? 83  TYR X O   1 
ATOM   679  C CB  . TYR A 1 83  ? -10.902 -3.104  -14.133 1.00 37.35 ? 83  TYR X CB  1 
ATOM   680  C CG  . TYR A 1 83  ? -10.031 -1.873  -14.108 1.00 37.82 ? 83  TYR X CG  1 
ATOM   681  C CD1 . TYR A 1 83  ? -10.139 -0.948  -13.080 1.00 47.18 ? 83  TYR X CD1 1 
ATOM   682  C CD2 . TYR A 1 83  ? -9.100  -1.636  -15.104 1.00 36.99 ? 83  TYR X CD2 1 
ATOM   683  C CE1 . TYR A 1 83  ? -9.341  0.178   -13.041 1.00 41.74 ? 83  TYR X CE1 1 
ATOM   684  C CE2 . TYR A 1 83  ? -8.296  -0.507  -15.080 1.00 47.83 ? 83  TYR X CE2 1 
ATOM   685  C CZ  . TYR A 1 83  ? -8.422  0.397   -14.045 1.00 48.01 ? 83  TYR X CZ  1 
ATOM   686  O OH  . TYR A 1 83  ? -7.625  1.522   -14.012 1.00 50.75 ? 83  TYR X OH  1 
ATOM   687  N N   . GLN A 1 84  ? -10.992 -6.443  -13.272 1.00 44.44 ? 84  GLN X N   1 
ATOM   688  C CA  . GLN A 1 84  ? -11.781 -7.666  -13.334 1.00 46.63 ? 84  GLN X CA  1 
ATOM   689  C C   . GLN A 1 84  ? -11.891 -8.321  -11.971 1.00 46.24 ? 84  GLN X C   1 
ATOM   690  O O   . GLN A 1 84  ? -12.705 -9.218  -11.771 1.00 42.23 ? 84  GLN X O   1 
ATOM   691  C CB  . GLN A 1 84  ? -11.171 -8.657  -14.331 1.00 46.94 ? 84  GLN X CB  1 
ATOM   692  C CG  . GLN A 1 84  ? -11.109 -8.146  -15.759 1.00 57.81 ? 84  GLN X CG  1 
ATOM   693  C CD  . GLN A 1 84  ? -12.326 -7.322  -16.137 1.00 60.67 ? 84  GLN X CD  1 
ATOM   694  O OE1 . GLN A 1 84  ? -13.464 -7.789  -16.036 1.00 67.07 ? 84  GLN X OE1 1 
ATOM   695  N NE2 . GLN A 1 84  ? -12.093 -6.088  -16.574 1.00 61.44 ? 84  GLN X NE2 1 
ATOM   696  N N   . LEU A 1 85  ? -11.061 -7.880  -11.032 1.00 32.91 ? 85  LEU X N   1 
ATOM   697  C CA  . LEU A 1 85  ? -11.030 -8.503  -9.723  1.00 34.96 ? 85  LEU X CA  1 
ATOM   698  C C   . LEU A 1 85  ? -12.278 -8.132  -8.936  1.00 39.44 ? 85  LEU X C   1 
ATOM   699  O O   . LEU A 1 85  ? -12.649 -6.961  -8.866  1.00 39.39 ? 85  LEU X O   1 
ATOM   700  C CB  . LEU A 1 85  ? -9.766  -8.094  -8.957  1.00 33.29 ? 85  LEU X CB  1 
ATOM   701  C CG  . LEU A 1 85  ? -8.447  -8.507  -9.607  1.00 36.76 ? 85  LEU X CG  1 
ATOM   702  C CD1 . LEU A 1 85  ? -7.275  -7.714  -9.022  1.00 28.50 ? 85  LEU X CD1 1 
ATOM   703  C CD2 . LEU A 1 85  ? -8.226  -9.994  -9.412  1.00 31.26 ? 85  LEU X CD2 1 
ATOM   704  N N   . PRO A 1 86  ? -12.939 -9.138  -8.354  1.00 40.87 ? 86  PRO X N   1 
ATOM   705  C CA  . PRO A 1 86  ? -14.127 -8.928  -7.521  1.00 40.83 ? 86  PRO X CA  1 
ATOM   706  C C   . PRO A 1 86  ? -13.794 -8.438  -6.112  1.00 33.07 ? 86  PRO X C   1 
ATOM   707  O O   . PRO A 1 86  ? -12.686 -8.660  -5.626  1.00 37.94 ? 86  PRO X O   1 
ATOM   708  C CB  . PRO A 1 86  ? -14.757 -10.322 -7.466  1.00 43.19 ? 86  PRO X CB  1 
ATOM   709  C CG  . PRO A 1 86  ? -13.591 -11.250 -7.614  1.00 40.30 ? 86  PRO X CG  1 
ATOM   710  C CD  . PRO A 1 86  ? -12.667 -10.570 -8.584  1.00 38.24 ? 86  PRO X CD  1 
ATOM   711  N N   . GLY A 1 87  ? -14.753 -7.789  -5.462  1.00 32.86 ? 87  GLY X N   1 
ATOM   712  C CA  . GLY A 1 87  ? -14.615 -7.450  -4.057  1.00 34.51 ? 87  GLY X CA  1 
ATOM   713  C C   . GLY A 1 87  ? -13.867 -6.149  -3.827  1.00 31.39 ? 87  GLY X C   1 
ATOM   714  O O   . GLY A 1 87  ? -13.702 -5.344  -4.747  1.00 31.93 ? 87  GLY X O   1 
ATOM   715  N N   . HIS A 1 88  ? -13.437 -5.939  -2.587  1.00 32.12 ? 88  HIS X N   1 
ATOM   716  C CA  . HIS A 1 88  ? -12.658 -4.761  -2.239  1.00 30.10 ? 88  HIS X CA  1 
ATOM   717  C C   . HIS A 1 88  ? -11.201 -5.022  -2.611  1.00 26.92 ? 88  HIS X C   1 
ATOM   718  O O   . HIS A 1 88  ? -10.553 -5.914  -2.054  1.00 28.77 ? 88  HIS X O   1 
ATOM   719  C CB  . HIS A 1 88  ? -12.803 -4.435  -0.753  1.00 31.89 ? 88  HIS X CB  1 
ATOM   720  C CG  . HIS A 1 88  ? -12.363 -3.048  -0.390  1.00 35.95 ? 88  HIS X CG  1 
ATOM   721  N ND1 . HIS A 1 88  ? -12.535 -2.523  0.873   1.00 30.79 ? 88  HIS X ND1 1 
ATOM   722  C CD2 . HIS A 1 88  ? -11.753 -2.082  -1.119  1.00 32.04 ? 88  HIS X CD2 1 
ATOM   723  C CE1 . HIS A 1 88  ? -12.062 -1.289  0.905   1.00 37.60 ? 88  HIS X CE1 1 
ATOM   724  N NE2 . HIS A 1 88  ? -11.580 -0.997  -0.292  1.00 28.63 ? 88  HIS X NE2 1 
ATOM   725  N N   . VAL A 1 89  ? -10.705 -4.258  -3.576  1.00 27.57 ? 89  VAL X N   1 
ATOM   726  C CA  . VAL A 1 89  ? -9.345  -4.444  -4.069  1.00 26.41 ? 89  VAL X CA  1 
ATOM   727  C C   . VAL A 1 89  ? -8.453  -3.304  -3.599  1.00 23.81 ? 89  VAL X C   1 
ATOM   728  O O   . VAL A 1 89  ? -8.778  -2.144  -3.810  1.00 25.69 ? 89  VAL X O   1 
ATOM   729  C CB  . VAL A 1 89  ? -9.317  -4.531  -5.599  1.00 29.22 ? 89  VAL X CB  1 
ATOM   730  C CG1 . VAL A 1 89  ? -7.863  -4.547  -6.125  1.00 25.46 ? 89  VAL X CG1 1 
ATOM   731  C CG2 . VAL A 1 89  ? -10.093 -5.776  -6.064  1.00 29.99 ? 89  VAL X CG2 1 
ATOM   732  N N   . PHE A 1 90  ? -7.354  -3.649  -2.936  1.00 22.38 ? 90  PHE X N   1 
ATOM   733  C CA  . PHE A 1 90  ? -6.386  -2.663  -2.454  1.00 22.36 ? 90  PHE X CA  1 
ATOM   734  C C   . PHE A 1 90  ? -5.129  -2.671  -3.334  1.00 25.95 ? 90  PHE X C   1 
ATOM   735  O O   . PHE A 1 90  ? -4.455  -3.700  -3.432  1.00 25.66 ? 90  PHE X O   1 
ATOM   736  C CB  . PHE A 1 90  ? -5.970  -2.949  -1.006  1.00 21.37 ? 90  PHE X CB  1 
ATOM   737  C CG  . PHE A 1 90  ? -7.076  -2.806  0.003   1.00 24.52 ? 90  PHE X CG  1 
ATOM   738  C CD1 . PHE A 1 90  ? -7.271  -1.598  0.669   1.00 22.05 ? 90  PHE X CD1 1 
ATOM   739  C CD2 . PHE A 1 90  ? -7.901  -3.880  0.313   1.00 29.59 ? 90  PHE X CD2 1 
ATOM   740  C CE1 . PHE A 1 90  ? -8.286  -1.451  1.601   1.00 22.85 ? 90  PHE X CE1 1 
ATOM   741  C CE2 . PHE A 1 90  ? -8.923  -3.750  1.254   1.00 25.27 ? 90  PHE X CE2 1 
ATOM   742  C CZ  . PHE A 1 90  ? -9.115  -2.542  1.901   1.00 28.98 ? 90  PHE X CZ  1 
ATOM   743  N N   . ILE A 1 91  ? -4.829  -1.542  -3.969  1.00 21.01 ? 91  ILE X N   1 
ATOM   744  C CA  . ILE A 1 91  ? -3.525  -1.339  -4.596  1.00 23.64 ? 91  ILE X CA  1 
ATOM   745  C C   . ILE A 1 91  ? -2.494  -1.167  -3.484  1.00 22.37 ? 91  ILE X C   1 
ATOM   746  O O   . ILE A 1 91  ? -2.554  -0.205  -2.738  1.00 20.05 ? 91  ILE X O   1 
ATOM   747  C CB  . ILE A 1 91  ? -3.525  -0.108  -5.514  1.00 20.86 ? 91  ILE X CB  1 
ATOM   748  C CG1 . ILE A 1 91  ? -4.699  -0.172  -6.512  1.00 25.25 ? 91  ILE X CG1 1 
ATOM   749  C CG2 . ILE A 1 91  ? -2.152  0.069   -6.187  1.00 23.91 ? 91  ILE X CG2 1 
ATOM   750  C CD1 . ILE A 1 91  ? -4.664  -1.380  -7.486  1.00 25.20 ? 91  ILE X CD1 1 
ATOM   751  N N   . PHE A 1 92  ? -1.559  -2.108  -3.388  1.00 20.49 ? 92  PHE X N   1 
ATOM   752  C CA  . PHE A 1 92  ? -0.710  -2.285  -2.215  1.00 20.13 ? 92  PHE X CA  1 
ATOM   753  C C   . PHE A 1 92  ? 0.719   -1.749  -2.409  1.00 20.11 ? 92  PHE X C   1 
ATOM   754  O O   . PHE A 1 92  ? 1.477   -1.625  -1.446  1.00 19.92 ? 92  PHE X O   1 
ATOM   755  C CB  . PHE A 1 92  ? -0.681  -3.780  -1.874  1.00 20.59 ? 92  PHE X CB  1 
ATOM   756  C CG  . PHE A 1 92  ? -0.212  -4.102  -0.482  1.00 22.15 ? 92  PHE X CG  1 
ATOM   757  C CD1 . PHE A 1 92  ? 0.822   -5.008  -0.278  1.00 27.15 ? 92  PHE X CD1 1 
ATOM   758  C CD2 . PHE A 1 92  ? -0.841  -3.555  0.620   1.00 20.56 ? 92  PHE X CD2 1 
ATOM   759  C CE1 . PHE A 1 92  ? 1.238   -5.331  1.008   1.00 24.88 ? 92  PHE X CE1 1 
ATOM   760  C CE2 . PHE A 1 92  ? -0.430  -3.867  1.904   1.00 22.44 ? 92  PHE X CE2 1 
ATOM   761  C CZ  . PHE A 1 92  ? 0.612   -4.758  2.097   1.00 23.86 ? 92  PHE X CZ  1 
ATOM   762  N N   . GLY A 1 93  ? 1.079   -1.417  -3.648  1.00 20.85 ? 93  GLY X N   1 
ATOM   763  C CA  . GLY A 1 93  ? 2.425   -0.928  -3.945  1.00 20.75 ? 93  GLY X CA  1 
ATOM   764  C C   . GLY A 1 93  ? 3.047   -1.629  -5.147  1.00 22.88 ? 93  GLY X C   1 
ATOM   765  O O   . GLY A 1 93  ? 2.447   -2.560  -5.700  1.00 19.00 ? 93  GLY X O   1 
ATOM   766  N N   . GLY A 1 94  ? 4.236   -1.194  -5.571  1.00 22.35 ? 94  GLY X N   1 
ATOM   767  C CA  . GLY A 1 94  ? 4.975   -0.126  -4.921  1.00 17.26 ? 94  GLY X CA  1 
ATOM   768  C C   . GLY A 1 94  ? 4.856   1.163   -5.720  1.00 16.95 ? 94  GLY X C   1 
ATOM   769  O O   . GLY A 1 94  ? 3.785   1.484   -6.219  1.00 20.03 ? 94  GLY X O   1 
ATOM   770  N N   . GLN A 1 95  ? 5.960   1.896   -5.836  1.00 20.49 ? 95  GLN X N   1 
ATOM   771  C CA  . GLN A 1 95  ? 5.939   3.199   -6.496  1.00 18.79 ? 95  GLN X CA  1 
ATOM   772  C C   . GLN A 1 95  ? 5.316   3.136   -7.896  1.00 20.62 ? 95  GLN X C   1 
ATOM   773  O O   . GLN A 1 95  ? 4.458   3.947   -8.241  1.00 20.25 ? 95  GLN X O   1 
ATOM   774  C CB  . GLN A 1 95  ? 7.356   3.774   -6.587  1.00 19.63 ? 95  GLN X CB  1 
ATOM   775  C CG  . GLN A 1 95  ? 7.433   5.033   -7.444  1.00 21.72 ? 95  GLN X CG  1 
ATOM   776  C CD  . GLN A 1 95  ? 8.843   5.573   -7.531  1.00 23.89 ? 95  GLN X CD  1 
ATOM   777  O OE1 . GLN A 1 95  ? 9.426   5.982   -6.535  1.00 18.36 ? 95  GLN X OE1 1 
ATOM   778  N NE2 . GLN A 1 95  ? 9.409   5.548   -8.730  1.00 37.90 ? 95  GLN X NE2 1 
ATOM   779  N N   A THR A 1 96  ? 5.731   2.157   -8.697  0.67 22.13 ? 96  THR X N   1 
ATOM   780  N N   B THR A 1 96  ? 5.740   2.162   -8.698  0.33 22.11 ? 96  THR X N   1 
ATOM   781  C CA  A THR A 1 96  ? 5.252   2.077   -10.071 0.67 19.37 ? 96  THR X CA  1 
ATOM   782  C CA  B THR A 1 96  ? 5.254   2.049   -10.071 0.33 19.46 ? 96  THR X CA  1 
ATOM   783  C C   A THR A 1 96  ? 3.742   1.842   -10.135 0.67 20.24 ? 96  THR X C   1 
ATOM   784  C C   B THR A 1 96  ? 3.743   1.855   -10.121 0.33 20.30 ? 96  THR X C   1 
ATOM   785  O O   A THR A 1 96  ? 3.029   2.527   -10.877 0.67 20.35 ? 96  THR X O   1 
ATOM   786  O O   B THR A 1 96  ? 3.042   2.556   -10.854 0.33 20.36 ? 96  THR X O   1 
ATOM   787  C CB  A THR A 1 96  ? 6.006   0.977   -10.847 0.67 21.68 ? 96  THR X CB  1 
ATOM   788  C CB  B THR A 1 96  ? 5.927   0.886   -10.817 0.33 21.54 ? 96  THR X CB  1 
ATOM   789  O OG1 A THR A 1 96  ? 7.395   1.337   -10.923 0.67 21.76 ? 96  THR X OG1 1 
ATOM   790  O OG1 B THR A 1 96  ? 5.346   -0.353  -10.394 0.33 19.31 ? 96  THR X OG1 1 
ATOM   791  C CG2 A THR A 1 96  ? 5.463   0.846   -12.241 0.67 21.17 ? 96  THR X CG2 1 
ATOM   792  C CG2 B THR A 1 96  ? 7.428   0.877   -10.533 0.33 22.07 ? 96  THR X CG2 1 
ATOM   793  N N   . LEU A 1 97  ? 3.237   0.909   -9.336  1.00 20.23 ? 97  LEU X N   1 
ATOM   794  C CA  . LEU A 1 97  ? 1.796   0.661   -9.315  1.00 20.73 ? 97  LEU X CA  1 
ATOM   795  C C   . LEU A 1 97  ? 1.025   1.873   -8.760  1.00 22.45 ? 97  LEU X C   1 
ATOM   796  O O   . LEU A 1 97  ? -0.041  2.218   -9.284  1.00 21.02 ? 97  LEU X O   1 
ATOM   797  C CB  . LEU A 1 97  ? 1.465   -0.589  -8.500  1.00 26.97 ? 97  LEU X CB  1 
ATOM   798  C CG  . LEU A 1 97  ? 0.102   -1.223  -8.795  1.00 36.00 ? 97  LEU X CG  1 
ATOM   799  C CD1 . LEU A 1 97  ? -0.174  -1.354  -10.283 1.00 27.99 ? 97  LEU X CD1 1 
ATOM   800  C CD2 . LEU A 1 97  ? 0.022   -2.585  -8.133  1.00 41.68 ? 97  LEU X CD2 1 
ATOM   801  N N   . PHE A 1 98  ? 1.549   2.514   -7.712  1.00 20.33 ? 98  PHE X N   1 
ATOM   802  C CA  . PHE A 1 98  ? 0.857   3.691   -7.166  1.00 19.60 ? 98  PHE X CA  1 
ATOM   803  C C   . PHE A 1 98  ? 0.749   4.785   -8.242  1.00 23.11 ? 98  PHE X C   1 
ATOM   804  O O   . PHE A 1 98  ? -0.313  5.406   -8.402  1.00 24.35 ? 98  PHE X O   1 
ATOM   805  C CB  . PHE A 1 98  ? 1.560   4.246   -5.911  1.00 16.17 ? 98  PHE X CB  1 
ATOM   806  C CG  . PHE A 1 98  ? 1.415   3.367   -4.677  1.00 18.00 ? 98  PHE X CG  1 
ATOM   807  C CD1 . PHE A 1 98  ? 0.217   2.702   -4.410  1.00 19.44 ? 98  PHE X CD1 1 
ATOM   808  C CD2 . PHE A 1 98  ? 2.475   3.207   -3.798  1.00 15.76 ? 98  PHE X CD2 1 
ATOM   809  C CE1 . PHE A 1 98  ? 0.091   1.884   -3.294  1.00 15.24 ? 98  PHE X CE1 1 
ATOM   810  C CE2 . PHE A 1 98  ? 2.358   2.392   -2.671  1.00 19.54 ? 98  PHE X CE2 1 
ATOM   811  C CZ  . PHE A 1 98  ? 1.164   1.740   -2.410  1.00 17.95 ? 98  PHE X CZ  1 
ATOM   812  N N   . GLU A 1 99  ? 1.845   5.022   -8.966  1.00 17.70 ? 99  GLU X N   1 
ATOM   813  C CA  . GLU A 1 99  ? 1.871   6.002   -10.058 1.00 20.61 ? 99  GLU X CA  1 
ATOM   814  C C   . GLU A 1 99  ? 0.873   5.659   -11.154 1.00 23.82 ? 99  GLU X C   1 
ATOM   815  O O   . GLU A 1 99  ? 0.250   6.552   -11.734 1.00 23.30 ? 99  GLU X O   1 
ATOM   816  C CB  . GLU A 1 99  ? 3.282   6.108   -10.665 1.00 23.76 ? 99  GLU X CB  1 
ATOM   817  C CG  . GLU A 1 99  ? 4.268   6.880   -9.797  1.00 21.64 ? 99  GLU X CG  1 
ATOM   818  C CD  . GLU A 1 99  ? 5.711   6.800   -10.321 1.00 29.66 ? 99  GLU X CD  1 
ATOM   819  O OE1 . GLU A 1 99  ? 6.602   7.415   -9.709  1.00 28.17 ? 99  GLU X OE1 1 
ATOM   820  O OE2 . GLU A 1 99  ? 5.954   6.100   -11.325 1.00 31.73 ? 99  GLU X OE2 1 
ATOM   821  N N   . GLU A 1 100 ? 0.720   4.367   -11.441 1.00 25.33 ? 100 GLU X N   1 
ATOM   822  C CA  . GLU A 1 100 ? -0.221  3.924   -12.465 1.00 22.64 ? 100 GLU X CA  1 
ATOM   823  C C   . GLU A 1 100 ? -1.674  4.011   -12.020 1.00 24.80 ? 100 GLU X C   1 
ATOM   824  O O   . GLU A 1 100 ? -2.575  4.115   -12.852 1.00 26.91 ? 100 GLU X O   1 
ATOM   825  C CB  . GLU A 1 100 ? 0.086   2.482   -12.889 1.00 23.84 ? 100 GLU X CB  1 
ATOM   826  C CG  . GLU A 1 100 ? 1.431   2.347   -13.590 1.00 26.21 ? 100 GLU X CG  1 
ATOM   827  C CD  . GLU A 1 100 ? 1.788   0.905   -13.901 1.00 26.57 ? 100 GLU X CD  1 
ATOM   828  O OE1 . GLU A 1 100 ? 2.301   0.216   -13.005 1.00 29.28 ? 100 GLU X OE1 1 
ATOM   829  O OE2 . GLU A 1 100 ? 1.547   0.470   -15.040 1.00 31.36 ? 100 GLU X OE2 1 
ATOM   830  N N   . MET A 1 101 ? -1.914  3.964   -10.713 1.00 22.04 ? 101 MET X N   1 
ATOM   831  C CA  . MET A 1 101 ? -3.282  3.774   -10.242 1.00 20.81 ? 101 MET X CA  1 
ATOM   832  C C   . MET A 1 101 ? -3.873  4.950   -9.454  1.00 25.53 ? 101 MET X C   1 
ATOM   833  O O   . MET A 1 101 ? -5.077  4.960   -9.193  1.00 23.88 ? 101 MET X O   1 
ATOM   834  C CB  . MET A 1 101 ? -3.357  2.506   -9.385  1.00 23.11 ? 101 MET X CB  1 
ATOM   835  C CG  . MET A 1 101 ? -3.091  1.213   -10.183 1.00 28.39 ? 101 MET X CG  1 
ATOM   836  S SD  . MET A 1 101 ? -4.268  0.970   -11.547 1.00 32.70 ? 101 MET X SD  1 
ATOM   837  C CE  . MET A 1 101 ? -5.768  0.627   -10.640 1.00 29.14 ? 101 MET X CE  1 
ATOM   838  N N   . ILE A 1 102 ? -3.062  5.938   -9.085  1.00 24.33 ? 102 ILE X N   1 
ATOM   839  C CA  . ILE A 1 102 ? -3.572  6.987   -8.181  1.00 22.33 ? 102 ILE X CA  1 
ATOM   840  C C   . ILE A 1 102 ? -4.715  7.793   -8.827  1.00 29.70 ? 102 ILE X C   1 
ATOM   841  O O   . ILE A 1 102 ? -5.658  8.201   -8.144  1.00 27.30 ? 102 ILE X O   1 
ATOM   842  C CB  . ILE A 1 102 ? -2.448  7.951   -7.702  1.00 27.47 ? 102 ILE X CB  1 
ATOM   843  C CG1 . ILE A 1 102 ? -3.001  8.929   -6.651  1.00 27.00 ? 102 ILE X CG1 1 
ATOM   844  C CG2 . ILE A 1 102 ? -1.796  8.696   -8.865  1.00 23.75 ? 102 ILE X CG2 1 
ATOM   845  C CD1 . ILE A 1 102 ? -1.921  9.687   -5.889  1.00 26.42 ? 102 ILE X CD1 1 
ATOM   846  N N   . ASP A 1 103 ? -4.667  7.974   -10.143 1.00 25.02 ? 103 ASP X N   1 
ATOM   847  C CA  . ASP A 1 103 ? -5.764  8.660   -10.834 1.00 29.77 ? 103 ASP X CA  1 
ATOM   848  C C   . ASP A 1 103 ? -6.983  7.766   -11.089 1.00 28.71 ? 103 ASP X C   1 
ATOM   849  O O   . ASP A 1 103 ? -7.976  8.225   -11.645 1.00 29.93 ? 103 ASP X O   1 
ATOM   850  C CB  . ASP A 1 103 ? -5.277  9.230   -12.171 1.00 31.04 ? 103 ASP X CB  1 
ATOM   851  C CG  . ASP A 1 103 ? -4.183  10.267  -12.002 1.00 44.19 ? 103 ASP X CG  1 
ATOM   852  O OD1 . ASP A 1 103 ? -4.289  11.103  -11.075 1.00 38.12 ? 103 ASP X OD1 1 
ATOM   853  O OD2 . ASP A 1 103 ? -3.216  10.246  -12.799 1.00 44.69 ? 103 ASP X OD2 1 
ATOM   854  N N   . LYS A 1 104 ? -6.914  6.499   -10.690 1.00 27.80 ? 104 LYS X N   1 
ATOM   855  C CA  . LYS A 1 104 ? -7.979  5.539   -10.982 1.00 29.32 ? 104 LYS X CA  1 
ATOM   856  C C   . LYS A 1 104 ? -8.766  5.072   -9.750  1.00 26.83 ? 104 LYS X C   1 
ATOM   857  O O   . LYS A 1 104 ? -9.906  4.625   -9.871  1.00 30.33 ? 104 LYS X O   1 
ATOM   858  C CB  . LYS A 1 104 ? -7.397  4.299   -11.682 1.00 28.73 ? 104 LYS X CB  1 
ATOM   859  C CG  . LYS A 1 104 ? -6.439  4.612   -12.816 1.00 31.61 ? 104 LYS X CG  1 
ATOM   860  C CD  . LYS A 1 104 ? -7.179  5.061   -14.051 1.00 42.93 ? 104 LYS X CD  1 
ATOM   861  C CE  . LYS A 1 104 ? -6.245  5.118   -15.245 1.00 57.44 ? 104 LYS X CE  1 
ATOM   862  N NZ  . LYS A 1 104 ? -6.979  5.476   -16.491 1.00 74.70 ? 104 LYS X NZ  1 
ATOM   863  N N   . VAL A 1 105 ? -8.168  5.158   -8.568  1.00 23.66 ? 105 VAL X N   1 
ATOM   864  C CA  . VAL A 1 105 ? -8.784  4.548   -7.391  1.00 23.89 ? 105 VAL X CA  1 
ATOM   865  C C   . VAL A 1 105 ? -9.905  5.434   -6.821  1.00 25.28 ? 105 VAL X C   1 
ATOM   866  O O   . VAL A 1 105 ? -9.927  6.640   -7.039  1.00 27.02 ? 105 VAL X O   1 
ATOM   867  C CB  . VAL A 1 105 ? -7.748  4.256   -6.273  1.00 23.47 ? 105 VAL X CB  1 
ATOM   868  C CG1 . VAL A 1 105 ? -6.779  3.140   -6.686  1.00 26.35 ? 105 VAL X CG1 1 
ATOM   869  C CG2 . VAL A 1 105 ? -6.989  5.523   -5.892  1.00 22.92 ? 105 VAL X CG2 1 
ATOM   870  N N   . ASP A 1 106 ? -10.825 4.804   -6.099  1.00 27.58 ? 106 ASP X N   1 
ATOM   871  C CA  . ASP A 1 106 ? -11.944 5.482   -5.449  1.00 28.20 ? 106 ASP X CA  1 
ATOM   872  C C   . ASP A 1 106 ? -11.494 6.257   -4.213  1.00 25.64 ? 106 ASP X C   1 
ATOM   873  O O   . ASP A 1 106 ? -11.963 7.375   -3.937  1.00 24.33 ? 106 ASP X O   1 
ATOM   874  C CB  . ASP A 1 106 ? -13.009 4.453   -5.059  1.00 27.76 ? 106 ASP X CB  1 
ATOM   875  C CG  . ASP A 1 106 ? -13.558 3.696   -6.261  1.00 32.89 ? 106 ASP X CG  1 
ATOM   876  O OD1 . ASP A 1 106 ? -13.858 4.358   -7.275  1.00 38.28 ? 106 ASP X OD1 1 
ATOM   877  O OD2 . ASP A 1 106 ? -13.675 2.448   -6.195  1.00 33.89 ? 106 ASP X OD2 1 
ATOM   878  N N   . ASP A 1 107 ? -10.587 5.649   -3.460  1.00 24.60 ? 107 ASP X N   1 
ATOM   879  C CA  . ASP A 1 107 ? -10.137 6.226   -2.202  1.00 26.17 ? 107 ASP X CA  1 
ATOM   880  C C   . ASP A 1 107 ? -8.748  5.732   -1.857  1.00 24.70 ? 107 ASP X C   1 
ATOM   881  O O   . ASP A 1 107 ? -8.204  4.829   -2.519  1.00 19.76 ? 107 ASP X O   1 
ATOM   882  C CB  . ASP A 1 107 ? -11.124 5.898   -1.067  1.00 19.24 ? 107 ASP X CB  1 
ATOM   883  C CG  . ASP A 1 107 ? -11.302 4.414   -0.851  1.00 26.83 ? 107 ASP X CG  1 
ATOM   884  O OD1 . ASP A 1 107 ? -11.935 4.042   0.161   1.00 28.53 ? 107 ASP X OD1 1 
ATOM   885  O OD2 . ASP A 1 107 ? -10.825 3.615   -1.686  1.00 26.49 ? 107 ASP X OD2 1 
ATOM   886  N N   . MET A 1 108 ? -8.177  6.329   -0.815  1.00 19.15 ? 108 MET X N   1 
ATOM   887  C CA  . MET A 1 108 ? -6.832  5.970   -0.365  1.00 16.92 ? 108 MET X CA  1 
ATOM   888  C C   . MET A 1 108 ? -6.793  5.832   1.149   1.00 19.79 ? 108 MET X C   1 
ATOM   889  O O   . MET A 1 108 ? -7.294  6.700   1.855   1.00 20.12 ? 108 MET X O   1 
ATOM   890  C CB  . MET A 1 108 ? -5.807  7.023   -0.814  1.00 16.67 ? 108 MET X CB  1 
ATOM   891  C CG  . MET A 1 108 ? -5.859  7.340   -2.319  1.00 19.48 ? 108 MET X CG  1 
ATOM   892  S SD  . MET A 1 108 ? -4.405  8.204   -2.946  1.00 20.93 ? 108 MET X SD  1 
ATOM   893  C CE  . MET A 1 108 ? -4.653  9.856   -2.279  1.00 17.12 ? 108 MET X CE  1 
ATOM   894  N N   . TYR A 1 109 ? -6.214  4.731   1.624   1.00 16.18 ? 109 TYR X N   1 
ATOM   895  C CA  . TYR A 1 109 ? -5.910  4.543   3.037   1.00 14.13 ? 109 TYR X CA  1 
ATOM   896  C C   . TYR A 1 109 ? -4.424  4.787   3.205   1.00 18.18 ? 109 TYR X C   1 
ATOM   897  O O   . TYR A 1 109 ? -3.585  3.933   2.856   1.00 17.02 ? 109 TYR X O   1 
ATOM   898  C CB  . TYR A 1 109 ? -6.275  3.140   3.515   1.00 18.44 ? 109 TYR X CB  1 
ATOM   899  C CG  . TYR A 1 109 ? -7.756  2.873   3.475   1.00 19.90 ? 109 TYR X CG  1 
ATOM   900  C CD1 . TYR A 1 109 ? -8.367  2.425   2.315   1.00 23.12 ? 109 TYR X CD1 1 
ATOM   901  C CD2 . TYR A 1 109 ? -8.545  3.084   4.602   1.00 24.65 ? 109 TYR X CD2 1 
ATOM   902  C CE1 . TYR A 1 109 ? -9.737  2.188   2.277   1.00 25.04 ? 109 TYR X CE1 1 
ATOM   903  C CE2 . TYR A 1 109 ? -9.908  2.846   4.574   1.00 20.65 ? 109 TYR X CE2 1 
ATOM   904  C CZ  . TYR A 1 109 ? -10.490 2.392   3.419   1.00 26.66 ? 109 TYR X CZ  1 
ATOM   905  O OH  . TYR A 1 109 ? -11.845 2.160   3.399   1.00 27.67 ? 109 TYR X OH  1 
ATOM   906  N N   . ILE A 1 110 ? -4.106  5.958   3.731   1.00 13.33 ? 110 ILE X N   1 
ATOM   907  C CA  . ILE A 1 110 ? -2.712  6.391   3.842   1.00 15.94 ? 110 ILE X CA  1 
ATOM   908  C C   . ILE A 1 110 ? -2.298  6.465   5.298   1.00 20.11 ? 110 ILE X C   1 
ATOM   909  O O   . ILE A 1 110 ? -2.980  7.098   6.099   1.00 21.77 ? 110 ILE X O   1 
ATOM   910  C CB  . ILE A 1 110 ? -2.498  7.773   3.196   1.00 16.44 ? 110 ILE X CB  1 
ATOM   911  C CG1 . ILE A 1 110 ? -2.792  7.707   1.697   1.00 20.97 ? 110 ILE X CG1 1 
ATOM   912  C CG2 . ILE A 1 110 ? -1.065  8.262   3.469   1.00 17.09 ? 110 ILE X CG2 1 
ATOM   913  C CD1 . ILE A 1 110 ? -2.816  9.049   1.006   1.00 26.99 ? 110 ILE X CD1 1 
ATOM   914  N N   . THR A 1 111 ? -1.199  5.808   5.654   1.00 16.16 ? 111 THR X N   1 
ATOM   915  C CA  . THR A 1 111 ? -0.588  6.043   6.952   1.00 14.84 ? 111 THR X CA  1 
ATOM   916  C C   . THR A 1 111 ? 0.526   7.056   6.745   1.00 21.71 ? 111 THR X C   1 
ATOM   917  O O   . THR A 1 111 ? 1.518   6.759   6.068   1.00 19.85 ? 111 THR X O   1 
ATOM   918  C CB  . THR A 1 111 ? -0.017  4.754   7.573   1.00 18.58 ? 111 THR X CB  1 
ATOM   919  O OG1 . THR A 1 111 ? -1.054  3.770   7.692   1.00 18.91 ? 111 THR X OG1 1 
ATOM   920  C CG2 . THR A 1 111 ? 0.605   5.031   8.942   1.00 22.66 ? 111 THR X CG2 1 
ATOM   921  N N   . VAL A 1 112 ? 0.352   8.269   7.262   1.00 17.38 ? 112 VAL X N   1 
ATOM   922  C CA  . VAL A 1 112 ? 1.437   9.245   7.171   1.00 15.44 ? 112 VAL X CA  1 
ATOM   923  C C   . VAL A 1 112 ? 2.414   8.995   8.309   1.00 22.23 ? 112 VAL X C   1 
ATOM   924  O O   . VAL A 1 112 ? 2.065   9.121   9.486   1.00 19.05 ? 112 VAL X O   1 
ATOM   925  C CB  . VAL A 1 112 ? 0.951   10.693  7.245   1.00 18.23 ? 112 VAL X CB  1 
ATOM   926  C CG1 . VAL A 1 112 ? 2.159   11.629  7.161   1.00 19.77 ? 112 VAL X CG1 1 
ATOM   927  C CG2 . VAL A 1 112 ? -0.064  10.974  6.141   1.00 20.02 ? 112 VAL X CG2 1 
ATOM   928  N N   . ILE A 1 113 ? 3.633   8.612   7.953   1.00 19.08 ? 113 ILE X N   1 
ATOM   929  C CA  . ILE A 1 113 ? 4.692   8.408   8.931   1.00 15.76 ? 113 ILE X CA  1 
ATOM   930  C C   . ILE A 1 113 ? 5.328   9.788   9.149   1.00 21.89 ? 113 ILE X C   1 
ATOM   931  O O   . ILE A 1 113 ? 5.881   10.364  8.213   1.00 19.70 ? 113 ILE X O   1 
ATOM   932  C CB  . ILE A 1 113 ? 5.743   7.375   8.432   1.00 20.74 ? 113 ILE X CB  1 
ATOM   933  C CG1 . ILE A 1 113 ? 5.076   6.069   7.970   1.00 24.86 ? 113 ILE X CG1 1 
ATOM   934  C CG2 . ILE A 1 113 ? 6.844   7.160   9.478   1.00 18.54 ? 113 ILE X CG2 1 
ATOM   935  C CD1 . ILE A 1 113 ? 4.516   5.204   9.090   1.00 20.51 ? 113 ILE X CD1 1 
ATOM   936  N N   . GLU A 1 114 ? 5.237   10.331  10.366  1.00 19.97 ? 114 GLU X N   1 
ATOM   937  C CA  . GLU A 1 114 ? 5.550   11.748  10.573  1.00 20.87 ? 114 GLU X CA  1 
ATOM   938  C C   . GLU A 1 114 ? 7.026   11.958  10.866  1.00 20.54 ? 114 GLU X C   1 
ATOM   939  O O   . GLU A 1 114 ? 7.406   12.457  11.924  1.00 22.53 ? 114 GLU X O   1 
ATOM   940  C CB  . GLU A 1 114 ? 4.694   12.326  11.707  1.00 21.19 ? 114 GLU X CB  1 
ATOM   941  C CG  . GLU A 1 114 ? 3.206   12.033  11.549  1.00 25.13 ? 114 GLU X CG  1 
ATOM   942  C CD  . GLU A 1 114 ? 2.461   13.098  10.772  1.00 39.02 ? 114 GLU X CD  1 
ATOM   943  O OE1 . GLU A 1 114 ? 3.102   14.041  10.261  1.00 40.53 ? 114 GLU X OE1 1 
ATOM   944  O OE2 . GLU A 1 114 ? 1.215   13.001  10.681  1.00 38.03 ? 114 GLU X OE2 1 
ATOM   945  N N   . GLY A 1 115 ? 7.855   11.563  9.914   1.00 19.32 ? 115 GLY X N   1 
ATOM   946  C CA  . GLY A 1 115 ? 9.295   11.702  10.035  1.00 17.43 ? 115 GLY X CA  1 
ATOM   947  C C   . GLY A 1 115 ? 9.895   11.834  8.645   1.00 20.21 ? 115 GLY X C   1 
ATOM   948  O O   . GLY A 1 115 ? 9.159   11.753  7.656   1.00 18.88 ? 115 GLY X O   1 
ATOM   949  N N   . LYS A 1 116 ? 11.207  12.063  8.564   1.00 15.82 ? 116 LYS X N   1 
ATOM   950  C CA  . LYS A 1 116 ? 11.882  12.167  7.265   1.00 14.72 ? 116 LYS X CA  1 
ATOM   951  C C   . LYS A 1 116 ? 12.959  11.106  7.168   1.00 19.93 ? 116 LYS X C   1 
ATOM   952  O O   . LYS A 1 116 ? 13.996  11.192  7.848   1.00 21.10 ? 116 LYS X O   1 
ATOM   953  C CB  . LYS A 1 116 ? 12.511  13.555  7.065   1.00 18.61 ? 116 LYS X CB  1 
ATOM   954  C CG  . LYS A 1 116 ? 11.503  14.698  6.957   1.00 28.12 ? 116 LYS X CG  1 
ATOM   955  C CD  . LYS A 1 116 ? 12.231  16.047  6.850   1.00 36.80 ? 116 LYS X CD  1 
ATOM   956  C CE  . LYS A 1 116 ? 11.259  17.190  6.577   1.00 45.64 ? 116 LYS X CE  1 
ATOM   957  N NZ  . LYS A 1 116 ? 11.958  18.510  6.486   1.00 54.55 ? 116 LYS X NZ  1 
ATOM   958  N N   . PHE A 1 117 ? 12.712  10.127  6.299   1.00 19.65 ? 117 PHE X N   1 
ATOM   959  C CA  . PHE A 1 117 ? 13.595  8.978   6.093   1.00 20.53 ? 117 PHE X CA  1 
ATOM   960  C C   . PHE A 1 117 ? 14.370  9.069   4.779   1.00 22.10 ? 117 PHE X C   1 
ATOM   961  O O   . PHE A 1 117 ? 13.949  9.768   3.865   1.00 21.06 ? 117 PHE X O   1 
ATOM   962  C CB  . PHE A 1 117 ? 12.756  7.697   6.104   1.00 20.45 ? 117 PHE X CB  1 
ATOM   963  C CG  . PHE A 1 117 ? 12.144  7.404   7.441   1.00 23.55 ? 117 PHE X CG  1 
ATOM   964  C CD1 . PHE A 1 117 ? 12.687  6.424   8.270   1.00 24.46 ? 117 PHE X CD1 1 
ATOM   965  C CD2 . PHE A 1 117 ? 11.040  8.124   7.881   1.00 19.32 ? 117 PHE X CD2 1 
ATOM   966  C CE1 . PHE A 1 117 ? 12.118  6.162   9.521   1.00 20.35 ? 117 PHE X CE1 1 
ATOM   967  C CE2 . PHE A 1 117 ? 10.471  7.871   9.124   1.00 21.14 ? 117 PHE X CE2 1 
ATOM   968  C CZ  . PHE A 1 117 ? 11.023  6.893   9.940   1.00 17.77 ? 117 PHE X CZ  1 
ATOM   969  N N   . ARG A 1 118 ? 15.498  8.368   4.679   1.00 24.16 ? 118 ARG X N   1 
ATOM   970  C CA  . ARG A 1 118 ? 16.137  8.236   3.372   1.00 22.45 ? 118 ARG X CA  1 
ATOM   971  C C   . ARG A 1 118 ? 15.328  7.252   2.530   1.00 18.20 ? 118 ARG X C   1 
ATOM   972  O O   . ARG A 1 118 ? 15.011  6.162   2.993   1.00 22.32 ? 118 ARG X O   1 
ATOM   973  C CB  . ARG A 1 118 ? 17.588  7.760   3.486   1.00 24.60 ? 118 ARG X CB  1 
ATOM   974  C CG  . ARG A 1 118 ? 18.202  7.502   2.098   1.00 32.22 ? 118 ARG X CG  1 
ATOM   975  C CD  . ARG A 1 118 ? 19.638  6.998   2.163   1.00 48.26 ? 118 ARG X CD  1 
ATOM   976  N NE  . ARG A 1 118 ? 20.485  7.933   2.891   1.00 45.14 ? 118 ARG X NE  1 
ATOM   977  C CZ  . ARG A 1 118 ? 20.895  7.746   4.140   1.00 54.44 ? 118 ARG X CZ  1 
ATOM   978  N NH1 . ARG A 1 118 ? 20.552  6.645   4.795   1.00 61.09 ? 118 ARG X NH1 1 
ATOM   979  N NH2 . ARG A 1 118 ? 21.652  8.660   4.733   1.00 62.84 ? 118 ARG X NH2 1 
ATOM   980  N N   . GLY A 1 119 ? 14.974  7.630   1.311   1.00 17.24 ? 119 GLY X N   1 
ATOM   981  C CA  . GLY A 1 119 ? 14.219  6.720   0.464   1.00 18.96 ? 119 GLY X CA  1 
ATOM   982  C C   . GLY A 1 119 ? 14.753  6.660   -0.949  1.00 23.84 ? 119 GLY X C   1 
ATOM   983  O O   . GLY A 1 119 ? 15.517  7.538   -1.383  1.00 18.90 ? 119 GLY X O   1 
ATOM   984  N N   . ASP A 1 120 ? 14.391  5.607   -1.667  1.00 18.57 ? 120 ASP X N   1 
ATOM   985  C CA  . ASP A 1 120 ? 14.649  5.588   -3.097  1.00 21.19 ? 120 ASP X CA  1 
ATOM   986  C C   . ASP A 1 120 ? 13.359  5.348   -3.877  1.00 23.77 ? 120 ASP X C   1 
ATOM   987  O O   . ASP A 1 120 ? 13.372  5.245   -5.106  1.00 16.93 ? 120 ASP X O   1 
ATOM   988  C CB  . ASP A 1 120 ? 15.713  4.542   -3.459  1.00 19.91 ? 120 ASP X CB  1 
ATOM   989  C CG  . ASP A 1 120 ? 15.352  3.138   -3.013  1.00 24.84 ? 120 ASP X CG  1 
ATOM   990  O OD1 . ASP A 1 120 ? 16.296  2.329   -2.858  1.00 22.50 ? 120 ASP X OD1 1 
ATOM   991  O OD2 . ASP A 1 120 ? 14.143  2.842   -2.821  1.00 18.99 ? 120 ASP X OD2 1 
ATOM   992  N N   . THR A 1 121 ? 12.234  5.266   -3.171  1.00 17.16 ? 121 THR X N   1 
ATOM   993  C CA  . THR A 1 121 ? 10.946  5.096   -3.849  1.00 16.72 ? 121 THR X CA  1 
ATOM   994  C C   . THR A 1 121 ? 9.878   5.919   -3.130  1.00 17.23 ? 121 THR X C   1 
ATOM   995  O O   . THR A 1 121 ? 9.916   6.064   -1.901  1.00 17.59 ? 121 THR X O   1 
ATOM   996  C CB  . THR A 1 121 ? 10.497  3.620   -3.924  1.00 24.87 ? 121 THR X CB  1 
ATOM   997  O OG1 . THR A 1 121 ? 10.792  2.980   -2.691  1.00 25.50 ? 121 THR X OG1 1 
ATOM   998  C CG2 . THR A 1 121 ? 11.235  2.874   -5.032  1.00 21.91 ? 121 THR X CG2 1 
ATOM   999  N N   . PHE A 1 122 ? 8.965   6.470   -3.918  1.00 18.75 ? 122 PHE X N   1 
ATOM   1000 C CA  . PHE A 1 122 ? 8.049   7.511   -3.449  1.00 16.68 ? 122 PHE X CA  1 
ATOM   1001 C C   . PHE A 1 122 ? 6.605   7.267   -3.858  1.00 15.16 ? 122 PHE X C   1 
ATOM   1002 O O   . PHE A 1 122 ? 6.325   6.743   -4.932  1.00 17.93 ? 122 PHE X O   1 
ATOM   1003 C CB  . PHE A 1 122 ? 8.475   8.880   -4.000  1.00 14.84 ? 122 PHE X CB  1 
ATOM   1004 C CG  . PHE A 1 122 ? 9.685   9.455   -3.316  1.00 16.82 ? 122 PHE X CG  1 
ATOM   1005 C CD1 . PHE A 1 122 ? 9.549   10.481  -2.384  1.00 19.57 ? 122 PHE X CD1 1 
ATOM   1006 C CD2 . PHE A 1 122 ? 10.948  8.950   -3.580  1.00 19.46 ? 122 PHE X CD2 1 
ATOM   1007 C CE1 . PHE A 1 122 ? 10.665  11.021  -1.741  1.00 16.67 ? 122 PHE X CE1 1 
ATOM   1008 C CE2 . PHE A 1 122 ? 12.062  9.457   -2.924  1.00 15.62 ? 122 PHE X CE2 1 
ATOM   1009 C CZ  . PHE A 1 122 ? 11.921  10.506  -2.006  1.00 17.75 ? 122 PHE X CZ  1 
ATOM   1010 N N   . PHE A 1 123 ? 5.694   7.740   -3.019  1.00 15.59 ? 123 PHE X N   1 
ATOM   1011 C CA  . PHE A 1 123 ? 4.296   7.844   -3.385  1.00 16.86 ? 123 PHE X CA  1 
ATOM   1012 C C   . PHE A 1 123 ? 4.154   9.098   -4.248  1.00 18.38 ? 123 PHE X C   1 
ATOM   1013 O O   . PHE A 1 123 ? 4.831   10.083  -3.997  1.00 17.83 ? 123 PHE X O   1 
ATOM   1014 C CB  . PHE A 1 123 ? 3.418   7.948   -2.138  1.00 15.25 ? 123 PHE X CB  1 
ATOM   1015 C CG  . PHE A 1 123 ? 1.955   7.742   -2.416  1.00 13.46 ? 123 PHE X CG  1 
ATOM   1016 C CD1 . PHE A 1 123 ? 1.476   6.476   -2.708  1.00 18.22 ? 123 PHE X CD1 1 
ATOM   1017 C CD2 . PHE A 1 123 ? 1.072   8.811   -2.395  1.00 18.86 ? 123 PHE X CD2 1 
ATOM   1018 C CE1 . PHE A 1 123 ? 0.114   6.272   -2.966  1.00 16.41 ? 123 PHE X CE1 1 
ATOM   1019 C CE2 . PHE A 1 123 ? -0.279  8.628   -2.661  1.00 17.04 ? 123 PHE X CE2 1 
ATOM   1020 C CZ  . PHE A 1 123 ? -0.763  7.368   -2.950  1.00 18.37 ? 123 PHE X CZ  1 
ATOM   1021 N N   . PRO A 1 124 ? 3.291   9.066   -5.266  1.00 18.09 ? 124 PRO X N   1 
ATOM   1022 C CA  . PRO A 1 124 ? 3.171   10.261  -6.126  1.00 16.74 ? 124 PRO X CA  1 
ATOM   1023 C C   . PRO A 1 124 ? 2.528   11.435  -5.388  1.00 18.68 ? 124 PRO X C   1 
ATOM   1024 O O   . PRO A 1 124 ? 1.760   11.220  -4.443  1.00 19.74 ? 124 PRO X O   1 
ATOM   1025 C CB  . PRO A 1 124 ? 2.289   9.782   -7.287  1.00 23.79 ? 124 PRO X CB  1 
ATOM   1026 C CG  . PRO A 1 124 ? 1.601   8.560   -6.794  1.00 26.55 ? 124 PRO X CG  1 
ATOM   1027 C CD  . PRO A 1 124 ? 2.474   7.932   -5.742  1.00 19.02 ? 124 PRO X CD  1 
ATOM   1028 N N   . PRO A 1 125 ? 2.869   12.671  -5.784  1.00 23.26 ? 125 PRO X N   1 
ATOM   1029 C CA  . PRO A 1 125 ? 2.240   13.842  -5.160  1.00 21.17 ? 125 PRO X CA  1 
ATOM   1030 C C   . PRO A 1 125 ? 0.722   13.825  -5.345  1.00 23.00 ? 125 PRO X C   1 
ATOM   1031 O O   . PRO A 1 125 ? 0.202   13.296  -6.335  1.00 21.32 ? 125 PRO X O   1 
ATOM   1032 C CB  . PRO A 1 125 ? 2.876   15.034  -5.896  1.00 27.97 ? 125 PRO X CB  1 
ATOM   1033 C CG  . PRO A 1 125 ? 4.158   14.471  -6.488  1.00 28.11 ? 125 PRO X CG  1 
ATOM   1034 C CD  . PRO A 1 125 ? 3.846   13.040  -6.823  1.00 22.61 ? 125 PRO X CD  1 
ATOM   1035 N N   . TYR A 1 126 ? 0.020   14.359  -4.357  1.00 20.83 ? 126 TYR X N   1 
ATOM   1036 C CA  . TYR A 1 126 ? -1.425  14.515  -4.442  1.00 25.89 ? 126 TYR X CA  1 
ATOM   1037 C C   . TYR A 1 126 ? -1.811  15.767  -3.676  1.00 28.03 ? 126 TYR X C   1 
ATOM   1038 O O   . TYR A 1 126 ? -1.058  16.219  -2.816  1.00 25.94 ? 126 TYR X O   1 
ATOM   1039 C CB  . TYR A 1 126 ? -2.154  13.286  -3.893  1.00 17.93 ? 126 TYR X CB  1 
ATOM   1040 C CG  . TYR A 1 126 ? -1.824  12.942  -2.453  1.00 21.77 ? 126 TYR X CG  1 
ATOM   1041 C CD1 . TYR A 1 126 ? -2.616  13.400  -1.403  1.00 22.24 ? 126 TYR X CD1 1 
ATOM   1042 C CD2 . TYR A 1 126 ? -0.727  12.148  -2.145  1.00 17.80 ? 126 TYR X CD2 1 
ATOM   1043 C CE1 . TYR A 1 126 ? -2.320  13.080  -0.081  1.00 19.54 ? 126 TYR X CE1 1 
ATOM   1044 C CE2 . TYR A 1 126 ? -0.420  11.812  -0.827  1.00 18.11 ? 126 TYR X CE2 1 
ATOM   1045 C CZ  . TYR A 1 126 ? -1.210  12.287  0.201   1.00 18.74 ? 126 TYR X CZ  1 
ATOM   1046 O OH  . TYR A 1 126 ? -0.887  11.964  1.500   1.00 18.54 ? 126 TYR X OH  1 
ATOM   1047 N N   . THR A 1 127 ? -2.981  16.323  -3.981  1.00 27.42 ? 127 THR X N   1 
ATOM   1048 C CA  . THR A 1 127 ? -3.430  17.540  -3.316  1.00 35.96 ? 127 THR X CA  1 
ATOM   1049 C C   . THR A 1 127 ? -4.783  17.333  -2.645  1.00 30.42 ? 127 THR X C   1 
ATOM   1050 O O   . THR A 1 127 ? -5.650  16.655  -3.191  1.00 33.00 ? 127 THR X O   1 
ATOM   1051 C CB  . THR A 1 127 ? -3.518  18.711  -4.314  1.00 41.02 ? 127 THR X CB  1 
ATOM   1052 O OG1 . THR A 1 127 ? -4.127  19.839  -3.675  1.00 45.83 ? 127 THR X OG1 1 
ATOM   1053 C CG2 . THR A 1 127 ? -4.335  18.311  -5.534  1.00 38.62 ? 127 THR X CG2 1 
ATOM   1054 N N   . PHE A 1 128 ? -4.977  17.917  -1.462  1.00 33.98 ? 128 PHE X N   1 
ATOM   1055 C CA  . PHE A 1 128 ? -6.260  17.747  -0.773  1.00 39.69 ? 128 PHE X CA  1 
ATOM   1056 C C   . PHE A 1 128 ? -7.368  18.505  -1.487  1.00 38.26 ? 128 PHE X C   1 
ATOM   1057 O O   . PHE A 1 128 ? -8.521  18.470  -1.068  1.00 39.52 ? 128 PHE X O   1 
ATOM   1058 C CB  . PHE A 1 128 ? -6.169  18.187  0.688   1.00 35.59 ? 128 PHE X CB  1 
ATOM   1059 C CG  . PHE A 1 128 ? -5.347  17.261  1.546   1.00 40.47 ? 128 PHE X CG  1 
ATOM   1060 C CD1 . PHE A 1 128 ? -5.871  16.060  1.991   1.00 32.86 ? 128 PHE X CD1 1 
ATOM   1061 C CD2 . PHE A 1 128 ? -4.043  17.581  1.887   1.00 39.83 ? 128 PHE X CD2 1 
ATOM   1062 C CE1 . PHE A 1 128 ? -5.117  15.202  2.771   1.00 35.28 ? 128 PHE X CE1 1 
ATOM   1063 C CE2 . PHE A 1 128 ? -3.285  16.726  2.670   1.00 46.06 ? 128 PHE X CE2 1 
ATOM   1064 C CZ  . PHE A 1 128 ? -3.825  15.534  3.111   1.00 40.93 ? 128 PHE X CZ  1 
ATOM   1065 N N   . GLU A 1 129 ? -7.022  19.189  -2.572  1.00 35.36 ? 129 GLU X N   1 
ATOM   1066 C CA  . GLU A 1 129 ? -8.030  19.792  -3.431  1.00 40.91 ? 129 GLU X CA  1 
ATOM   1067 C C   . GLU A 1 129 ? -8.844  18.724  -4.142  1.00 41.97 ? 129 GLU X C   1 
ATOM   1068 O O   . GLU A 1 129 ? -9.985  18.963  -4.510  1.00 39.77 ? 129 GLU X O   1 
ATOM   1069 C CB  . GLU A 1 129 ? -7.391  20.709  -4.474  1.00 51.43 ? 129 GLU X CB  1 
ATOM   1070 C CG  . GLU A 1 129 ? -6.867  22.024  -3.943  1.00 61.60 ? 129 GLU X CG  1 
ATOM   1071 C CD  . GLU A 1 129 ? -6.245  22.863  -5.042  1.00 75.11 ? 129 GLU X CD  1 
ATOM   1072 O OE1 . GLU A 1 129 ? -6.147  22.362  -6.185  1.00 73.71 ? 129 GLU X OE1 1 
ATOM   1073 O OE2 . GLU A 1 129 ? -5.858  24.018  -4.769  1.00 85.20 ? 129 GLU X OE2 1 
ATOM   1074 N N   . ASP A 1 130 ? -8.245  17.554  -4.357  1.00 31.26 ? 130 ASP X N   1 
ATOM   1075 C CA  . ASP A 1 130 ? -8.904  16.475  -5.094  1.00 32.21 ? 130 ASP X CA  1 
ATOM   1076 C C   . ASP A 1 130 ? -9.489  15.403  -4.180  1.00 28.64 ? 130 ASP X C   1 
ATOM   1077 O O   . ASP A 1 130 ? -10.224 14.521  -4.638  1.00 27.87 ? 130 ASP X O   1 
ATOM   1078 C CB  . ASP A 1 130 ? -7.925  15.808  -6.064  1.00 30.01 ? 130 ASP X CB  1 
ATOM   1079 C CG  . ASP A 1 130 ? -7.246  16.797  -6.991  1.00 51.51 ? 130 ASP X CG  1 
ATOM   1080 O OD1 . ASP A 1 130 ? -6.228  16.416  -7.610  1.00 37.55 ? 130 ASP X OD1 1 
ATOM   1081 O OD2 . ASP A 1 130 ? -7.727  17.946  -7.104  1.00 45.76 ? 130 ASP X OD2 1 
ATOM   1082 N N   . TRP A 1 131 ? -9.148  15.486  -2.897  1.00 31.04 ? 131 TRP X N   1 
ATOM   1083 C CA  . TRP A 1 131 ? -9.405  14.417  -1.935  1.00 28.52 ? 131 TRP X CA  1 
ATOM   1084 C C   . TRP A 1 131 ? -10.024 14.949  -0.657  1.00 32.52 ? 131 TRP X C   1 
ATOM   1085 O O   . TRP A 1 131 ? -9.471  15.848  -0.026  1.00 34.75 ? 131 TRP X O   1 
ATOM   1086 C CB  . TRP A 1 131 ? -8.101  13.691  -1.590  1.00 25.85 ? 131 TRP X CB  1 
ATOM   1087 C CG  . TRP A 1 131 ? -7.458  13.042  -2.763  1.00 25.77 ? 131 TRP X CG  1 
ATOM   1088 C CD1 . TRP A 1 131 ? -6.485  13.567  -3.576  1.00 24.02 ? 131 TRP X CD1 1 
ATOM   1089 C CD2 . TRP A 1 131 ? -7.757  11.746  -3.277  1.00 23.02 ? 131 TRP X CD2 1 
ATOM   1090 N NE1 . TRP A 1 131 ? -6.157  12.664  -4.558  1.00 25.32 ? 131 TRP X NE1 1 
ATOM   1091 C CE2 . TRP A 1 131 ? -6.918  11.535  -4.395  1.00 22.76 ? 131 TRP X CE2 1 
ATOM   1092 C CE3 . TRP A 1 131 ? -8.635  10.732  -2.888  1.00 20.70 ? 131 TRP X CE3 1 
ATOM   1093 C CZ2 . TRP A 1 131 ? -6.944  10.360  -5.132  1.00 26.78 ? 131 TRP X CZ2 1 
ATOM   1094 C CZ3 . TRP A 1 131 ? -8.662  9.560   -3.627  1.00 26.74 ? 131 TRP X CZ3 1 
ATOM   1095 C CH2 . TRP A 1 131 ? -7.815  9.385   -4.734  1.00 24.83 ? 131 TRP X CH2 1 
ATOM   1096 N N   . GLU A 1 132 ? -11.161 14.383  -0.267  1.00 27.01 ? 132 GLU X N   1 
ATOM   1097 C CA  . GLU A 1 132 ? -11.778 14.739  0.998   1.00 27.24 ? 132 GLU X CA  1 
ATOM   1098 C C   . GLU A 1 132 ? -11.256 13.844  2.108   1.00 27.03 ? 132 GLU X C   1 
ATOM   1099 O O   . GLU A 1 132 ? -11.074 12.641  1.911   1.00 21.20 ? 132 GLU X O   1 
ATOM   1100 C CB  . GLU A 1 132 ? -13.302 14.635  0.916   1.00 33.35 ? 132 GLU X CB  1 
ATOM   1101 C CG  . GLU A 1 132 ? -14.005 15.177  2.166   1.00 38.77 ? 132 GLU X CG  1 
ATOM   1102 C CD  . GLU A 1 132 ? -15.516 15.130  2.075   1.00 47.47 ? 132 GLU X CD  1 
ATOM   1103 O OE1 . GLU A 1 132 ? -16.045 14.489  1.142   1.00 45.51 ? 132 GLU X OE1 1 
ATOM   1104 O OE2 . GLU A 1 132 ? -16.178 15.733  2.949   1.00 54.33 ? 132 GLU X OE2 1 
ATOM   1105 N N   . VAL A 1 133 ? -11.041 14.426  3.283   1.00 22.73 ? 133 VAL X N   1 
ATOM   1106 C CA  . VAL A 1 133 ? -10.581 13.661  4.430   1.00 25.79 ? 133 VAL X CA  1 
ATOM   1107 C C   . VAL A 1 133 ? -11.762 12.986  5.128   1.00 25.90 ? 133 VAL X C   1 
ATOM   1108 O O   . VAL A 1 133 ? -12.468 13.617  5.915   1.00 23.99 ? 133 VAL X O   1 
ATOM   1109 C CB  . VAL A 1 133 ? -9.825  14.555  5.432   1.00 23.52 ? 133 VAL X CB  1 
ATOM   1110 C CG1 . VAL A 1 133 ? -9.282  13.714  6.610   1.00 21.12 ? 133 VAL X CG1 1 
ATOM   1111 C CG2 . VAL A 1 133 ? -8.693  15.306  4.724   1.00 27.91 ? 133 VAL X CG2 1 
ATOM   1112 N N   . ALA A 1 134 ? -11.984 11.707  4.828   1.00 18.40 ? 134 ALA X N   1 
ATOM   1113 C CA  . ALA A 1 134 ? -13.081 10.967  5.450   1.00 23.19 ? 134 ALA X CA  1 
ATOM   1114 C C   . ALA A 1 134 ? -12.793 10.786  6.932   1.00 23.83 ? 134 ALA X C   1 
ATOM   1115 O O   . ALA A 1 134 ? -13.690 10.855  7.769   1.00 23.47 ? 134 ALA X O   1 
ATOM   1116 C CB  . ALA A 1 134 ? -13.274 9.619   4.778   1.00 23.42 ? 134 ALA X CB  1 
ATOM   1117 N N   . SER A 1 135 ? -11.522 10.559  7.250   1.00 22.01 ? 135 SER X N   1 
ATOM   1118 C CA  . SER A 1 135 ? -11.099 10.425  8.639   1.00 20.34 ? 135 SER X CA  1 
ATOM   1119 C C   . SER A 1 135 ? -9.601  10.651  8.767   1.00 23.44 ? 135 SER X C   1 
ATOM   1120 O O   . SER A 1 135 ? -8.844  10.437  7.822   1.00 18.74 ? 135 SER X O   1 
ATOM   1121 C CB  . SER A 1 135 ? -11.456 9.048   9.191   1.00 21.64 ? 135 SER X CB  1 
ATOM   1122 O OG  . SER A 1 135 ? -10.827 7.999   8.446   1.00 23.70 ? 135 SER X OG  1 
ATOM   1123 N N   . SER A 1 136 ? -9.193  11.060  9.956   1.00 19.19 ? 136 SER X N   1 
ATOM   1124 C CA  . SER A 1 136 ? -7.791  11.306  10.269  1.00 23.28 ? 136 SER X CA  1 
ATOM   1125 C C   . SER A 1 136 ? -7.588  10.986  11.731  1.00 24.88 ? 136 SER X C   1 
ATOM   1126 O O   . SER A 1 136 ? -8.200  11.624  12.596  1.00 23.48 ? 136 SER X O   1 
ATOM   1127 C CB  . SER A 1 136 ? -7.405  12.751  9.978   1.00 21.34 ? 136 SER X CB  1 
ATOM   1128 O OG  . SER A 1 136 ? -6.049  12.995  10.348  1.00 20.95 ? 136 SER X OG  1 
ATOM   1129 N N   . VAL A 1 137 ? -6.744  9.990   12.002  1.00 19.25 ? 137 VAL X N   1 
ATOM   1130 C CA  . VAL A 1 137 ? -6.582  9.442   13.344  1.00 21.72 ? 137 VAL X CA  1 
ATOM   1131 C C   . VAL A 1 137 ? -5.100  9.346   13.724  1.00 24.10 ? 137 VAL X C   1 
ATOM   1132 O O   . VAL A 1 137 ? -4.319  8.658   13.066  1.00 22.16 ? 137 VAL X O   1 
ATOM   1133 C CB  . VAL A 1 137 ? -7.240  8.050   13.456  1.00 21.12 ? 137 VAL X CB  1 
ATOM   1134 C CG1 . VAL A 1 137 ? -7.081  7.474   14.864  1.00 23.58 ? 137 VAL X CG1 1 
ATOM   1135 C CG2 . VAL A 1 137 ? -8.730  8.138   13.071  1.00 19.34 ? 137 VAL X CG2 1 
ATOM   1136 N N   . GLU A 1 138 ? -4.713  10.053  14.777  1.00 23.51 ? 138 GLU X N   1 
ATOM   1137 C CA  . GLU A 1 138 ? -3.336  9.986   15.243  1.00 28.09 ? 138 GLU X CA  1 
ATOM   1138 C C   . GLU A 1 138 ? -3.069  8.619   15.829  1.00 28.93 ? 138 GLU X C   1 
ATOM   1139 O O   . GLU A 1 138 ? -3.885  8.069   16.575  1.00 29.51 ? 138 GLU X O   1 
ATOM   1140 C CB  . GLU A 1 138 ? -3.051  11.088  16.261  1.00 28.70 ? 138 GLU X CB  1 
ATOM   1141 C CG  . GLU A 1 138 ? -3.147  12.482  15.670  1.00 34.32 ? 138 GLU X CG  1 
ATOM   1142 C CD  . GLU A 1 138 ? -2.949  13.564  16.717  1.00 55.75 ? 138 GLU X CD  1 
ATOM   1143 O OE1 . GLU A 1 138 ? -3.441  14.695  16.512  1.00 62.31 ? 138 GLU X OE1 1 
ATOM   1144 O OE2 . GLU A 1 138 ? -2.307  13.279  17.749  1.00 46.69 ? 138 GLU X OE2 1 
ATOM   1145 N N   . GLY A 1 139 ? -1.936  8.043   15.457  1.00 26.70 ? 139 GLY X N   1 
ATOM   1146 C CA  . GLY A 1 139 ? -1.587  6.728   15.936  1.00 25.13 ? 139 GLY X CA  1 
ATOM   1147 C C   . GLY A 1 139 ? -1.074  6.867   17.353  1.00 28.47 ? 139 GLY X C   1 
ATOM   1148 O O   . GLY A 1 139 ? -0.533  7.916   17.729  1.00 26.72 ? 139 GLY X O   1 
ATOM   1149 N N   . LYS A 1 140 ? -1.248  5.814   18.144  1.00 29.69 ? 140 LYS X N   1 
ATOM   1150 C CA  . LYS A 1 140 ? -0.793  5.828   19.530  1.00 37.18 ? 140 LYS X CA  1 
ATOM   1151 C C   . LYS A 1 140 ? 0.645   5.362   19.605  1.00 30.24 ? 140 LYS X C   1 
ATOM   1152 O O   . LYS A 1 140 ? 1.024   4.389   18.947  1.00 33.27 ? 140 LYS X O   1 
ATOM   1153 C CB  . LYS A 1 140 ? -1.694  4.950   20.408  1.00 44.63 ? 140 LYS X CB  1 
ATOM   1154 C CG  . LYS A 1 140 ? -3.094  5.529   20.604  1.00 50.67 ? 140 LYS X CG  1 
ATOM   1155 C CD  . LYS A 1 140 ? -3.031  6.846   21.371  1.00 55.37 ? 140 LYS X CD  1 
ATOM   1156 C CE  . LYS A 1 140 ? -4.398  7.494   21.536  1.00 68.85 ? 140 LYS X CE  1 
ATOM   1157 N NZ  . LYS A 1 140 ? -5.325  6.671   22.355  1.00 55.47 ? 140 LYS X NZ  1 
ATOM   1158 N N   . LEU A 1 141 ? 1.454   6.070   20.384  1.00 30.15 ? 141 LEU X N   1 
ATOM   1159 C CA  . LEU A 1 141 ? 2.859   5.715   20.511  1.00 30.03 ? 141 LEU X CA  1 
ATOM   1160 C C   . LEU A 1 141 ? 3.093   4.929   21.785  1.00 38.29 ? 141 LEU X C   1 
ATOM   1161 O O   . LEU A 1 141 ? 2.454   5.191   22.802  1.00 36.68 ? 141 LEU X O   1 
ATOM   1162 C CB  . LEU A 1 141 ? 3.739   6.960   20.500  1.00 27.50 ? 141 LEU X CB  1 
ATOM   1163 C CG  . LEU A 1 141 ? 3.551   7.853   19.274  1.00 30.90 ? 141 LEU X CG  1 
ATOM   1164 C CD1 . LEU A 1 141 ? 4.619   8.923   19.240  1.00 38.45 ? 141 LEU X CD1 1 
ATOM   1165 C CD2 . LEU A 1 141 ? 3.550   7.020   17.993  1.00 31.94 ? 141 LEU X CD2 1 
ATOM   1166 N N   . ASP A 1 142 ? 4.003   3.965   21.724  1.00 33.70 ? 142 ASP X N   1 
ATOM   1167 C CA  . ASP A 1 142 ? 4.414   3.243   22.915  1.00 37.84 ? 142 ASP X CA  1 
ATOM   1168 C C   . ASP A 1 142 ? 5.812   2.679   22.735  1.00 45.86 ? 142 ASP X C   1 
ATOM   1169 O O   . ASP A 1 142 ? 6.564   3.110   21.852  1.00 38.21 ? 142 ASP X O   1 
ATOM   1170 C CB  . ASP A 1 142 ? 3.421   2.127   23.254  1.00 45.68 ? 142 ASP X CB  1 
ATOM   1171 C CG  . ASP A 1 142 ? 3.166   1.180   22.088  1.00 43.12 ? 142 ASP X CG  1 
ATOM   1172 O OD1 . ASP A 1 142 ? 1.982   0.885   21.818  1.00 60.58 ? 142 ASP X OD1 1 
ATOM   1173 O OD2 . ASP A 1 142 ? 4.135   0.721   21.448  1.00 44.30 ? 142 ASP X OD2 1 
ATOM   1174 N N   . GLU A 1 143 ? 6.145   1.710   23.581  1.00 53.94 ? 143 GLU X N   1 
ATOM   1175 C CA  . GLU A 1 143 ? 7.458   1.080   23.574  1.00 51.89 ? 143 GLU X CA  1 
ATOM   1176 C C   . GLU A 1 143 ? 7.752   0.477   22.208  1.00 45.77 ? 143 GLU X C   1 
ATOM   1177 O O   . GLU A 1 143 ? 8.868   0.579   21.700  1.00 45.77 ? 143 GLU X O   1 
ATOM   1178 C CB  . GLU A 1 143 ? 7.541   -0.002  24.659  1.00 53.43 ? 143 GLU X CB  1 
ATOM   1179 C CG  . GLU A 1 143 ? 6.892   0.394   25.985  1.00 67.67 ? 143 GLU X CG  1 
ATOM   1180 C CD  . GLU A 1 143 ? 5.409   0.042   26.051  1.00 75.37 ? 143 GLU X CD  1 
ATOM   1181 O OE1 . GLU A 1 143 ? 4.948   -0.782  25.229  1.00 75.97 ? 143 GLU X OE1 1 
ATOM   1182 O OE2 . GLU A 1 143 ? 4.701   0.597   26.921  1.00 78.28 ? 143 GLU X OE2 1 
ATOM   1183 N N   . LYS A 1 144 ? 6.729   -0.126  21.613  1.00 41.96 ? 144 LYS X N   1 
ATOM   1184 C CA  . LYS A 1 144 ? 6.879   -0.847  20.355  1.00 40.94 ? 144 LYS X CA  1 
ATOM   1185 C C   . LYS A 1 144 ? 6.620   0.028   19.125  1.00 41.24 ? 144 LYS X C   1 
ATOM   1186 O O   . LYS A 1 144 ? 6.978   -0.342  18.015  1.00 35.82 ? 144 LYS X O   1 
ATOM   1187 C CB  . LYS A 1 144 ? 5.938   -2.054  20.335  1.00 41.57 ? 144 LYS X CB  1 
ATOM   1188 C CG  . LYS A 1 144 ? 5.989   -2.900  21.602  1.00 51.79 ? 144 LYS X CG  1 
ATOM   1189 C CD  . LYS A 1 144 ? 7.414   -3.294  21.961  1.00 58.80 ? 144 LYS X CD  1 
ATOM   1190 C CE  . LYS A 1 144 ? 8.010   -4.255  20.943  1.00 64.89 ? 144 LYS X CE  1 
ATOM   1191 N NZ  . LYS A 1 144 ? 9.425   -4.584  21.270  1.00 70.25 ? 144 LYS X NZ  1 
ATOM   1192 N N   . ASN A 1 145 ? 5.998   1.186   19.330  1.00 35.79 ? 145 ASN X N   1 
ATOM   1193 C CA  . ASN A 1 145 ? 5.628   2.069   18.226  1.00 32.18 ? 145 ASN X CA  1 
ATOM   1194 C C   . ASN A 1 145 ? 6.068   3.494   18.498  1.00 27.83 ? 145 ASN X C   1 
ATOM   1195 O O   . ASN A 1 145 ? 5.361   4.245   19.164  1.00 29.43 ? 145 ASN X O   1 
ATOM   1196 C CB  . ASN A 1 145 ? 4.122   2.020   18.005  1.00 27.95 ? 145 ASN X CB  1 
ATOM   1197 C CG  . ASN A 1 145 ? 3.643   0.633   17.620  1.00 34.99 ? 145 ASN X CG  1 
ATOM   1198 O OD1 . ASN A 1 145 ? 3.622   0.283   16.445  1.00 30.59 ? 145 ASN X OD1 1 
ATOM   1199 N ND2 . ASN A 1 145 ? 3.270   -0.165  18.611  1.00 42.78 ? 145 ASN X ND2 1 
ATOM   1200 N N   . THR A 1 146 ? 7.235   3.868   17.991  1.00 26.70 ? 146 THR X N   1 
ATOM   1201 C CA  . THR A 1 146 ? 7.889   5.064   18.506  1.00 21.83 ? 146 THR X CA  1 
ATOM   1202 C C   . THR A 1 146 ? 7.924   6.223   17.515  1.00 25.75 ? 146 THR X C   1 
ATOM   1203 O O   . THR A 1 146 ? 8.350   7.321   17.867  1.00 29.77 ? 146 THR X O   1 
ATOM   1204 C CB  . THR A 1 146 ? 9.322   4.740   18.954  1.00 35.11 ? 146 THR X CB  1 
ATOM   1205 O OG1 . THR A 1 146 ? 10.076  4.277   17.828  1.00 37.73 ? 146 THR X OG1 1 
ATOM   1206 C CG2 . THR A 1 146 ? 9.307   3.656   20.031  1.00 40.23 ? 146 THR X CG2 1 
ATOM   1207 N N   . ILE A 1 147 ? 7.478   5.989   16.283  1.00 25.28 ? 147 ILE X N   1 
ATOM   1208 C CA  A ILE A 1 147 ? 7.411   7.040   15.277  0.59 19.13 ? 147 ILE X CA  1 
ATOM   1209 C CA  B ILE A 1 147 ? 7.408   7.067   15.297  0.41 19.18 ? 147 ILE X CA  1 
ATOM   1210 C C   . ILE A 1 147 ? 5.971   7.585   15.193  1.00 17.88 ? 147 ILE X C   1 
ATOM   1211 O O   . ILE A 1 147 ? 5.026   6.813   15.040  1.00 20.74 ? 147 ILE X O   1 
ATOM   1212 C CB  A ILE A 1 147 ? 7.871   6.507   13.906  0.59 21.49 ? 147 ILE X CB  1 
ATOM   1213 C CB  B ILE A 1 147 ? 7.909   6.620   13.906  0.41 21.47 ? 147 ILE X CB  1 
ATOM   1214 C CG1 A ILE A 1 147 ? 9.155   5.674   14.071  0.59 21.52 ? 147 ILE X CG1 1 
ATOM   1215 C CG1 B ILE A 1 147 ? 7.629   7.694   12.856  0.41 21.61 ? 147 ILE X CG1 1 
ATOM   1216 C CG2 A ILE A 1 147 ? 8.073   7.649   12.935  0.59 21.42 ? 147 ILE X CG2 1 
ATOM   1217 C CG2 B ILE A 1 147 ? 7.246   5.333   13.480  0.41 20.59 ? 147 ILE X CG2 1 
ATOM   1218 C CD1 A ILE A 1 147 ? 9.344   4.565   13.032  0.59 22.37 ? 147 ILE X CD1 1 
ATOM   1219 C CD1 B ILE A 1 147 ? 8.692   8.749   12.754  0.41 26.92 ? 147 ILE X CD1 1 
ATOM   1220 N N   . PRO A 1 148 ? 5.798   8.906   15.311  1.00 17.54 ? 148 PRO X N   1 
ATOM   1221 C CA  . PRO A 1 148 ? 4.427   9.427   15.197  1.00 19.65 ? 148 PRO X CA  1 
ATOM   1222 C C   . PRO A 1 148 ? 3.857   9.121   13.836  1.00 20.35 ? 148 PRO X C   1 
ATOM   1223 O O   . PRO A 1 148 ? 4.584   9.130   12.823  1.00 19.64 ? 148 PRO X O   1 
ATOM   1224 C CB  . PRO A 1 148 ? 4.588   10.937  15.378  1.00 22.22 ? 148 PRO X CB  1 
ATOM   1225 C CG  . PRO A 1 148 ? 5.972   11.142  15.944  1.00 28.34 ? 148 PRO X CG  1 
ATOM   1226 C CD  . PRO A 1 148 ? 6.792   9.977   15.494  1.00 17.43 ? 148 PRO X CD  1 
ATOM   1227 N N   . HIS A 1 149 ? 2.559   8.864   13.790  1.00 20.97 ? 149 HIS X N   1 
ATOM   1228 C CA  . HIS A 1 149 ? 1.936   8.506   12.528  1.00 19.92 ? 149 HIS X CA  1 
ATOM   1229 C C   . HIS A 1 149 ? 0.459   8.832   12.575  1.00 20.47 ? 149 HIS X C   1 
ATOM   1230 O O   . HIS A 1 149 ? -0.141  8.873   13.656  1.00 21.77 ? 149 HIS X O   1 
ATOM   1231 C CB  . HIS A 1 149 ? 2.147   7.016   12.203  1.00 17.03 ? 149 HIS X CB  1 
ATOM   1232 C CG  . HIS A 1 149 ? 1.744   6.087   13.307  1.00 21.46 ? 149 HIS X CG  1 
ATOM   1233 N ND1 . HIS A 1 149 ? 2.469   5.956   14.471  1.00 23.10 ? 149 HIS X ND1 1 
ATOM   1234 C CD2 . HIS A 1 149 ? 0.692   5.237   13.420  1.00 24.46 ? 149 HIS X CD2 1 
ATOM   1235 C CE1 . HIS A 1 149 ? 1.882   5.066   15.255  1.00 29.12 ? 149 HIS X CE1 1 
ATOM   1236 N NE2 . HIS A 1 149 ? 0.801   4.614   14.640  1.00 25.73 ? 149 HIS X NE2 1 
ATOM   1237 N N   . THR A 1 150 ? -0.110  9.060   11.396  1.00 18.01 ? 150 THR X N   1 
ATOM   1238 C CA  . THR A 1 150 ? -1.513  9.414   11.263  1.00 16.80 ? 150 THR X CA  1 
ATOM   1239 C C   . THR A 1 150 ? -2.191  8.554   10.204  1.00 20.05 ? 150 THR X C   1 
ATOM   1240 O O   . THR A 1 150 ? -1.699  8.446   9.090   1.00 18.61 ? 150 THR X O   1 
ATOM   1241 C CB  . THR A 1 150 ? -1.657  10.884  10.885  1.00 22.69 ? 150 THR X CB  1 
ATOM   1242 O OG1 . THR A 1 150 ? -0.970  11.675  11.862  1.00 25.58 ? 150 THR X OG1 1 
ATOM   1243 C CG2 . THR A 1 150 ? -3.128  11.289  10.829  1.00 22.79 ? 150 THR X CG2 1 
ATOM   1244 N N   . PHE A 1 151 ? -3.327  7.962   10.550  1.00 19.87 ? 151 PHE X N   1 
ATOM   1245 C CA  . PHE A 1 151 ? -4.101  7.191   9.590   1.00 18.21 ? 151 PHE X CA  1 
ATOM   1246 C C   . PHE A 1 151 ? -5.102  8.098   8.897   1.00 21.67 ? 151 PHE X C   1 
ATOM   1247 O O   . PHE A 1 151 ? -5.992  8.673   9.537   1.00 20.03 ? 151 PHE X O   1 
ATOM   1248 C CB  . PHE A 1 151 ? -4.818  6.017   10.279  1.00 17.24 ? 151 PHE X CB  1 
ATOM   1249 C CG  . PHE A 1 151 ? -3.877  5.070   10.997  1.00 19.23 ? 151 PHE X CG  1 
ATOM   1250 C CD1 . PHE A 1 151 ? -3.026  4.234   10.281  1.00 18.02 ? 151 PHE X CD1 1 
ATOM   1251 C CD2 . PHE A 1 151 ? -3.842  5.018   12.389  1.00 24.51 ? 151 PHE X CD2 1 
ATOM   1252 C CE1 . PHE A 1 151 ? -2.151  3.364   10.943  1.00 18.98 ? 151 PHE X CE1 1 
ATOM   1253 C CE2 . PHE A 1 151 ? -2.969  4.144   13.058  1.00 24.58 ? 151 PHE X CE2 1 
ATOM   1254 C CZ  . PHE A 1 151 ? -2.125  3.316   12.332  1.00 20.53 ? 151 PHE X CZ  1 
ATOM   1255 N N   . LEU A 1 152 ? -4.941  8.239   7.588   1.00 16.07 ? 152 LEU X N   1 
ATOM   1256 C CA  . LEU A 1 152 ? -5.844  9.050   6.770   1.00 18.64 ? 152 LEU X CA  1 
ATOM   1257 C C   . LEU A 1 152 ? -6.670  8.157   5.864   1.00 24.33 ? 152 LEU X C   1 
ATOM   1258 O O   . LEU A 1 152 ? -6.126  7.290   5.195   1.00 21.85 ? 152 LEU X O   1 
ATOM   1259 C CB  . LEU A 1 152 ? -5.074  10.038  5.898   1.00 20.51 ? 152 LEU X CB  1 
ATOM   1260 C CG  . LEU A 1 152 ? -4.189  11.140  6.453   1.00 27.49 ? 152 LEU X CG  1 
ATOM   1261 C CD1 . LEU A 1 152 ? -3.667  11.964  5.268   1.00 22.25 ? 152 LEU X CD1 1 
ATOM   1262 C CD2 . LEU A 1 152 ? -4.951  12.006  7.420   1.00 27.06 ? 152 LEU X CD2 1 
ATOM   1263 N N   . HIS A 1 153 ? -7.979  8.365   5.846   1.00 19.03 ? 153 HIS X N   1 
ATOM   1264 C CA  . HIS A 1 153 ? -8.803  7.814   4.778   1.00 19.81 ? 153 HIS X CA  1 
ATOM   1265 C C   . HIS A 1 153 ? -9.257  8.970   3.891   1.00 22.08 ? 153 HIS X C   1 
ATOM   1266 O O   . HIS A 1 153 ? -9.994  9.860   4.345   1.00 21.34 ? 153 HIS X O   1 
ATOM   1267 C CB  . HIS A 1 153 ? -9.998  7.036   5.349   1.00 19.12 ? 153 HIS X CB  1 
ATOM   1268 C CG  . HIS A 1 153 ? -10.851 6.392   4.304   1.00 22.69 ? 153 HIS X CG  1 
ATOM   1269 N ND1 . HIS A 1 153 ? -12.166 6.037   4.527   1.00 22.30 ? 153 HIS X ND1 1 
ATOM   1270 C CD2 . HIS A 1 153 ? -10.570 6.013   3.031   1.00 21.55 ? 153 HIS X CD2 1 
ATOM   1271 C CE1 . HIS A 1 153 ? -12.661 5.484   3.433   1.00 27.24 ? 153 HIS X CE1 1 
ATOM   1272 N NE2 . HIS A 1 153 ? -11.715 5.460   2.510   1.00 21.41 ? 153 HIS X NE2 1 
ATOM   1273 N N   . LEU A 1 154 ? -8.797  8.973   2.637   1.00 16.11 ? 154 LEU X N   1 
ATOM   1274 C CA  . LEU A 1 154 ? -9.134  10.041  1.678   1.00 18.01 ? 154 LEU X CA  1 
ATOM   1275 C C   . LEU A 1 154 ? -10.055 9.526   0.578   1.00 19.41 ? 154 LEU X C   1 
ATOM   1276 O O   . LEU A 1 154 ? -9.852  8.439   0.051   1.00 20.97 ? 154 LEU X O   1 
ATOM   1277 C CB  . LEU A 1 154 ? -7.872  10.619  1.040   1.00 20.01 ? 154 LEU X CB  1 
ATOM   1278 C CG  . LEU A 1 154 ? -6.799  11.129  1.998   1.00 21.01 ? 154 LEU X CG  1 
ATOM   1279 C CD1 . LEU A 1 154 ? -5.661  11.755  1.196   1.00 25.61 ? 154 LEU X CD1 1 
ATOM   1280 C CD2 . LEU A 1 154 ? -7.381  12.132  2.995   1.00 25.29 ? 154 LEU X CD2 1 
ATOM   1281 N N   . ILE A 1 155 ? -11.067 10.304  0.225   1.00 21.28 ? 155 ILE X N   1 
ATOM   1282 C CA  . ILE A 1 155 ? -12.011 9.851   -0.790  1.00 19.61 ? 155 ILE X CA  1 
ATOM   1283 C C   . ILE A 1 155 ? -11.991 10.860  -1.918  1.00 24.13 ? 155 ILE X C   1 
ATOM   1284 O O   . ILE A 1 155 ? -11.947 12.067  -1.671  1.00 23.22 ? 155 ILE X O   1 
ATOM   1285 C CB  . ILE A 1 155 ? -13.420 9.662   -0.180  1.00 24.81 ? 155 ILE X CB  1 
ATOM   1286 C CG1 . ILE A 1 155 ? -13.357 8.584   0.912   1.00 21.24 ? 155 ILE X CG1 1 
ATOM   1287 C CG2 . ILE A 1 155 ? -14.423 9.250   -1.252  1.00 35.62 ? 155 ILE X CG2 1 
ATOM   1288 C CD1 . ILE A 1 155 ? -14.677 8.358   1.631   1.00 34.60 ? 155 ILE X CD1 1 
ATOM   1289 N N   . ARG A 1 156 ? -11.957 10.367  -3.155  1.00 27.53 ? 156 ARG X N   1 
ATOM   1290 C CA  . ARG A 1 156 ? -11.840 11.256  -4.303  1.00 30.49 ? 156 ARG X CA  1 
ATOM   1291 C C   . ARG A 1 156 ? -13.062 12.159  -4.385  1.00 28.91 ? 156 ARG X C   1 
ATOM   1292 O O   . ARG A 1 156 ? -14.187 11.685  -4.290  1.00 28.78 ? 156 ARG X O   1 
ATOM   1293 C CB  . ARG A 1 156 ? -11.681 10.466  -5.602  1.00 26.69 ? 156 ARG X CB  1 
ATOM   1294 C CG  . ARG A 1 156 ? -11.357 11.351  -6.793  1.00 29.28 ? 156 ARG X CG  1 
ATOM   1295 C CD  . ARG A 1 156 ? -11.372 10.551  -8.056  1.00 36.91 ? 156 ARG X CD  1 
ATOM   1296 N NE  . ARG A 1 156 ? -10.372 9.493   -8.017  1.00 36.75 ? 156 ARG X NE  1 
ATOM   1297 C CZ  . ARG A 1 156 ? -9.086  9.674   -8.307  1.00 30.79 ? 156 ARG X CZ  1 
ATOM   1298 N NH1 . ARG A 1 156 ? -8.642  10.877  -8.647  1.00 28.60 ? 156 ARG X NH1 1 
ATOM   1299 N NH2 . ARG A 1 156 ? -8.248  8.646   -8.258  1.00 26.82 ? 156 ARG X NH2 1 
ATOM   1300 N N   . LYS A 1 157 ? -12.838 13.460  -4.543  1.00 29.78 ? 157 LYS X N   1 
ATOM   1301 C CA  . LYS A 1 157 ? -13.950 14.399  -4.657  1.00 40.96 ? 157 LYS X CA  1 
ATOM   1302 C C   . LYS A 1 157 ? -14.685 14.255  -5.992  1.00 50.78 ? 157 LYS X C   1 
ATOM   1303 O O   . LYS A 1 157 ? -15.917 14.378  -6.058  1.00 47.16 ? 157 LYS X O   1 
ATOM   1304 C CB  . LYS A 1 157 ? -13.461 15.832  -4.485  1.00 33.49 ? 157 LYS X CB  1 
ATOM   1305 C CG  . LYS A 1 157 ? -12.988 16.150  -3.088  1.00 38.40 ? 157 LYS X CG  1 
ATOM   1306 C CD  . LYS A 1 157 ? -12.559 17.595  -2.984  1.00 38.43 ? 157 LYS X CD  1 
ATOM   1307 C CE  . LYS A 1 157 ? -12.132 17.937  -1.582  1.00 33.79 ? 157 LYS X CE  1 
ATOM   1308 N NZ  . LYS A 1 157 ? -11.621 19.334  -1.483  1.00 43.09 ? 157 LYS X NZ  1 
ATOM   1309 O OXT . LYS A 1 157 ? -14.062 14.004  -7.026  1.00 42.86 ? 157 LYS X OXT 1 
HETATM 1310 C C4  . UC9 B 2 .   ? 2.430   -1.050  4.817   1.00 21.54 ? 201 UC9 X C4  1 
HETATM 1311 C C5  . UC9 B 2 .   ? 2.211   -1.376  3.487   1.00 19.04 ? 201 UC9 X C5  1 
HETATM 1312 C C6  . UC9 B 2 .   ? 1.176   -0.729  2.803   1.00 20.52 ? 201 UC9 X C6  1 
HETATM 1313 N N1  . UC9 B 2 .   ? 0.415   0.173   3.437   1.00 18.55 ? 201 UC9 X N1  1 
HETATM 1314 N N3  . UC9 B 2 .   ? 1.640   -0.136  5.399   1.00 19.69 ? 201 UC9 X N3  1 
HETATM 1315 C CAK . UC9 B 2 .   ? 2.888   -2.566  6.659   1.00 27.57 ? 201 UC9 X CAK 1 
HETATM 1316 C CAI . UC9 B 2 .   ? 3.455   -1.665  5.551   1.00 23.10 ? 201 UC9 X CAI 1 
HETATM 1317 C C2  . UC9 B 2 .   ? 0.649   0.470   4.726   1.00 19.39 ? 201 UC9 X C2  1 
HETATM 1318 N NAH . UC9 B 2 .   ? -0.112  1.382   5.345   1.00 21.72 ? 201 UC9 X NAH 1 
HETATM 1319 N NAG . UC9 B 2 .   ? 0.957   -1.019  1.522   1.00 18.87 ? 201 UC9 X NAG 1 
HETATM 1320 C CAJ . UC9 B 2 .   ? 3.069   -2.365  2.891   1.00 27.46 ? 201 UC9 X CAJ 1 
HETATM 1321 C CAL . UC9 B 2 .   ? 3.800   -3.179  2.472   1.00 30.12 ? 201 UC9 X CAL 1 
HETATM 1322 C CAM . UC9 B 2 .   ? 4.756   -4.239  2.064   1.00 34.36 ? 201 UC9 X CAM 1 
HETATM 1323 C CBC . UC9 B 2 .   ? 5.978   -3.621  1.439   1.00 32.71 ? 201 UC9 X CBC 1 
HETATM 1324 C CAN . UC9 B 2 .   ? 5.021   -4.949  3.269   1.00 33.76 ? 201 UC9 X CAN 1 
HETATM 1325 C CAO . UC9 B 2 .   ? 3.977   -5.592  3.941   1.00 28.95 ? 201 UC9 X CAO 1 
HETATM 1326 C CAS . UC9 B 2 .   ? 6.273   -5.008  3.861   1.00 38.77 ? 201 UC9 X CAS 1 
HETATM 1327 C CAR . UC9 B 2 .   ? 6.459   -5.662  5.021   1.00 50.71 ? 201 UC9 X CAR 1 
HETATM 1328 O OAW . UC9 B 2 .   ? 7.616   -5.817  5.717   1.00 57.83 ? 201 UC9 X OAW 1 
HETATM 1329 C CAV . UC9 B 2 .   ? 7.154   -6.191  7.039   1.00 53.20 ? 201 UC9 X CAV 1 
HETATM 1330 O OAU . UC9 B 2 .   ? 5.915   -6.882  6.801   1.00 47.51 ? 201 UC9 X OAU 1 
HETATM 1331 C CAQ . UC9 B 2 .   ? 5.453   -6.289  5.658   1.00 42.20 ? 201 UC9 X CAQ 1 
HETATM 1332 C CAP . UC9 B 2 .   ? 4.212   -6.283  5.142   1.00 42.28 ? 201 UC9 X CAP 1 
HETATM 1333 C CAT . UC9 B 2 .   ? 3.135   -6.921  5.800   1.00 49.41 ? 201 UC9 X CAT 1 
HETATM 1334 C CAX . UC9 B 2 .   ? 1.866   -6.334  5.769   1.00 32.97 ? 201 UC9 X CAX 1 
HETATM 1335 C CAY . UC9 B 2 .   ? 0.776   -6.931  6.403   1.00 38.35 ? 201 UC9 X CAY 1 
HETATM 1336 C CAZ . UC9 B 2 .   ? 0.928   -8.131  7.092   1.00 36.51 ? 201 UC9 X CAZ 1 
HETATM 1337 C CBD . UC9 B 2 .   ? -0.179  -8.721  7.713   1.00 50.95 ? 201 UC9 X CBD 1 
HETATM 1338 O OBF . UC9 B 2 .   ? -1.336  -8.310  7.444   1.00 36.24 ? 201 UC9 X OBF 1 
HETATM 1339 O OBE . UC9 B 2 .   ? -0.030  -9.679  8.511   1.00 44.16 ? 201 UC9 X OBE 1 
HETATM 1340 C CBA . UC9 B 2 .   ? 2.186   -8.730  7.135   1.00 43.24 ? 201 UC9 X CBA 1 
HETATM 1341 C CBB . UC9 B 2 .   ? 3.276   -8.128  6.495   1.00 47.55 ? 201 UC9 X CBB 1 
HETATM 1342 P PA  A NAP C 3 .   ? 6.839   -2.336  -7.756  0.99 22.40 ? 202 NAP X PA  1 
HETATM 1343 O O1A A NAP C 3 .   ? 5.850   -1.329  -8.200  0.99 20.98 ? 202 NAP X O1A 1 
HETATM 1344 O O2A A NAP C 3 .   ? 6.500   -3.032  -6.494  0.99 22.47 ? 202 NAP X O2A 1 
HETATM 1345 O O5B A NAP C 3 .   ? 7.133   -3.406  -8.922  0.99 22.79 ? 202 NAP X O5B 1 
HETATM 1346 C C5B A NAP C 3 .   ? 7.300   -2.942  -10.246 0.99 23.92 ? 202 NAP X C5B 1 
HETATM 1347 C C4B A NAP C 3 .   ? 7.138   -4.133  -11.171 0.99 24.34 ? 202 NAP X C4B 1 
HETATM 1348 O O4B A NAP C 3 .   ? 5.772   -4.456  -11.308 0.99 22.80 ? 202 NAP X O4B 1 
HETATM 1349 C C3B A NAP C 3 .   ? 7.626   -3.880  -12.588 0.99 27.25 ? 202 NAP X C3B 1 
HETATM 1350 O O3B A NAP C 3 .   ? 9.019   -4.060  -12.687 0.99 28.10 ? 202 NAP X O3B 1 
HETATM 1351 C C2B A NAP C 3 .   ? 6.836   -4.928  -13.332 0.99 30.53 ? 202 NAP X C2B 1 
HETATM 1352 O O2B A NAP C 3 .   ? 7.345   -6.194  -13.013 0.99 31.04 ? 202 NAP X O2B 1 
HETATM 1353 C C1B A NAP C 3 .   ? 5.498   -4.883  -12.620 0.99 24.65 ? 202 NAP X C1B 1 
HETATM 1354 N N9A A NAP C 3 .   ? 4.577   -3.952  -13.281 0.99 24.69 ? 202 NAP X N9A 1 
HETATM 1355 C C8A A NAP C 3 .   ? 4.226   -2.683  -12.870 0.99 28.28 ? 202 NAP X C8A 1 
HETATM 1356 N N7A A NAP C 3 .   ? 3.341   -2.183  -13.761 0.99 28.65 ? 202 NAP X N7A 1 
HETATM 1357 C C5A A NAP C 3 .   ? 3.120   -3.121  -14.732 0.99 27.41 ? 202 NAP X C5A 1 
HETATM 1358 C C6A A NAP C 3 .   ? 2.318   -3.158  -15.873 0.99 27.80 ? 202 NAP X C6A 1 
HETATM 1359 N N6A A NAP C 3 .   ? 1.545   -2.136  -16.236 0.99 31.42 ? 202 NAP X N6A 1 
HETATM 1360 N N1A A NAP C 3 .   ? 2.317   -4.284  -16.671 0.99 31.70 ? 202 NAP X N1A 1 
HETATM 1361 C C2A A NAP C 3 .   ? 3.099   -5.368  -16.332 0.99 27.67 ? 202 NAP X C2A 1 
HETATM 1362 N N3A A NAP C 3 .   ? 3.897   -5.342  -15.212 0.99 28.23 ? 202 NAP X N3A 1 
HETATM 1363 C C4A A NAP C 3 .   ? 3.899   -4.233  -14.425 0.99 28.94 ? 202 NAP X C4A 1 
HETATM 1364 O O3  A NAP C 3 .   ? 8.299   -1.685  -7.630  0.99 23.99 ? 202 NAP X O3  1 
HETATM 1365 P PN  A NAP C 3 .   ? 8.873   -0.238  -7.223  0.99 27.77 ? 202 NAP X PN  1 
HETATM 1366 O O1N A NAP C 3 .   ? 10.352  -0.279  -7.260  0.99 26.24 ? 202 NAP X O1N 1 
HETATM 1367 O O2N A NAP C 3 .   ? 8.163   0.760   -8.018  0.99 21.52 ? 202 NAP X O2N 1 
HETATM 1368 O O5D A NAP C 3 .   ? 8.451   -0.153  -5.656  0.99 23.12 ? 202 NAP X O5D 1 
HETATM 1369 C C5D A NAP C 3 .   ? 9.113   -0.947  -4.683  0.99 21.14 ? 202 NAP X C5D 1 
HETATM 1370 C C4D A NAP C 3 .   ? 9.334   -0.190  -3.373  0.99 31.06 ? 202 NAP X C4D 1 
HETATM 1371 O O4D A NAP C 3 .   ? 8.092   0.213   -2.787  0.99 24.42 ? 202 NAP X O4D 1 
HETATM 1372 C C3D A NAP C 3 .   ? 10.024  -1.068  -2.329  0.99 23.48 ? 202 NAP X C3D 1 
HETATM 1373 O O3D A NAP C 3 .   ? 11.011  -0.319  -1.640  0.99 22.39 ? 202 NAP X O3D 1 
HETATM 1374 C C2D A NAP C 3 .   ? 8.941   -1.410  -1.331  0.99 23.21 ? 202 NAP X C2D 1 
HETATM 1375 O O2D A NAP C 3 .   ? 9.496   -1.519  -0.046  0.99 24.08 ? 202 NAP X O2D 1 
HETATM 1376 C C1D A NAP C 3 .   ? 8.086   -0.163  -1.412  0.99 20.35 ? 202 NAP X C1D 1 
HETATM 1377 N N1N A NAP C 3 .   ? 6.699   -0.289  -0.910  0.99 23.63 ? 202 NAP X N1N 1 
HETATM 1378 C C2N A NAP C 3 .   ? 6.315   0.512   0.131   0.99 21.95 ? 202 NAP X C2N 1 
HETATM 1379 C C3N A NAP C 3 .   ? 5.020   0.457   0.613   0.99 28.52 ? 202 NAP X C3N 1 
HETATM 1380 C C7N A NAP C 3 .   ? 4.590   1.388   1.703   0.99 18.68 ? 202 NAP X C7N 1 
HETATM 1381 O O7N A NAP C 3 .   ? 3.223   1.543   1.924   0.99 19.71 ? 202 NAP X O7N 1 
HETATM 1382 N N7N A NAP C 3 .   ? 5.496   2.038   2.424   0.99 23.51 ? 202 NAP X N7N 1 
HETATM 1383 C C4N A NAP C 3 .   ? 4.100   -0.410  0.028   0.99 26.08 ? 202 NAP X C4N 1 
HETATM 1384 C C5N A NAP C 3 .   ? 4.504   -1.211  -1.035  0.99 26.87 ? 202 NAP X C5N 1 
HETATM 1385 C C6N A NAP C 3 .   ? 5.806   -1.135  -1.504  0.99 24.60 ? 202 NAP X C6N 1 
HETATM 1386 P P2B A NAP C 3 .   ? 8.337   -6.995  -14.023 0.99 27.23 ? 202 NAP X P2B 1 
HETATM 1387 O O1X A NAP C 3 .   ? 9.576   -6.158  -14.103 0.99 23.99 ? 202 NAP X O1X 1 
HETATM 1388 O O2X A NAP C 3 .   ? 8.591   -8.308  -13.327 0.99 26.89 ? 202 NAP X O2X 1 
HETATM 1389 O O3X A NAP C 3 .   ? 7.600   -7.079  -15.336 0.99 25.61 ? 202 NAP X O3X 1 
HETATM 1390 O O   . HOH D 4 .   ? -1.226  3.702   16.908  1.00 50.79 ? 301 HOH X O   1 
HETATM 1391 O O   . HOH D 4 .   ? -6.276  5.127   21.183  1.00 71.91 ? 302 HOH X O   1 
HETATM 1392 O O   . HOH D 4 .   ? 17.391  -3.763  1.720   1.00 42.26 ? 303 HOH X O   1 
HETATM 1393 O O   . HOH D 4 .   ? 12.681  -0.901  -5.455  1.00 29.50 ? 304 HOH X O   1 
HETATM 1394 O O   . HOH D 4 .   ? 9.565   -15.042 -6.536  1.00 49.38 ? 305 HOH X O   1 
HETATM 1395 O O   . HOH D 4 .   ? -3.265  2.423   16.557  1.00 47.28 ? 306 HOH X O   1 
HETATM 1396 O O   . HOH D 4 .   ? -3.614  -0.240  14.446  1.00 38.12 ? 307 HOH X O   1 
HETATM 1397 O O   . HOH D 4 .   ? -0.624  11.962  18.928  1.00 49.15 ? 308 HOH X O   1 
HETATM 1398 O O   . HOH D 4 .   ? 12.177  11.806  3.402   1.00 23.18 ? 309 HOH X O   1 
HETATM 1399 O O   . HOH D 4 .   ? 13.340  -7.513  -6.734  1.00 45.44 ? 310 HOH X O   1 
HETATM 1400 O O   . HOH D 4 .   ? 7.088   -18.362 -10.342 1.00 39.05 ? 311 HOH X O   1 
HETATM 1401 O O   . HOH D 4 .   ? 4.686   0.693   8.096   1.00 30.22 ? 312 HOH X O   1 
HETATM 1402 O O   . HOH D 4 .   ? 11.562  0.268   -9.388  1.00 39.75 ? 313 HOH X O   1 
HETATM 1403 O O   . HOH D 4 .   ? 1.237   -17.325 -9.048  1.00 42.93 ? 314 HOH X O   1 
HETATM 1404 O O   . HOH D 4 .   ? 19.115  4.618   5.219   1.00 40.55 ? 315 HOH X O   1 
HETATM 1405 O O   . HOH D 4 .   ? -12.807 1.760   0.930   1.00 26.22 ? 316 HOH X O   1 
HETATM 1406 O O   . HOH D 4 .   ? 13.518  -6.755  0.370   1.00 36.70 ? 317 HOH X O   1 
HETATM 1407 O O   . HOH D 4 .   ? -9.821  17.987  1.443   1.00 41.52 ? 318 HOH X O   1 
HETATM 1408 O O   . HOH D 4 .   ? -11.515 -8.989  -2.690  1.00 39.24 ? 319 HOH X O   1 
HETATM 1409 O O   . HOH D 4 .   ? -10.635 -10.293 -5.896  1.00 38.95 ? 320 HOH X O   1 
HETATM 1410 O O   . HOH D 4 .   ? -13.602 -8.247  -0.692  1.00 33.60 ? 321 HOH X O   1 
HETATM 1411 O O   . HOH D 4 .   ? 13.305  0.323   -3.015  1.00 22.66 ? 322 HOH X O   1 
HETATM 1412 O O   . HOH D 4 .   ? 18.819  3.021   -3.400  1.00 25.68 ? 323 HOH X O   1 
HETATM 1413 O O   . HOH D 4 .   ? 7.736   -4.827  -16.805 1.00 37.39 ? 324 HOH X O   1 
HETATM 1414 O O   . HOH D 4 .   ? 9.631   14.641  -1.535  1.00 25.88 ? 325 HOH X O   1 
HETATM 1415 O O   . HOH D 4 .   ? 18.139  8.234   -1.288  1.00 29.94 ? 326 HOH X O   1 
HETATM 1416 O O   . HOH D 4 .   ? -13.034 6.796   6.992   1.00 27.93 ? 327 HOH X O   1 
HETATM 1417 O O   . HOH D 4 .   ? -11.658 -3.316  4.944   1.00 37.07 ? 328 HOH X O   1 
HETATM 1418 O O   . HOH D 4 .   ? 15.705  -0.271  3.821   1.00 43.88 ? 329 HOH X O   1 
HETATM 1419 O O   . HOH D 4 .   ? -5.916  11.810  -9.006  1.00 40.55 ? 330 HOH X O   1 
HETATM 1420 O O   . HOH D 4 .   ? -1.981  -11.843 8.489   1.00 47.02 ? 331 HOH X O   1 
HETATM 1421 O O   . HOH D 4 .   ? -4.351  15.026  -6.189  1.00 31.79 ? 332 HOH X O   1 
HETATM 1422 O O   . HOH D 4 .   ? -13.828 -3.738  2.960   1.00 41.33 ? 333 HOH X O   1 
HETATM 1423 O O   . HOH D 4 .   ? 9.015   7.457   20.526  1.00 37.22 ? 334 HOH X O   1 
HETATM 1424 O O   . HOH D 4 .   ? -4.589  -18.122 -5.126  1.00 48.94 ? 335 HOH X O   1 
HETATM 1425 O O   . HOH D 4 .   ? -8.328  7.200   9.416   1.00 22.91 ? 336 HOH X O   1 
HETATM 1426 O O   . HOH D 4 .   ? 5.876   8.545   -7.286  1.00 26.29 ? 337 HOH X O   1 
HETATM 1427 O O   . HOH D 4 .   ? 10.782  -9.981  -13.640 1.00 33.82 ? 338 HOH X O   1 
HETATM 1428 O O   . HOH D 4 .   ? -0.459  13.862  3.479   1.00 33.75 ? 339 HOH X O   1 
HETATM 1429 O O   . HOH D 4 .   ? 16.276  7.073   7.021   1.00 26.78 ? 340 HOH X O   1 
HETATM 1430 O O   . HOH D 4 .   ? -2.120  12.728  -7.770  1.00 41.21 ? 341 HOH X O   1 
HETATM 1431 O O   . HOH D 4 .   ? 8.455   1.984   16.331  1.00 37.63 ? 342 HOH X O   1 
HETATM 1432 O O   . HOH D 4 .   ? 16.283  4.458   4.806   1.00 28.20 ? 343 HOH X O   1 
HETATM 1433 O O   . HOH D 4 .   ? 14.702  -3.358  -12.116 1.00 39.05 ? 344 HOH X O   1 
HETATM 1434 O O   . HOH D 4 .   ? -5.401  4.713   6.680   1.00 20.74 ? 345 HOH X O   1 
HETATM 1435 O O   . HOH D 4 .   ? 10.065  -12.321 -12.178 1.00 43.81 ? 346 HOH X O   1 
HETATM 1436 O O   . HOH D 4 .   ? 1.292   9.603   16.387  1.00 21.75 ? 347 HOH X O   1 
HETATM 1437 O O   . HOH D 4 .   ? -2.718  3.003   5.409   1.00 19.19 ? 348 HOH X O   1 
HETATM 1438 O O   . HOH D 4 .   ? 1.030   13.101  -9.071  1.00 37.93 ? 349 HOH X O   1 
HETATM 1439 O O   . HOH D 4 .   ? 8.264   4.132   -10.952 1.00 33.88 ? 350 HOH X O   1 
HETATM 1440 O O   . HOH D 4 .   ? -11.598 17.223  3.642   1.00 32.37 ? 351 HOH X O   1 
HETATM 1441 O O   . HOH D 4 .   ? -8.828  13.643  14.570  1.00 22.57 ? 352 HOH X O   1 
HETATM 1442 O O   . HOH D 4 .   ? -11.392 -4.294  -9.326  1.00 39.38 ? 353 HOH X O   1 
HETATM 1443 O O   . HOH D 4 .   ? -0.625  -2.632  -18.194 1.00 38.61 ? 354 HOH X O   1 
HETATM 1444 O O   . HOH D 4 .   ? 0.690   9.423   -11.477 1.00 41.81 ? 355 HOH X O   1 
HETATM 1445 O O   . HOH D 4 .   ? 0.362   11.550  14.720  1.00 36.32 ? 356 HOH X O   1 
HETATM 1446 O O   . HOH D 4 .   ? -2.627  7.204   -12.110 1.00 31.88 ? 357 HOH X O   1 
HETATM 1447 O O   . HOH D 4 .   ? -15.169 8.327   7.450   1.00 25.02 ? 358 HOH X O   1 
HETATM 1448 O O   . HOH D 4 .   ? 8.919   -3.968  1.586   1.00 31.57 ? 359 HOH X O   1 
HETATM 1449 O O   . HOH D 4 .   ? 13.227  12.144  0.912   1.00 26.33 ? 360 HOH X O   1 
HETATM 1450 O O   . HOH D 4 .   ? 1.901   15.698  -2.223  1.00 33.64 ? 361 HOH X O   1 
HETATM 1451 O O   . HOH D 4 .   ? -6.319  14.265  15.244  1.00 31.73 ? 362 HOH X O   1 
HETATM 1452 O O   . HOH D 4 .   ? -4.359  12.577  -7.237  1.00 41.68 ? 363 HOH X O   1 
HETATM 1453 O O   . HOH D 4 .   ? 1.221   15.111  -0.335  1.00 42.47 ? 364 HOH X O   1 
HETATM 1454 O O   . HOH D 4 .   ? 13.752  16.453  -0.434  1.00 37.76 ? 365 HOH X O   1 
HETATM 1455 O O   . HOH D 4 .   ? -7.881  4.953   7.781   1.00 26.75 ? 366 HOH X O   1 
HETATM 1456 O O   . HOH D 4 .   ? 12.303  14.332  -0.857  1.00 29.59 ? 367 HOH X O   1 
HETATM 1457 O O   . HOH D 4 .   ? -9.304  2.895   8.659   1.00 43.40 ? 368 HOH X O   1 
HETATM 1458 O O   . HOH D 4 .   ? 1.860   11.446  18.185  1.00 33.07 ? 369 HOH X O   1 
# 
